data_7BVC
#
_entry.id   7BVC
#
_cell.length_a   1.00
_cell.length_b   1.00
_cell.length_c   1.00
_cell.angle_alpha   90.00
_cell.angle_beta   90.00
_cell.angle_gamma   90.00
#
_symmetry.space_group_name_H-M   'P 1'
#
loop_
_entity.id
_entity.type
_entity.pdbx_description
1 polymer 'Integral membrane indolylacetylinositol arabinosyltransferase EmbA'
2 polymer 'Integral membrane indolylacetylinositol arabinosyltransferase EmbB'
3 polymer 'Meromycolate extension acyl carrier protein'
4 non-polymer CARDIOLIPIN
5 non-polymer '[(2Z,6E,10E,14Z,18E,22Z,26Z)-3,7,11,15,19,23,27,31,35,39-decamethyltetraconta-2,6,10,14,18,22,26,30,34,38-decaenyl] [(2S,3S,4S,5R)-5-(hydroxymethyl)-3,4-bis(oxidanyl)oxolan-2-yl] hydrogen phosphate'
6 non-polymer 'CALCIUM ION'
7 non-polymer "4'-PHOSPHOPANTETHEINE"
8 non-polymer 'PHOSPHATE ION'
9 non-polymer Ethambutol
#
loop_
_entity_poly.entity_id
_entity_poly.type
_entity_poly.pdbx_seq_one_letter_code
_entity_poly.pdbx_strand_id
1 'polypeptide(L)'
;DYKDDDDKMTEPSRIARLIAVVAGIAGVLLCGLVPLLPVEETTATVLWPQGVGADGNVTELTAPLVAGAPRALDVTIPCR
AVAELPADGGVVFSTNPAGGIEAGRNGMFIRANADVVYVAFRDTVAAVAPREAVDSGACSEIHVWADVSAVGADFAGIPD
ASGTLPVDKRPQVSGVFTDLKVPAQPGLAARIDIDTRFITSPTLLKTAVMVLGLACVIGSIVALALLDRGWRRRPPRTRG
RAGLWTWITDTGVIGGLLIWHIVGAPTSDDGYNMTIARVASEAGYTTNYYRYFGASEAPFDWYQSVLSHLASISTAGVWM
RLPATAAAIATWLIISRCVLPRIGRRVAANRVAMLTAGATFLAAWLPFNNGLRPEPLIAFAVITVWMLVENSIGTRRLWP
AAVAIVIAMFSVTLAPQGLIALAPLLVGARAIGRVVTARRAGTGILASLAPLAASVAVVFVIIFRDQTLATVAESVRIKY
VVGPTIPWYQEFLRYYFLTVEDSVDGSLTRRFAVLVLLLCLFGLIMVLLRRGRVPGAVSGPLWRLCGSTAIGLLLLILTP
TKWAIQFGAFAGLAGALGGVTAFAFARVGLHSRRNLALYVTALLFILAWATSGLNGWFYVGNYGVPWFDKQPVIAHYPVT
TIFLVLAIVGGLLAGWLHFRMDYAGHTEVADTGRNRALASTPLLIVATIMVVLELGSMVKATVGRYPVYTVGSANIAALR
SAGDSCAMADAVLVEADPNEGMLQPVPGQRFGEYGPLGGEDPVGFTPNGVSDTLEPAEPVAANPGTPNSDGPVDKPNIGI
GYAAGTGGGYGPEGVNGSRVFLPFGLDPSRTPVMGSYGENKLAAKATSAWYQLPPRTPDRPLVTVAAAGAIWYYEEDGSF
NYGQSLKLQWGVHRPDGTYQALSEVQPIDIFQQKAWRNLRFPLAWAPPEANVARIVADDPNLSEDQWFAFTPPRVPVLQT
AQQFLGSQTPVLMDIATAANFPCQRPFAERLGVAELPEYRIIPNFKQMVVSSNQWQSAADGGPFLFIQALLRTEAIPTYL
RDDWYRDWGSIERYIRVVPQEQAPTAAIEEGSTRVFGWSRGGPIRALP
;
A
2 'polypeptide(L)'
;MSGNMDEAVSGNMDEAVSAGKDVRIARWVATIAGLLGFVLSVSIPLLPVTQTTATLNWPQQGRLDNVTAPLISQAPLELT
ATVPCSVVRDLPPEGGLVFGTAPAEGRDAALNAMLVNVTETRVDVIVRNVVVASVNRDRVAGPDCQRIEITSNLDGTYAD
FVGLTQISGEDAGKLQRTGYPDPNLRPAIVGVFTDLTGPAPQGLSVSAEIDTRFTTHPTALKLAAMLLAIVSTVIALLAL
WRLDRLDGRRMHRLIPTRWRTVTAVDGVVVGGMAIWYVIGANSSDDGYILQMARTAEHAGYMANYFRWFGSPEDPFGWYY
NVLALMTKVSDASIWIRLPDLICALICWLLLSREVLPRLGPAVAGSRAAMWAAGLVLLGAWMPFNNGLRPEGQIATGALI
TYVLIERAVTSGRLTPAALAITTAAFTLGIQPTGLIAVAALLAGGRPILRIVMRRRRLVGTWPLIAPLLAAGTVILAVVF
ADQTIATVLEATRIRTAIGPSQEWWTENLRYYYLILPTTDGAISRRVAFVFTAMCLFPSLFMMLRRKHIAGVARGPAWRL
MGIIFATMFFLMFTPTKWIHHFGLFAAVGGAMAALATVLVSPTVLRSARNRMAFLSLVLFVLAFCFASTNGWWYVSNFGA
PFNNSVPKVGGVQISAIFFALSAIAALWAFWLHLTRRTESRVVDRLTAAPIPVAAGFMVVVMMASMAIGVVRQYPTYSNG
WANIRAFAGGCGLADDVLVEPDSNAGFLTPLPGAYGPLGPLGGEDPQGFSPDGVPDRIIAEAIRLNNPQPGTDYDWNRPI
KLDEPGINGSTVPLPYGLDPKRVPVAGTYSTEAQQESRLSSAWYELPARDETERAAHPLVVITAAGTITGESVANGLTTG
QTVDLEYATRGPDGTLVPAGRVTPYDVGPTPSWRNLRYPRSEIPDDAVAVRVVAEDLSLSQGDWIAVTPPRVPELQSVQE
YVGSDQPVLMDWAVGLAFPCQQPMLHANGVTEVPKFRISPDYYAKLQSTDTWQDGINGGLLGITDLLLRASVMSTYLSQD
WGQDWGSLRKFDTVVEATPAELDFGSQTHSGLYSPGPLRIRPHLGGIKAFHHHHHHHHHH
;
B
3 'polypeptide(L)'
;MAATQEEIIAGLAEIIEEVTGIEPSEVTPEKSFVDDLDIDSLSMVEIAVQTEDKYGVKIPDEDLAGLRTVGDVVAYIQKL
EEENPEAAAALREKFAADQ
;
P
#
# COMPACT_ATOMS: atom_id res chain seq x y z
N GLU A 11 -27.04 65.14 8.29
CA GLU A 11 -26.77 63.83 8.89
C GLU A 11 -25.58 63.15 8.21
N PRO A 12 -24.76 62.45 9.01
CA PRO A 12 -23.62 61.68 8.47
C PRO A 12 -24.04 60.36 7.83
N SER A 13 -25.07 60.41 6.98
CA SER A 13 -25.59 59.24 6.29
C SER A 13 -25.35 59.29 4.79
N ARG A 14 -25.76 60.39 4.14
CA ARG A 14 -25.50 60.55 2.71
C ARG A 14 -24.02 60.67 2.40
N ILE A 15 -23.19 60.99 3.40
CA ILE A 15 -21.75 61.07 3.18
C ILE A 15 -21.12 59.68 3.29
N ALA A 16 -21.44 58.96 4.37
CA ALA A 16 -20.91 57.62 4.54
C ALA A 16 -21.41 56.68 3.44
N ARG A 17 -22.63 56.90 2.94
CA ARG A 17 -23.17 56.03 1.91
C ARG A 17 -22.35 56.10 0.62
N LEU A 18 -21.77 57.25 0.32
CA LEU A 18 -20.91 57.38 -0.86
C LEU A 18 -19.45 57.10 -0.55
N ILE A 19 -19.02 57.31 0.69
CA ILE A 19 -17.66 56.94 1.05
C ILE A 19 -17.48 55.43 1.00
N ALA A 20 -18.46 54.68 1.52
CA ALA A 20 -18.39 53.23 1.51
C ALA A 20 -18.38 52.64 0.10
N VAL A 21 -18.67 53.45 -0.92
CA VAL A 21 -18.61 53.00 -2.31
C VAL A 21 -17.34 53.48 -3.00
N VAL A 22 -17.02 54.77 -2.87
CA VAL A 22 -15.83 55.30 -3.53
C VAL A 22 -14.55 54.82 -2.88
N ALA A 23 -14.61 54.28 -1.66
CA ALA A 23 -13.45 53.65 -1.05
C ALA A 23 -13.55 52.13 -1.03
N GLY A 24 -14.69 51.59 -1.45
CA GLY A 24 -14.85 50.15 -1.55
C GLY A 24 -14.53 49.64 -2.94
N ILE A 25 -14.73 50.49 -3.94
CA ILE A 25 -14.36 50.14 -5.31
C ILE A 25 -12.90 50.51 -5.60
N ALA A 26 -12.46 51.66 -5.08
CA ALA A 26 -11.06 52.07 -5.18
C ALA A 26 -10.19 51.35 -4.17
N GLY A 27 -10.72 50.37 -3.45
CA GLY A 27 -9.93 49.53 -2.58
C GLY A 27 -9.80 48.15 -3.19
N VAL A 28 -10.53 47.94 -4.28
CA VAL A 28 -10.40 46.74 -5.09
C VAL A 28 -9.59 47.00 -6.36
N LEU A 29 -9.84 48.13 -7.01
CA LEU A 29 -9.08 48.47 -8.21
C LEU A 29 -7.64 48.82 -7.88
N LEU A 30 -7.38 49.31 -6.67
CA LEU A 30 -6.01 49.64 -6.27
C LEU A 30 -5.26 48.43 -5.74
N CYS A 31 -5.96 47.36 -5.37
CA CYS A 31 -5.31 46.13 -4.95
C CYS A 31 -5.21 45.09 -6.05
N GLY A 32 -6.02 45.21 -7.11
CA GLY A 32 -5.93 44.29 -8.22
C GLY A 32 -4.74 44.48 -9.11
N LEU A 33 -4.05 45.61 -9.03
CA LEU A 33 -2.89 45.90 -9.85
C LEU A 33 -1.58 45.88 -9.07
N VAL A 34 -1.59 45.29 -7.88
CA VAL A 34 -0.37 45.16 -7.08
C VAL A 34 0.54 44.07 -7.65
N PRO A 35 0.04 42.91 -8.08
CA PRO A 35 0.94 41.92 -8.70
C PRO A 35 1.58 42.37 -9.99
N LEU A 36 1.14 43.49 -10.58
CA LEU A 36 1.66 43.93 -11.88
C LEU A 36 2.61 45.11 -11.80
N LEU A 37 2.67 45.82 -10.67
CA LEU A 37 3.51 46.99 -10.57
C LEU A 37 4.98 46.59 -10.58
N PRO A 38 5.86 47.51 -10.99
CA PRO A 38 7.28 47.14 -11.17
C PRO A 38 8.02 47.00 -9.85
N VAL A 39 8.97 46.06 -9.84
CA VAL A 39 9.90 45.90 -8.74
C VAL A 39 11.31 46.12 -9.29
N GLU A 40 12.32 46.03 -8.42
CA GLU A 40 13.71 46.12 -8.84
C GLU A 40 14.40 44.82 -8.45
N GLU A 41 15.01 44.16 -9.44
CA GLU A 41 15.63 42.87 -9.24
C GLU A 41 17.14 42.99 -9.31
N THR A 42 17.83 42.24 -8.44
CA THR A 42 19.28 42.24 -8.40
C THR A 42 19.83 41.19 -9.35
N THR A 43 20.97 41.50 -9.95
CA THR A 43 21.62 40.64 -10.93
C THR A 43 22.96 40.16 -10.41
N ALA A 44 23.36 38.97 -10.85
CA ALA A 44 24.62 38.38 -10.43
C ALA A 44 25.31 37.78 -11.64
N THR A 45 26.64 37.89 -11.68
CA THR A 45 27.40 37.43 -12.84
C THR A 45 28.78 36.99 -12.38
N VAL A 46 29.15 35.76 -12.73
CA VAL A 46 30.47 35.21 -12.42
C VAL A 46 31.32 35.28 -13.68
N LEU A 47 32.54 35.76 -13.53
CA LEU A 47 33.48 35.93 -14.63
C LEU A 47 34.66 34.97 -14.47
N TRP A 48 35.45 34.85 -15.52
CA TRP A 48 36.61 33.98 -15.56
C TRP A 48 37.41 34.31 -16.81
N PRO A 49 38.76 34.34 -16.74
CA PRO A 49 39.54 34.03 -15.53
C PRO A 49 39.68 35.20 -14.57
N GLN A 50 39.93 34.89 -13.30
CA GLN A 50 40.18 35.90 -12.29
C GLN A 50 41.17 35.33 -11.28
N GLY A 51 42.16 36.13 -10.90
CA GLY A 51 43.20 35.66 -10.02
C GLY A 51 44.45 35.23 -10.77
N VAL A 52 45.61 35.72 -10.33
CA VAL A 52 46.87 35.45 -11.02
C VAL A 52 47.29 33.99 -10.92
N GLY A 53 46.65 33.21 -10.06
CA GLY A 53 46.98 31.81 -9.95
C GLY A 53 48.20 31.57 -9.07
N ALA A 54 48.81 30.40 -9.26
CA ALA A 54 49.97 30.02 -8.45
C ALA A 54 51.16 30.91 -8.77
N ASP A 55 51.65 30.86 -10.00
CA ASP A 55 52.75 31.71 -10.44
C ASP A 55 52.31 32.72 -11.49
N GLY A 56 51.79 32.25 -12.63
CA GLY A 56 51.23 33.15 -13.61
C GLY A 56 50.06 32.54 -14.37
N ASN A 57 49.64 31.35 -13.97
CA ASN A 57 48.63 30.60 -14.69
C ASN A 57 47.23 31.11 -14.33
N VAL A 58 46.21 30.38 -14.76
CA VAL A 58 44.83 30.66 -14.36
C VAL A 58 44.44 29.68 -13.27
N THR A 59 43.59 30.15 -12.36
CA THR A 59 43.11 29.33 -11.26
C THR A 59 41.67 28.91 -11.50
N GLU A 60 41.31 27.75 -10.96
CA GLU A 60 39.95 27.27 -11.07
C GLU A 60 39.05 28.06 -10.13
N LEU A 61 37.77 27.70 -10.09
CA LEU A 61 36.80 28.41 -9.28
C LEU A 61 35.84 27.43 -8.62
N THR A 62 34.99 27.98 -7.75
CA THR A 62 33.94 27.21 -7.09
C THR A 62 32.75 28.12 -6.89
N ALA A 63 31.61 27.73 -7.46
CA ALA A 63 30.39 28.55 -7.39
C ALA A 63 29.18 27.62 -7.38
N PRO A 64 28.80 27.13 -6.20
CA PRO A 64 27.70 26.16 -6.13
C PRO A 64 26.34 26.81 -6.33
N LEU A 65 25.92 26.98 -7.58
CA LEU A 65 24.62 27.56 -7.88
C LEU A 65 23.51 26.76 -7.21
N VAL A 66 22.57 27.48 -6.59
CA VAL A 66 21.49 26.81 -5.87
C VAL A 66 20.44 26.26 -6.83
N ALA A 67 20.09 27.03 -7.86
CA ALA A 67 19.06 26.62 -8.80
C ALA A 67 19.56 25.64 -9.84
N GLY A 68 20.81 25.19 -9.76
CA GLY A 68 21.33 24.25 -10.73
C GLY A 68 21.95 24.94 -11.93
N ALA A 69 21.18 25.04 -13.01
CA ALA A 69 21.67 25.61 -14.26
C ALA A 69 21.55 27.14 -14.25
N PRO A 70 22.51 27.83 -14.87
CA PRO A 70 22.41 29.29 -14.96
C PRO A 70 21.48 29.72 -16.09
N ARG A 71 21.41 31.03 -16.35
CA ARG A 71 20.64 31.53 -17.48
C ARG A 71 21.53 31.96 -18.65
N ALA A 72 22.84 31.85 -18.52
CA ALA A 72 23.77 32.19 -19.60
C ALA A 72 25.13 31.63 -19.25
N LEU A 73 25.74 30.91 -20.20
CA LEU A 73 26.96 30.15 -19.95
C LEU A 73 27.97 30.33 -21.09
N ASP A 74 28.25 31.59 -21.45
CA ASP A 74 29.18 31.83 -22.54
C ASP A 74 30.58 31.38 -22.16
N VAL A 75 31.31 30.79 -23.12
CA VAL A 75 32.60 30.18 -22.77
C VAL A 75 33.76 30.81 -23.54
N THR A 76 33.82 30.66 -24.86
CA THR A 76 34.83 31.32 -25.68
C THR A 76 36.26 30.94 -25.25
N ILE A 77 36.59 29.69 -25.56
CA ILE A 77 37.94 29.14 -25.32
C ILE A 77 38.79 29.26 -26.59
N PRO A 78 40.07 29.63 -26.49
CA PRO A 78 40.94 29.66 -27.69
C PRO A 78 41.23 28.27 -28.22
N CYS A 79 42.10 28.18 -29.24
CA CYS A 79 42.37 26.93 -29.92
C CYS A 79 43.80 26.44 -29.79
N ARG A 80 44.78 27.30 -30.10
CA ARG A 80 46.17 26.86 -30.02
C ARG A 80 46.60 26.57 -28.59
N ALA A 81 45.87 27.09 -27.60
CA ALA A 81 46.18 26.80 -26.20
C ALA A 81 45.55 25.47 -25.78
N VAL A 82 45.78 24.43 -26.57
CA VAL A 82 45.29 23.09 -26.27
C VAL A 82 46.45 22.12 -26.46
N ALA A 83 47.47 22.57 -27.20
CA ALA A 83 48.65 21.75 -27.46
C ALA A 83 49.44 21.41 -26.22
N GLU A 84 49.18 22.08 -25.09
CA GLU A 84 49.88 21.80 -23.85
C GLU A 84 49.42 20.50 -23.19
N LEU A 85 48.30 19.94 -23.63
CA LEU A 85 47.81 18.70 -23.06
C LEU A 85 48.80 17.57 -23.36
N PRO A 86 48.98 16.62 -22.45
CA PRO A 86 50.09 15.66 -22.56
C PRO A 86 49.82 14.49 -23.49
N ALA A 87 49.63 14.80 -24.78
CA ALA A 87 49.55 13.83 -25.87
C ALA A 87 48.30 12.95 -25.75
N ASP A 88 47.57 13.12 -24.65
CA ASP A 88 46.25 12.52 -24.44
C ASP A 88 45.51 13.48 -23.53
N GLY A 89 44.73 14.36 -24.15
CA GLY A 89 44.19 15.50 -23.42
C GLY A 89 43.31 15.09 -22.26
N GLY A 90 43.34 15.90 -21.21
CA GLY A 90 42.49 15.66 -20.07
C GLY A 90 41.12 16.22 -20.31
N VAL A 91 40.59 16.96 -19.35
CA VAL A 91 39.27 17.57 -19.46
C VAL A 91 39.48 19.08 -19.42
N VAL A 92 39.59 19.68 -20.60
CA VAL A 92 39.75 21.13 -20.69
C VAL A 92 38.40 21.80 -20.42
N PHE A 93 38.33 22.56 -19.32
CA PHE A 93 37.16 23.35 -18.96
C PHE A 93 35.90 22.48 -18.83
N SER A 94 35.92 21.61 -17.83
CA SER A 94 34.67 21.07 -17.34
C SER A 94 33.92 22.16 -16.56
N THR A 95 32.70 21.86 -16.16
CA THR A 95 31.97 22.72 -15.25
C THR A 95 31.61 22.02 -13.94
N ASN A 96 31.87 20.72 -13.84
CA ASN A 96 31.84 19.95 -12.62
C ASN A 96 33.17 19.25 -12.45
N PRO A 97 33.60 18.98 -11.22
CA PRO A 97 34.88 18.30 -11.02
C PRO A 97 34.86 16.90 -11.61
N ALA A 98 36.03 16.43 -12.03
CA ALA A 98 36.13 15.10 -12.62
C ALA A 98 35.92 13.98 -11.62
N GLY A 99 35.91 14.28 -10.33
CA GLY A 99 35.71 13.29 -9.30
C GLY A 99 34.33 13.24 -8.68
N GLY A 100 33.37 13.98 -9.23
CA GLY A 100 32.02 13.97 -8.69
C GLY A 100 31.33 12.63 -8.88
N ILE A 101 30.14 12.53 -8.28
CA ILE A 101 29.36 11.29 -8.39
C ILE A 101 28.92 11.06 -9.83
N GLU A 102 28.12 11.98 -10.36
CA GLU A 102 27.77 11.99 -11.78
C GLU A 102 28.27 13.32 -12.34
N ALA A 103 29.54 13.34 -12.72
CA ALA A 103 30.15 14.56 -13.23
C ALA A 103 29.74 14.81 -14.67
N GLY A 104 30.01 13.86 -15.56
CA GLY A 104 29.66 14.02 -16.96
C GLY A 104 28.17 13.97 -17.22
N ARG A 105 27.40 13.43 -16.28
CA ARG A 105 25.95 13.32 -16.44
C ARG A 105 25.22 14.64 -16.21
N ASN A 106 25.92 15.69 -15.79
CA ASN A 106 25.30 16.99 -15.56
C ASN A 106 26.09 18.18 -16.10
N GLY A 107 27.32 18.00 -16.55
CA GLY A 107 28.22 19.11 -16.83
C GLY A 107 28.32 19.46 -18.30
N MET A 108 29.45 20.05 -18.67
CA MET A 108 29.70 20.49 -20.04
C MET A 108 30.81 19.69 -20.70
N PHE A 109 32.00 19.61 -20.10
CA PHE A 109 33.00 18.59 -20.43
C PHE A 109 33.44 18.67 -21.90
N ILE A 110 34.23 19.70 -22.19
CA ILE A 110 35.09 19.65 -23.36
C ILE A 110 36.24 18.69 -23.08
N ARG A 111 36.54 17.82 -24.05
CA ARG A 111 37.59 16.82 -23.90
C ARG A 111 38.49 16.85 -25.13
N ALA A 112 39.56 16.06 -25.10
CA ALA A 112 40.50 16.06 -26.22
C ALA A 112 40.75 14.68 -26.79
N ASN A 113 40.82 13.64 -25.96
CA ASN A 113 40.77 12.25 -26.40
C ASN A 113 41.93 11.83 -27.32
N ALA A 114 42.82 12.76 -27.63
CA ALA A 114 44.07 12.50 -28.35
C ALA A 114 43.85 12.17 -29.83
N ASP A 115 42.60 12.00 -30.24
CA ASP A 115 42.33 11.81 -31.67
C ASP A 115 41.20 12.71 -32.15
N VAL A 116 40.23 13.00 -31.29
CA VAL A 116 39.12 13.88 -31.62
C VAL A 116 38.76 14.72 -30.40
N VAL A 117 38.71 16.03 -30.59
CA VAL A 117 38.26 16.96 -29.55
C VAL A 117 36.76 17.11 -29.69
N TYR A 118 36.04 16.98 -28.59
CA TYR A 118 34.59 17.12 -28.61
C TYR A 118 34.12 17.89 -27.37
N VAL A 119 32.87 18.34 -27.44
CA VAL A 119 32.25 19.12 -26.39
C VAL A 119 30.97 18.40 -26.01
N ALA A 120 30.93 17.77 -24.84
CA ALA A 120 29.74 17.07 -24.45
C ALA A 120 28.73 18.03 -23.85
N PHE A 121 27.64 17.47 -23.34
CA PHE A 121 26.59 18.18 -22.63
C PHE A 121 26.02 17.22 -21.59
N ARG A 122 24.78 17.44 -21.16
CA ARG A 122 24.18 16.67 -20.07
C ARG A 122 24.65 15.22 -20.11
N ASP A 123 24.45 14.51 -21.23
CA ASP A 123 25.33 13.40 -21.52
C ASP A 123 25.61 13.21 -23.01
N THR A 124 25.11 14.06 -23.88
CA THR A 124 25.17 13.85 -25.32
C THR A 124 26.29 14.65 -25.95
N VAL A 125 26.65 14.26 -27.18
CA VAL A 125 27.83 14.76 -27.87
C VAL A 125 27.42 15.80 -28.89
N ALA A 126 28.14 16.91 -28.92
CA ALA A 126 28.00 17.92 -29.95
C ALA A 126 29.37 18.34 -30.44
N ALA A 127 29.48 18.52 -31.76
CA ALA A 127 30.63 19.16 -32.40
C ALA A 127 31.94 18.41 -32.10
N VAL A 128 32.02 17.21 -32.63
CA VAL A 128 33.28 16.48 -32.67
C VAL A 128 34.19 17.13 -33.71
N ALA A 129 35.49 17.15 -33.43
CA ALA A 129 36.47 17.69 -34.35
C ALA A 129 37.79 16.96 -34.17
N PRO A 130 38.54 16.74 -35.24
CA PRO A 130 39.82 16.01 -35.12
C PRO A 130 40.84 16.83 -34.35
N ARG A 131 41.60 16.14 -33.50
CA ARG A 131 42.52 16.83 -32.60
C ARG A 131 43.71 17.42 -33.37
N GLU A 132 44.29 16.65 -34.29
CA GLU A 132 45.43 17.16 -35.04
C GLU A 132 45.04 18.34 -35.93
N ALA A 133 43.76 18.40 -36.34
CA ALA A 133 43.28 19.56 -37.09
C ALA A 133 43.05 20.76 -36.18
N VAL A 134 42.54 20.52 -34.97
CA VAL A 134 42.25 21.62 -34.06
C VAL A 134 43.55 22.23 -33.53
N ASP A 135 44.34 21.43 -32.81
CA ASP A 135 45.50 21.97 -32.09
C ASP A 135 46.57 22.53 -33.01
N SER A 136 46.52 22.21 -34.31
CA SER A 136 47.47 22.81 -35.25
C SER A 136 47.21 24.29 -35.47
N GLY A 137 46.01 24.76 -35.13
CA GLY A 137 45.67 26.15 -35.30
C GLY A 137 44.71 26.47 -36.43
N ALA A 138 43.89 25.51 -36.85
CA ALA A 138 42.96 25.75 -37.96
C ALA A 138 41.82 26.66 -37.52
N CYS A 139 41.01 26.22 -36.56
CA CYS A 139 39.96 27.04 -36.01
C CYS A 139 40.52 28.04 -35.00
N SER A 140 39.71 29.01 -34.62
CA SER A 140 40.15 30.04 -33.67
C SER A 140 39.57 29.84 -32.28
N GLU A 141 38.24 29.80 -32.16
CA GLU A 141 37.58 29.71 -30.87
C GLU A 141 36.69 28.48 -30.82
N ILE A 142 36.26 28.11 -29.62
CA ILE A 142 35.48 26.91 -29.38
C ILE A 142 34.15 27.25 -28.71
N HIS A 143 33.54 28.37 -29.10
CA HIS A 143 32.32 28.91 -28.49
C HIS A 143 31.33 27.83 -28.09
N VAL A 144 30.92 27.85 -26.81
CA VAL A 144 30.01 26.84 -26.24
C VAL A 144 28.78 27.51 -25.64
N TRP A 145 28.28 28.56 -26.26
CA TRP A 145 27.06 29.22 -25.77
C TRP A 145 25.99 28.20 -25.39
N ALA A 146 25.45 28.35 -24.19
CA ALA A 146 24.49 27.40 -23.63
C ALA A 146 23.35 28.14 -22.93
N ASP A 147 22.83 29.17 -23.58
CA ASP A 147 21.79 30.01 -22.99
C ASP A 147 20.48 29.25 -22.94
N VAL A 148 19.42 29.93 -22.52
CA VAL A 148 18.06 29.41 -22.72
C VAL A 148 17.64 29.72 -24.16
N SER A 149 16.90 28.79 -24.76
CA SER A 149 16.48 28.85 -26.16
C SER A 149 17.66 28.74 -27.12
N ALA A 150 18.83 28.30 -26.64
CA ALA A 150 19.99 28.07 -27.48
C ALA A 150 21.06 27.27 -26.74
N VAL A 151 21.51 26.17 -27.33
CA VAL A 151 22.57 25.34 -26.76
C VAL A 151 23.42 24.81 -27.91
N GLY A 152 24.67 25.27 -28.00
CA GLY A 152 25.51 24.86 -29.11
C GLY A 152 26.96 24.73 -28.70
N ALA A 153 27.76 24.19 -29.63
CA ALA A 153 29.17 23.93 -29.36
C ALA A 153 30.07 24.29 -30.54
N ASP A 154 29.87 25.46 -31.15
CA ASP A 154 30.51 25.77 -32.44
C ASP A 154 32.03 25.76 -32.32
N PHE A 155 32.68 25.34 -33.40
CA PHE A 155 34.15 25.26 -33.43
C PHE A 155 34.81 26.38 -34.22
N ALA A 156 34.03 27.18 -34.95
CA ALA A 156 34.48 28.47 -35.50
C ALA A 156 35.73 28.29 -36.39
N GLY A 157 35.51 27.62 -37.51
CA GLY A 157 36.56 27.49 -38.50
C GLY A 157 36.63 26.14 -39.19
N ILE A 158 36.26 25.09 -38.48
CA ILE A 158 36.16 23.76 -39.08
C ILE A 158 34.80 23.66 -39.76
N PRO A 159 34.73 23.18 -41.01
CA PRO A 159 33.49 23.29 -41.79
C PRO A 159 32.23 22.76 -41.11
N ASP A 160 32.25 21.49 -40.69
CA ASP A 160 31.03 20.88 -40.20
C ASP A 160 31.22 20.32 -38.80
N ALA A 161 31.77 21.12 -37.91
CA ALA A 161 31.98 20.74 -36.51
C ALA A 161 31.15 21.62 -35.58
N SER A 162 29.89 21.84 -35.94
CA SER A 162 28.98 22.66 -35.15
C SER A 162 27.72 21.87 -34.84
N GLY A 163 27.25 21.97 -33.59
CA GLY A 163 26.09 21.24 -33.15
C GLY A 163 25.06 22.16 -32.51
N THR A 164 23.94 21.55 -32.11
CA THR A 164 22.86 22.25 -31.43
C THR A 164 22.00 21.21 -30.72
N LEU A 165 21.61 21.54 -29.48
CA LEU A 165 20.86 20.59 -28.66
C LEU A 165 19.51 21.16 -28.27
N PRO A 166 18.57 20.33 -27.78
CA PRO A 166 17.36 20.88 -27.18
C PRO A 166 17.69 21.68 -25.94
N VAL A 167 16.80 22.64 -25.62
CA VAL A 167 17.09 23.61 -24.57
C VAL A 167 16.96 23.04 -23.17
N ASP A 168 16.54 21.79 -23.02
CA ASP A 168 16.54 21.12 -21.73
C ASP A 168 17.83 20.35 -21.46
N LYS A 169 18.84 20.54 -22.30
CA LYS A 169 20.18 20.00 -22.08
C LYS A 169 21.09 21.03 -21.41
N ARG A 170 20.53 21.92 -20.61
CA ARG A 170 21.34 22.96 -19.98
C ARG A 170 22.25 22.34 -18.94
N PRO A 171 23.50 22.78 -18.87
CA PRO A 171 24.45 22.17 -17.94
C PRO A 171 24.29 22.68 -16.52
N GLN A 172 24.53 21.78 -15.57
CA GLN A 172 24.56 22.16 -14.17
C GLN A 172 25.93 22.69 -13.82
N VAL A 173 25.97 23.89 -13.25
CA VAL A 173 27.21 24.60 -12.95
C VAL A 173 27.47 24.54 -11.46
N SER A 174 28.69 24.12 -11.09
CA SER A 174 29.13 24.17 -9.70
C SER A 174 30.58 24.64 -9.61
N GLY A 175 31.01 25.49 -10.55
CA GLY A 175 32.36 25.98 -10.57
C GLY A 175 32.95 25.97 -11.97
N VAL A 176 34.22 26.39 -12.09
CA VAL A 176 34.93 26.41 -13.36
C VAL A 176 36.21 25.61 -13.13
N PHE A 177 36.30 24.44 -13.76
CA PHE A 177 37.40 23.50 -13.53
C PHE A 177 38.08 23.22 -14.86
N THR A 178 39.13 23.97 -15.14
CA THR A 178 39.89 23.78 -16.37
C THR A 178 41.01 22.76 -16.11
N ASP A 179 41.83 22.51 -17.12
CA ASP A 179 42.99 21.63 -16.94
C ASP A 179 44.23 22.16 -17.64
N LEU A 180 44.23 23.39 -18.13
CA LEU A 180 45.36 23.96 -18.86
C LEU A 180 46.24 24.78 -17.92
N LYS A 181 47.43 25.11 -18.43
CA LYS A 181 48.40 25.91 -17.70
C LYS A 181 48.75 27.19 -18.46
N VAL A 182 47.77 27.80 -19.12
CA VAL A 182 48.01 28.96 -19.97
C VAL A 182 47.78 30.23 -19.14
N PRO A 183 48.74 31.16 -19.12
CA PRO A 183 48.62 32.33 -18.23
C PRO A 183 47.43 33.23 -18.51
N ALA A 184 47.40 33.84 -19.69
CA ALA A 184 46.32 34.76 -20.04
C ALA A 184 46.29 35.02 -21.55
N GLN A 185 45.22 34.62 -22.21
CA GLN A 185 45.01 34.93 -23.61
C GLN A 185 43.93 36.00 -23.76
N PRO A 186 43.94 36.73 -24.89
CA PRO A 186 42.84 37.66 -25.14
C PRO A 186 41.55 36.97 -25.55
N GLY A 187 41.61 35.71 -25.98
CA GLY A 187 40.45 34.97 -26.40
C GLY A 187 39.95 33.93 -25.42
N LEU A 188 40.55 33.81 -24.24
CA LEU A 188 40.11 32.87 -23.21
C LEU A 188 39.20 33.60 -22.25
N ALA A 189 37.92 33.23 -22.24
CA ALA A 189 36.97 33.93 -21.39
C ALA A 189 36.03 32.93 -20.74
N ALA A 190 35.10 33.45 -19.95
CA ALA A 190 33.93 32.72 -19.48
C ALA A 190 32.96 33.71 -18.84
N ARG A 191 31.66 33.42 -18.90
CA ARG A 191 30.67 34.35 -18.36
C ARG A 191 29.44 33.55 -17.99
N ILE A 192 29.11 33.54 -16.70
CA ILE A 192 27.97 32.79 -16.16
C ILE A 192 27.01 33.77 -15.52
N ASP A 193 25.74 33.68 -15.88
CA ASP A 193 24.71 34.54 -15.32
C ASP A 193 23.85 33.73 -14.37
N ILE A 194 23.84 34.11 -13.09
CA ILE A 194 23.11 33.38 -12.07
C ILE A 194 21.63 33.75 -12.13
N ASP A 195 20.77 32.76 -11.91
CA ASP A 195 19.32 32.93 -12.01
C ASP A 195 18.79 33.42 -10.68
N THR A 196 18.80 34.74 -10.49
CA THR A 196 18.29 35.37 -9.27
C THR A 196 17.03 36.14 -9.63
N ARG A 197 15.90 35.43 -9.63
CA ARG A 197 14.61 36.03 -9.97
C ARG A 197 13.70 36.19 -8.75
N PHE A 198 14.04 35.61 -7.61
CA PHE A 198 13.24 35.70 -6.40
C PHE A 198 13.78 36.73 -5.42
N ILE A 199 14.69 37.60 -5.85
CA ILE A 199 15.35 38.53 -4.93
C ILE A 199 14.87 39.94 -5.25
N THR A 200 13.63 40.06 -5.70
CA THR A 200 13.03 41.35 -6.02
C THR A 200 12.95 42.27 -4.82
N SER A 201 12.71 43.57 -5.06
CA SER A 201 12.49 44.55 -4.02
C SER A 201 11.46 45.57 -4.50
N PRO A 202 10.44 45.89 -3.71
CA PRO A 202 9.41 46.81 -4.18
C PRO A 202 9.95 48.20 -4.47
N THR A 203 9.42 48.82 -5.51
CA THR A 203 9.77 50.19 -5.86
C THR A 203 8.93 51.15 -5.02
N LEU A 204 9.05 52.45 -5.32
CA LEU A 204 8.29 53.45 -4.56
C LEU A 204 6.84 53.50 -5.00
N LEU A 205 6.59 53.37 -6.31
CA LEU A 205 5.22 53.37 -6.80
C LEU A 205 4.44 52.19 -6.25
N LYS A 206 5.05 51.00 -6.23
CA LYS A 206 4.36 49.82 -5.71
C LYS A 206 4.05 49.98 -4.23
N THR A 207 5.00 50.53 -3.45
CA THR A 207 4.76 50.73 -2.03
C THR A 207 3.65 51.75 -1.80
N ALA A 208 3.66 52.85 -2.56
CA ALA A 208 2.62 53.86 -2.40
C ALA A 208 1.25 53.29 -2.73
N VAL A 209 1.14 52.52 -3.81
CA VAL A 209 -0.13 51.92 -4.17
C VAL A 209 -0.57 50.90 -3.12
N MET A 210 0.38 50.11 -2.63
CA MET A 210 0.08 49.08 -1.63
C MET A 210 -0.38 49.68 -0.30
N VAL A 211 0.07 50.89 0.03
CA VAL A 211 -0.38 51.54 1.25
C VAL A 211 -1.72 52.26 1.04
N LEU A 212 -1.86 52.97 -0.08
CA LEU A 212 -3.07 53.76 -0.32
C LEU A 212 -4.25 52.90 -0.71
N GLY A 213 -4.03 51.67 -1.18
CA GLY A 213 -5.10 50.75 -1.43
C GLY A 213 -5.42 49.85 -0.26
N LEU A 214 -4.58 49.83 0.76
CA LEU A 214 -4.90 49.18 2.02
C LEU A 214 -5.57 50.12 3.01
N ALA A 215 -5.31 51.42 2.91
CA ALA A 215 -6.04 52.38 3.73
C ALA A 215 -7.50 52.47 3.31
N CYS A 216 -7.78 52.29 2.01
CA CYS A 216 -9.15 52.40 1.52
C CYS A 216 -10.03 51.29 2.07
N VAL A 217 -9.46 50.10 2.28
CA VAL A 217 -10.24 49.00 2.86
C VAL A 217 -10.72 49.36 4.25
N ILE A 218 -9.81 49.86 5.09
CA ILE A 218 -10.17 50.25 6.44
C ILE A 218 -11.17 51.39 6.42
N GLY A 219 -10.99 52.34 5.51
CA GLY A 219 -11.94 53.44 5.40
C GLY A 219 -13.33 52.96 5.04
N SER A 220 -13.43 52.02 4.09
CA SER A 220 -14.72 51.49 3.70
C SER A 220 -15.37 50.71 4.83
N ILE A 221 -14.59 49.93 5.57
CA ILE A 221 -15.15 49.18 6.69
C ILE A 221 -15.62 50.11 7.79
N VAL A 222 -14.90 51.22 8.03
CA VAL A 222 -15.34 52.19 9.02
C VAL A 222 -16.62 52.87 8.57
N ALA A 223 -16.74 53.16 7.27
CA ALA A 223 -17.97 53.73 6.75
C ALA A 223 -19.14 52.76 6.92
N LEU A 224 -18.88 51.46 6.71
CA LEU A 224 -19.93 50.46 6.95
C LEU A 224 -20.32 50.43 8.41
N ALA A 225 -19.34 50.49 9.32
CA ALA A 225 -19.64 50.52 10.75
C ALA A 225 -20.49 51.72 11.12
N LEU A 226 -20.20 52.88 10.51
CA LEU A 226 -21.03 54.06 10.76
C LEU A 226 -22.40 53.93 10.14
N LEU A 227 -22.52 53.17 9.04
CA LEU A 227 -23.82 52.95 8.43
C LEU A 227 -24.69 52.00 9.25
N ASP A 228 -24.06 51.09 9.99
CA ASP A 228 -24.80 50.12 10.80
C ASP A 228 -25.48 50.73 12.01
N ARG A 229 -25.42 52.05 12.20
CA ARG A 229 -26.02 52.67 13.37
C ARG A 229 -27.52 52.80 13.29
N GLY A 230 -28.12 52.47 12.15
CA GLY A 230 -29.56 52.60 11.99
C GLY A 230 -30.34 51.33 12.24
N TRP A 231 -29.90 50.23 11.64
CA TRP A 231 -30.63 48.97 11.67
C TRP A 231 -30.12 48.02 12.76
N ARG A 232 -29.27 48.49 13.66
CA ARG A 232 -28.75 47.62 14.71
C ARG A 232 -29.88 47.21 15.66
N ARG A 233 -29.94 45.92 15.97
CA ARG A 233 -30.95 45.37 16.87
C ARG A 233 -30.36 45.35 18.27
N ARG A 234 -30.74 46.33 19.09
CA ARG A 234 -30.17 46.45 20.42
C ARG A 234 -30.59 45.27 21.30
N PRO A 235 -29.69 44.73 22.12
CA PRO A 235 -30.03 43.59 22.96
C PRO A 235 -30.53 44.04 24.32
N PRO A 236 -31.22 43.15 25.06
CA PRO A 236 -31.63 43.50 26.43
C PRO A 236 -30.47 43.67 27.39
N ARG A 237 -29.27 43.24 27.03
CA ARG A 237 -28.06 43.39 27.85
C ARG A 237 -28.23 42.75 29.23
N THR A 238 -28.41 41.43 29.21
CA THR A 238 -28.35 40.62 30.43
C THR A 238 -27.38 39.48 30.21
N ARG A 239 -27.31 38.53 31.15
CA ARG A 239 -26.41 37.38 31.06
C ARG A 239 -24.96 37.85 30.94
N GLY A 240 -24.48 38.52 31.99
CA GLY A 240 -23.15 39.08 31.98
C GLY A 240 -22.23 38.51 33.04
N ARG A 241 -22.34 37.20 33.29
CA ARG A 241 -21.50 36.53 34.28
C ARG A 241 -20.97 35.23 33.66
N ALA A 242 -20.13 34.54 34.44
CA ALA A 242 -19.51 33.29 33.99
C ALA A 242 -19.96 32.09 34.80
N GLY A 243 -19.89 32.16 36.11
CA GLY A 243 -20.25 31.04 36.96
C GLY A 243 -19.07 30.54 37.77
N LEU A 244 -19.13 29.29 38.23
CA LEU A 244 -18.04 28.69 38.97
C LEU A 244 -17.39 27.54 38.23
N TRP A 245 -18.19 26.58 37.74
CA TRP A 245 -17.62 25.42 37.06
C TRP A 245 -17.08 25.73 35.68
N THR A 246 -17.11 26.99 35.25
CA THR A 246 -16.38 27.41 34.07
C THR A 246 -14.99 27.95 34.40
N TRP A 247 -14.83 28.58 35.56
CA TRP A 247 -13.50 28.99 36.00
C TRP A 247 -12.64 27.79 36.33
N ILE A 248 -13.24 26.76 36.93
CA ILE A 248 -12.49 25.53 37.22
C ILE A 248 -12.02 24.87 35.94
N THR A 249 -12.90 24.80 34.94
CA THR A 249 -12.52 24.19 33.67
C THR A 249 -11.48 25.02 32.94
N ASP A 250 -11.59 26.35 33.01
CA ASP A 250 -10.58 27.20 32.41
C ASP A 250 -9.22 27.00 33.08
N THR A 251 -9.20 26.95 34.41
CA THR A 251 -7.96 26.70 35.13
C THR A 251 -7.35 25.37 34.74
N GLY A 252 -8.17 24.31 34.69
CA GLY A 252 -7.66 23.00 34.34
C GLY A 252 -7.10 22.95 32.93
N VAL A 253 -7.83 23.51 31.97
CA VAL A 253 -7.39 23.48 30.58
C VAL A 253 -6.12 24.29 30.41
N ILE A 254 -6.07 25.49 31.00
CA ILE A 254 -4.89 26.34 30.84
C ILE A 254 -3.68 25.73 31.53
N GLY A 255 -3.89 25.06 32.66
CA GLY A 255 -2.77 24.39 33.31
C GLY A 255 -2.24 23.23 32.50
N GLY A 256 -3.15 22.36 32.01
CA GLY A 256 -2.73 21.26 31.17
C GLY A 256 -2.18 21.69 29.84
N LEU A 257 -2.46 22.93 29.43
CA LEU A 257 -1.94 23.48 28.18
C LEU A 257 -0.64 24.22 28.37
N LEU A 258 -0.34 24.68 29.58
CA LEU A 258 0.92 25.32 29.89
C LEU A 258 1.99 24.33 30.31
N ILE A 259 1.62 23.24 30.99
CA ILE A 259 2.61 22.23 31.31
C ILE A 259 2.93 21.36 30.09
N TRP A 260 2.09 21.39 29.05
CA TRP A 260 2.40 20.70 27.81
C TRP A 260 3.35 21.50 26.93
N HIS A 261 3.45 22.81 27.17
CA HIS A 261 4.37 23.65 26.42
C HIS A 261 5.83 23.30 26.71
N ILE A 262 6.11 22.68 27.85
CA ILE A 262 7.47 22.37 28.25
C ILE A 262 7.75 20.90 28.00
N VAL A 263 7.05 20.01 28.70
CA VAL A 263 7.21 18.56 28.51
C VAL A 263 6.19 18.15 27.46
N GLY A 264 6.58 18.29 26.19
CA GLY A 264 5.71 17.95 25.09
C GLY A 264 6.46 17.68 23.82
N ALA A 265 6.01 16.69 23.05
CA ALA A 265 6.72 16.32 21.83
C ALA A 265 6.40 17.31 20.71
N PRO A 266 7.41 17.70 19.92
CA PRO A 266 7.15 18.56 18.77
C PRO A 266 6.66 17.77 17.56
N THR A 267 6.31 18.46 16.48
CA THR A 267 5.78 17.82 15.30
C THR A 267 6.90 17.54 14.29
N SER A 268 6.53 17.09 13.10
CA SER A 268 7.51 16.71 12.09
C SER A 268 8.11 17.92 11.38
N ASP A 269 7.36 19.01 11.27
CA ASP A 269 7.77 20.17 10.49
C ASP A 269 8.28 21.31 11.36
N ASP A 270 8.99 20.99 12.45
CA ASP A 270 9.57 22.02 13.30
C ASP A 270 11.03 22.30 13.00
N GLY A 271 11.73 21.40 12.32
CA GLY A 271 13.08 21.66 11.90
C GLY A 271 13.09 22.28 10.51
N TYR A 272 12.03 22.00 9.75
CA TYR A 272 11.88 22.56 8.42
C TYR A 272 11.60 24.06 8.49
N ASN A 273 10.53 24.44 9.20
CA ASN A 273 10.16 25.86 9.31
C ASN A 273 11.20 26.65 10.08
N MET A 274 11.88 26.02 11.05
CA MET A 274 12.92 26.72 11.78
C MET A 274 14.10 27.06 10.88
N THR A 275 14.53 26.11 10.04
CA THR A 275 15.61 26.39 9.11
C THR A 275 15.20 27.45 8.08
N ILE A 276 13.96 27.36 7.58
CA ILE A 276 13.48 28.38 6.64
C ILE A 276 13.50 29.75 7.29
N ALA A 277 13.11 29.83 8.57
CA ALA A 277 13.10 31.12 9.26
C ALA A 277 14.52 31.62 9.51
N ARG A 278 15.45 30.71 9.77
CA ARG A 278 16.81 31.13 10.08
C ARG A 278 17.58 31.57 8.83
N VAL A 279 17.29 30.98 7.66
CA VAL A 279 18.06 31.29 6.46
C VAL A 279 17.35 32.29 5.55
N ALA A 280 16.14 32.73 5.89
CA ALA A 280 15.42 33.66 5.02
C ALA A 280 15.83 35.11 5.22
N SER A 281 16.62 35.41 6.24
CA SER A 281 17.07 36.78 6.45
C SER A 281 17.91 37.26 5.27
N GLU A 282 19.02 36.57 5.01
CA GLU A 282 19.75 36.76 3.76
C GLU A 282 19.02 35.99 2.67
N ALA A 283 19.65 35.89 1.50
CA ALA A 283 19.10 35.22 0.32
C ALA A 283 17.98 36.03 -0.31
N GLY A 284 17.56 37.11 0.35
CA GLY A 284 16.59 38.03 -0.19
C GLY A 284 15.14 37.60 -0.12
N TYR A 285 14.85 36.31 0.05
CA TYR A 285 13.47 35.86 0.02
C TYR A 285 13.29 34.65 0.92
N THR A 286 12.04 34.24 1.08
CA THR A 286 11.68 33.06 1.87
C THR A 286 11.88 31.83 1.00
N THR A 287 13.11 31.32 0.98
CA THR A 287 13.46 30.22 0.12
C THR A 287 13.02 28.89 0.71
N ASN A 288 12.79 27.92 -0.17
CA ASN A 288 12.61 26.53 0.23
C ASN A 288 13.98 25.89 0.27
N TYR A 289 14.45 25.55 1.47
CA TYR A 289 15.85 25.20 1.65
C TYR A 289 16.18 23.84 1.06
N TYR A 290 15.35 22.84 1.34
CA TYR A 290 15.71 21.45 1.08
C TYR A 290 15.19 20.90 -0.24
N ARG A 291 14.54 21.71 -1.07
CA ARG A 291 13.90 21.14 -2.25
C ARG A 291 13.52 22.25 -3.23
N TYR A 292 13.12 21.82 -4.43
CA TYR A 292 12.47 22.66 -5.43
C TYR A 292 13.41 23.68 -6.07
N PHE A 293 14.70 23.36 -6.16
CA PHE A 293 15.67 24.16 -6.91
C PHE A 293 15.70 25.61 -6.44
N GLY A 294 15.57 25.81 -5.13
CA GLY A 294 15.61 27.15 -4.60
C GLY A 294 14.36 27.98 -4.84
N ALA A 295 13.23 27.33 -5.13
CA ALA A 295 11.99 28.05 -5.33
C ALA A 295 11.52 28.68 -4.02
N SER A 296 10.62 29.63 -4.14
CA SER A 296 10.13 30.37 -2.99
C SER A 296 8.85 29.75 -2.44
N GLU A 297 8.49 30.17 -1.23
CA GLU A 297 7.21 29.83 -0.62
C GLU A 297 6.16 30.87 -0.95
N ALA A 298 6.01 31.15 -2.25
CA ALA A 298 5.43 32.41 -2.69
C ALA A 298 4.03 32.69 -2.15
N PRO A 299 3.04 31.78 -2.29
CA PRO A 299 1.69 32.13 -1.83
C PRO A 299 1.47 31.97 -0.33
N PHE A 300 2.32 31.23 0.37
CA PHE A 300 2.03 30.77 1.72
C PHE A 300 3.18 31.11 2.67
N ASP A 301 3.66 32.36 2.67
CA ASP A 301 4.84 32.68 3.47
C ASP A 301 4.69 33.96 4.28
N TRP A 302 3.49 34.25 4.79
CA TRP A 302 3.38 35.39 5.71
C TRP A 302 3.66 35.00 7.16
N TYR A 303 3.60 33.70 7.47
CA TYR A 303 3.91 33.20 8.80
C TYR A 303 5.41 32.99 8.99
N GLN A 304 6.09 32.52 7.95
CA GLN A 304 7.55 32.41 8.01
C GLN A 304 8.20 33.78 8.15
N SER A 305 7.55 34.83 7.64
CA SER A 305 8.10 36.18 7.80
C SER A 305 8.06 36.62 9.26
N VAL A 306 7.06 36.18 10.02
CA VAL A 306 7.01 36.48 11.45
C VAL A 306 8.00 35.59 12.19
N LEU A 307 8.07 34.30 11.82
CA LEU A 307 9.00 33.40 12.47
C LEU A 307 10.45 33.82 12.23
N SER A 308 10.72 34.51 11.13
CA SER A 308 12.06 34.99 10.86
C SER A 308 12.42 36.18 11.75
N HIS A 309 11.43 36.94 12.21
CA HIS A 309 11.68 38.03 13.14
C HIS A 309 11.74 37.56 14.58
N LEU A 310 10.98 36.53 14.94
CA LEU A 310 11.14 35.94 16.27
C LEU A 310 12.49 35.25 16.42
N ALA A 311 12.97 34.60 15.35
CA ALA A 311 14.20 33.82 15.43
C ALA A 311 15.44 34.69 15.58
N SER A 312 15.33 36.01 15.41
CA SER A 312 16.46 36.90 15.59
C SER A 312 16.64 37.33 17.04
N ILE A 313 15.73 36.96 17.93
CA ILE A 313 15.86 37.24 19.35
C ILE A 313 16.39 36.04 20.12
N SER A 314 15.86 34.85 19.83
CA SER A 314 16.30 33.61 20.47
C SER A 314 15.77 32.44 19.66
N THR A 315 16.62 31.45 19.44
CA THR A 315 16.24 30.24 18.72
C THR A 315 15.77 29.12 19.65
N ALA A 316 15.62 29.40 20.93
CA ALA A 316 15.15 28.38 21.87
C ALA A 316 13.74 27.94 21.51
N GLY A 317 13.54 26.62 21.43
CA GLY A 317 12.26 26.07 21.07
C GLY A 317 11.13 26.44 22.02
N VAL A 318 11.45 26.79 23.26
CA VAL A 318 10.43 27.22 24.20
C VAL A 318 9.95 28.64 23.93
N TRP A 319 10.69 29.40 23.12
CA TRP A 319 10.32 30.75 22.76
C TRP A 319 9.74 30.86 21.36
N MET A 320 10.16 29.99 20.44
CA MET A 320 9.65 30.03 19.08
C MET A 320 8.25 29.44 18.96
N ARG A 321 7.88 28.54 19.87
CA ARG A 321 6.56 27.94 19.88
C ARG A 321 5.57 28.71 20.75
N LEU A 322 5.87 29.97 21.05
CA LEU A 322 5.02 30.79 21.90
C LEU A 322 3.78 31.28 21.18
N PRO A 323 3.85 31.68 19.90
CA PRO A 323 2.62 32.04 19.18
C PRO A 323 1.67 30.88 18.94
N ALA A 324 2.05 29.65 19.28
CA ALA A 324 1.17 28.50 19.13
C ALA A 324 0.46 28.11 20.42
N THR A 325 0.84 28.71 21.54
CA THR A 325 0.14 28.51 22.81
C THR A 325 -0.86 29.62 23.11
N ALA A 326 -0.53 30.86 22.73
CA ALA A 326 -1.50 31.94 22.84
C ALA A 326 -2.72 31.66 21.97
N ALA A 327 -2.50 31.06 20.79
CA ALA A 327 -3.62 30.68 19.94
C ALA A 327 -4.50 29.65 20.62
N ALA A 328 -3.90 28.69 21.31
CA ALA A 328 -4.69 27.66 22.00
C ALA A 328 -5.48 28.26 23.15
N ILE A 329 -4.85 29.14 23.94
CA ILE A 329 -5.54 29.76 25.06
C ILE A 329 -6.69 30.63 24.56
N ALA A 330 -6.47 31.39 23.49
CA ALA A 330 -7.53 32.23 22.95
C ALA A 330 -8.67 31.37 22.38
N THR A 331 -8.33 30.28 21.69
CA THR A 331 -9.34 29.38 21.18
C THR A 331 -10.20 28.83 22.30
N TRP A 332 -9.57 28.40 23.40
CA TRP A 332 -10.35 27.85 24.50
C TRP A 332 -11.21 28.92 25.16
N LEU A 333 -10.67 30.11 25.35
CA LEU A 333 -11.47 31.18 25.97
C LEU A 333 -12.67 31.53 25.09
N ILE A 334 -12.48 31.55 23.77
CA ILE A 334 -13.59 31.82 22.87
C ILE A 334 -14.64 30.72 22.96
N ILE A 335 -14.20 29.46 22.87
CA ILE A 335 -15.14 28.33 22.95
C ILE A 335 -15.92 28.37 24.26
N SER A 336 -15.27 28.79 25.35
CA SER A 336 -15.89 28.73 26.66
C SER A 336 -16.78 29.93 26.95
N ARG A 337 -16.54 31.09 26.34
CA ARG A 337 -17.27 32.29 26.72
C ARG A 337 -17.96 33.01 25.58
N CYS A 338 -17.97 32.48 24.35
CA CYS A 338 -18.69 33.14 23.27
C CYS A 338 -19.52 32.14 22.48
N VAL A 339 -19.12 30.88 22.46
CA VAL A 339 -19.77 29.86 21.64
C VAL A 339 -20.81 29.09 22.45
N LEU A 340 -20.41 28.53 23.59
CA LEU A 340 -21.32 27.73 24.39
C LEU A 340 -22.44 28.57 24.99
N PRO A 341 -22.19 29.79 25.49
CA PRO A 341 -23.30 30.65 25.90
C PRO A 341 -24.16 31.15 24.76
N ARG A 342 -23.77 30.90 23.50
CA ARG A 342 -24.57 31.33 22.36
C ARG A 342 -25.50 30.24 21.87
N ILE A 343 -25.04 28.99 21.84
CA ILE A 343 -25.89 27.87 21.46
C ILE A 343 -27.09 27.79 22.40
N GLY A 344 -26.86 28.01 23.69
CA GLY A 344 -27.95 28.01 24.64
C GLY A 344 -27.47 28.50 25.99
N ARG A 345 -28.42 29.01 26.77
CA ARG A 345 -28.11 29.44 28.13
C ARG A 345 -28.03 28.27 29.09
N ARG A 346 -28.80 27.21 28.84
CA ARG A 346 -28.80 26.04 29.70
C ARG A 346 -27.69 25.04 29.36
N VAL A 347 -27.15 25.10 28.15
CA VAL A 347 -26.06 24.21 27.80
C VAL A 347 -24.75 24.69 28.41
N ALA A 348 -24.62 26.00 28.64
CA ALA A 348 -23.42 26.54 29.28
C ALA A 348 -23.48 26.48 30.79
N ALA A 349 -24.68 26.44 31.37
CA ALA A 349 -24.83 26.34 32.81
C ALA A 349 -24.71 24.91 33.32
N ASN A 350 -24.78 23.92 32.44
CA ASN A 350 -24.59 22.53 32.85
C ASN A 350 -23.14 22.33 33.25
N ARG A 351 -22.92 21.69 34.40
CA ARG A 351 -21.57 21.53 34.94
C ARG A 351 -20.83 20.33 34.37
N VAL A 352 -21.52 19.46 33.61
CA VAL A 352 -20.88 18.30 33.02
C VAL A 352 -20.56 18.60 31.57
N ALA A 353 -21.41 19.40 30.93
CA ALA A 353 -21.17 19.79 29.54
C ALA A 353 -19.87 20.58 29.40
N MET A 354 -19.64 21.53 30.32
CA MET A 354 -18.41 22.31 30.26
C MET A 354 -17.19 21.43 30.49
N LEU A 355 -17.28 20.50 31.44
CA LEU A 355 -16.15 19.61 31.73
C LEU A 355 -15.82 18.74 30.52
N THR A 356 -16.84 18.15 29.90
CA THR A 356 -16.55 17.29 28.74
C THR A 356 -16.10 18.12 27.55
N ALA A 357 -16.57 19.35 27.41
CA ALA A 357 -16.08 20.22 26.35
C ALA A 357 -14.59 20.51 26.54
N GLY A 358 -14.18 20.83 27.76
CA GLY A 358 -12.77 21.06 28.02
C GLY A 358 -11.92 19.83 27.79
N ALA A 359 -12.40 18.68 28.26
CA ALA A 359 -11.66 17.44 28.08
C ALA A 359 -11.52 17.08 26.60
N THR A 360 -12.59 17.27 25.82
CA THR A 360 -12.51 16.95 24.40
C THR A 360 -11.62 17.93 23.66
N PHE A 361 -11.64 19.21 24.05
CA PHE A 361 -10.75 20.18 23.46
C PHE A 361 -9.29 19.80 23.70
N LEU A 362 -8.96 19.44 24.94
CA LEU A 362 -7.59 19.01 25.24
C LEU A 362 -7.21 17.77 24.44
N ALA A 363 -8.11 16.78 24.41
CA ALA A 363 -7.80 15.53 23.73
C ALA A 363 -7.66 15.71 22.23
N ALA A 364 -8.32 16.71 21.66
CA ALA A 364 -8.21 16.97 20.22
C ALA A 364 -7.09 17.95 19.89
N TRP A 365 -6.61 18.72 20.86
CA TRP A 365 -5.55 19.68 20.59
C TRP A 365 -4.16 19.11 20.85
N LEU A 366 -3.98 18.34 21.92
CA LEU A 366 -2.65 17.91 22.32
C LEU A 366 -1.93 17.08 21.25
N PRO A 367 -2.54 16.07 20.61
CA PRO A 367 -1.76 15.23 19.69
C PRO A 367 -1.33 15.93 18.41
N PHE A 368 -1.88 17.09 18.08
CA PHE A 368 -1.64 17.71 16.79
C PHE A 368 -0.85 19.00 16.88
N ASN A 369 -1.36 20.00 17.62
CA ASN A 369 -0.90 21.39 17.49
C ASN A 369 0.09 21.73 18.60
N ASN A 370 1.32 21.25 18.46
CA ASN A 370 2.40 21.64 19.35
C ASN A 370 3.70 21.87 18.57
N GLY A 371 3.59 22.58 17.45
CA GLY A 371 4.77 22.83 16.65
C GLY A 371 4.78 24.18 15.97
N LEU A 372 5.61 24.32 14.93
CA LEU A 372 5.70 25.54 14.13
C LEU A 372 4.87 25.46 12.86
N ARG A 373 3.77 24.72 12.89
CA ARG A 373 2.88 24.57 11.76
C ARG A 373 1.76 25.60 11.84
N PRO A 374 1.08 25.88 10.73
CA PRO A 374 -0.01 26.87 10.75
C PRO A 374 -1.36 26.36 11.23
N GLU A 375 -1.45 25.09 11.62
CA GLU A 375 -2.71 24.52 12.09
C GLU A 375 -3.19 25.12 13.41
N PRO A 376 -2.29 25.39 14.38
CA PRO A 376 -2.74 26.10 15.59
C PRO A 376 -3.38 27.45 15.29
N LEU A 377 -3.04 28.09 14.18
CA LEU A 377 -3.64 29.36 13.81
C LEU A 377 -4.88 29.19 12.94
N ILE A 378 -4.91 28.15 12.11
CA ILE A 378 -6.12 27.87 11.32
C ILE A 378 -7.27 27.48 12.25
N ALA A 379 -6.98 26.66 13.26
CA ALA A 379 -8.01 26.25 14.21
C ALA A 379 -8.55 27.42 15.01
N PHE A 380 -7.77 28.47 15.19
CA PHE A 380 -8.24 29.68 15.87
C PHE A 380 -9.02 30.57 14.92
N ALA A 381 -8.57 30.66 13.67
CA ALA A 381 -9.27 31.49 12.68
C ALA A 381 -10.66 30.95 12.39
N VAL A 382 -10.81 29.63 12.32
CA VAL A 382 -12.13 29.06 12.05
C VAL A 382 -13.11 29.46 13.13
N ILE A 383 -12.72 29.27 14.40
CA ILE A 383 -13.63 29.52 15.51
C ILE A 383 -13.80 31.01 15.79
N THR A 384 -12.90 31.86 15.32
CA THR A 384 -13.12 33.30 15.44
C THR A 384 -13.88 33.87 14.26
N VAL A 385 -13.97 33.15 13.14
CA VAL A 385 -14.87 33.57 12.06
C VAL A 385 -16.29 33.10 12.34
N TRP A 386 -16.45 31.92 12.95
CA TRP A 386 -17.77 31.44 13.31
C TRP A 386 -18.48 32.42 14.24
N MET A 387 -17.80 32.86 15.29
CA MET A 387 -18.43 33.75 16.26
C MET A 387 -18.71 35.12 15.66
N LEU A 388 -17.89 35.58 14.72
CA LEU A 388 -18.16 36.87 14.09
C LEU A 388 -19.36 36.78 13.15
N VAL A 389 -19.48 35.68 12.41
CA VAL A 389 -20.67 35.49 11.56
C VAL A 389 -21.91 35.40 12.42
N GLU A 390 -21.82 34.74 13.58
CA GLU A 390 -22.98 34.68 14.48
C GLU A 390 -23.30 36.04 15.09
N ASN A 391 -22.27 36.84 15.39
CA ASN A 391 -22.49 38.19 15.88
C ASN A 391 -23.07 39.10 14.80
N SER A 392 -22.86 38.77 13.53
CA SER A 392 -23.44 39.54 12.44
C SER A 392 -24.86 39.12 12.11
N ILE A 393 -25.17 37.83 12.17
CA ILE A 393 -26.54 37.37 11.88
C ILE A 393 -27.52 37.94 12.90
N GLY A 394 -27.37 37.56 14.17
CA GLY A 394 -28.06 38.27 15.22
C GLY A 394 -27.45 39.65 15.42
N THR A 395 -28.19 40.53 16.08
CA THR A 395 -27.76 41.92 16.27
C THR A 395 -27.34 42.53 14.92
N ARG A 396 -28.37 42.73 14.08
CA ARG A 396 -28.16 42.90 12.64
C ARG A 396 -27.19 44.02 12.30
N ARG A 397 -26.02 43.63 11.79
CA ARG A 397 -24.95 44.54 11.41
C ARG A 397 -24.15 43.85 10.31
N LEU A 398 -23.26 44.62 9.67
CA LEU A 398 -22.49 44.09 8.56
C LEU A 398 -20.98 44.17 8.74
N TRP A 399 -20.47 45.04 9.61
CA TRP A 399 -19.03 45.13 9.78
C TRP A 399 -18.40 43.90 10.44
N PRO A 400 -19.10 43.15 11.32
CA PRO A 400 -18.51 41.88 11.77
C PRO A 400 -18.32 40.90 10.64
N ALA A 401 -19.28 40.82 9.72
CA ALA A 401 -19.13 39.98 8.54
C ALA A 401 -18.09 40.50 7.57
N ALA A 402 -17.64 41.75 7.73
CA ALA A 402 -16.55 42.28 6.93
C ALA A 402 -15.19 42.02 7.56
N VAL A 403 -15.12 41.98 8.89
CA VAL A 403 -13.88 41.58 9.55
C VAL A 403 -13.67 40.08 9.46
N ALA A 404 -14.76 39.30 9.47
CA ALA A 404 -14.64 37.86 9.31
C ALA A 404 -14.02 37.49 7.98
N ILE A 405 -14.31 38.24 6.92
CA ILE A 405 -13.73 37.94 5.62
C ILE A 405 -12.24 38.25 5.61
N VAL A 406 -11.84 39.32 6.30
CA VAL A 406 -10.41 39.63 6.40
C VAL A 406 -9.68 38.52 7.16
N ILE A 407 -10.27 38.05 8.25
CA ILE A 407 -9.63 36.97 9.00
C ILE A 407 -9.57 35.69 8.17
N ALA A 408 -10.62 35.41 7.39
CA ALA A 408 -10.61 34.22 6.54
C ALA A 408 -9.57 34.35 5.43
N MET A 409 -9.36 35.56 4.89
CA MET A 409 -8.33 35.74 3.87
C MET A 409 -6.94 35.63 4.47
N PHE A 410 -6.77 36.03 5.73
CA PHE A 410 -5.50 35.78 6.40
C PHE A 410 -5.29 34.30 6.66
N SER A 411 -6.36 33.55 6.91
CA SER A 411 -6.24 32.13 7.18
C SER A 411 -5.95 31.33 5.90
N VAL A 412 -6.55 31.73 4.79
CA VAL A 412 -6.36 31.02 3.53
C VAL A 412 -4.90 31.07 3.08
N THR A 413 -4.21 32.15 3.43
CA THR A 413 -2.83 32.37 3.01
C THR A 413 -1.82 31.62 3.87
N LEU A 414 -2.28 30.91 4.90
CA LEU A 414 -1.37 30.16 5.76
C LEU A 414 -0.94 28.85 5.11
N ALA A 415 -1.90 28.08 4.60
CA ALA A 415 -1.60 26.78 4.01
C ALA A 415 -2.74 26.44 3.06
N PRO A 416 -2.50 25.49 2.12
CA PRO A 416 -3.60 25.07 1.24
C PRO A 416 -4.81 24.54 1.99
N GLN A 417 -4.58 23.81 3.09
CA GLN A 417 -5.68 23.29 3.89
C GLN A 417 -6.36 24.36 4.74
N GLY A 418 -5.92 25.62 4.64
CA GLY A 418 -6.52 26.69 5.39
C GLY A 418 -7.79 27.27 4.82
N LEU A 419 -8.28 26.73 3.70
CA LEU A 419 -9.50 27.24 3.09
C LEU A 419 -10.75 26.81 3.83
N ILE A 420 -10.62 25.94 4.85
CA ILE A 420 -11.78 25.53 5.63
C ILE A 420 -12.30 26.64 6.52
N ALA A 421 -11.58 27.76 6.61
CA ALA A 421 -12.10 28.93 7.30
C ALA A 421 -13.21 29.63 6.53
N LEU A 422 -13.37 29.30 5.24
CA LEU A 422 -14.47 29.85 4.45
C LEU A 422 -15.79 29.16 4.73
N ALA A 423 -15.77 27.98 5.36
CA ALA A 423 -17.01 27.25 5.60
C ALA A 423 -18.01 28.00 6.48
N PRO A 424 -17.62 28.60 7.61
CA PRO A 424 -18.61 29.35 8.40
C PRO A 424 -19.15 30.58 7.68
N LEU A 425 -18.55 30.99 6.57
CA LEU A 425 -19.10 32.06 5.75
C LEU A 425 -20.07 31.54 4.70
N LEU A 426 -19.72 30.43 4.04
CA LEU A 426 -20.62 29.82 3.08
C LEU A 426 -21.88 29.30 3.75
N VAL A 427 -21.78 28.84 4.99
CA VAL A 427 -22.97 28.32 5.67
C VAL A 427 -23.90 29.45 6.08
N GLY A 428 -23.36 30.59 6.51
CA GLY A 428 -24.16 31.71 6.92
C GLY A 428 -24.44 32.74 5.85
N ALA A 429 -24.02 32.50 4.61
CA ALA A 429 -24.28 33.44 3.52
C ALA A 429 -25.76 33.75 3.37
N ARG A 430 -26.63 32.77 3.59
CA ARG A 430 -28.05 33.00 3.39
C ARG A 430 -28.62 33.96 4.45
N ALA A 431 -28.24 33.75 5.71
CA ALA A 431 -28.69 34.67 6.76
C ALA A 431 -28.07 36.05 6.59
N ILE A 432 -26.81 36.12 6.12
CA ILE A 432 -26.20 37.42 5.89
C ILE A 432 -26.88 38.14 4.72
N GLY A 433 -27.31 37.40 3.71
CA GLY A 433 -28.08 38.00 2.64
C GLY A 433 -29.45 38.47 3.10
N ARG A 434 -30.08 37.71 4.00
CA ARG A 434 -31.32 38.17 4.62
C ARG A 434 -31.12 39.46 5.39
N VAL A 435 -29.97 39.61 6.04
CA VAL A 435 -29.65 40.85 6.75
C VAL A 435 -29.42 41.98 5.74
N VAL A 436 -28.75 41.68 4.63
CA VAL A 436 -28.44 42.70 3.63
C VAL A 436 -29.70 43.24 2.98
N THR A 437 -30.60 42.35 2.56
CA THR A 437 -31.78 42.76 1.83
C THR A 437 -32.75 43.61 2.66
N ALA A 438 -32.55 43.69 3.97
CA ALA A 438 -33.38 44.55 4.81
C ALA A 438 -32.93 46.00 4.81
N ARG A 439 -32.01 46.37 3.91
CA ARG A 439 -31.51 47.74 3.82
C ARG A 439 -31.68 48.33 2.43
N ARG A 440 -32.37 47.64 1.53
CA ARG A 440 -32.46 48.09 0.15
C ARG A 440 -33.22 49.40 0.03
N ALA A 441 -34.18 49.65 0.92
CA ALA A 441 -34.94 50.89 0.86
C ALA A 441 -34.19 52.05 1.50
N GLY A 442 -33.34 51.77 2.48
CA GLY A 442 -32.62 52.83 3.17
C GLY A 442 -31.41 53.34 2.42
N THR A 443 -30.45 52.44 2.15
CA THR A 443 -29.20 52.81 1.49
C THR A 443 -29.11 52.23 0.08
N GLY A 444 -29.24 50.92 -0.06
CA GLY A 444 -29.14 50.26 -1.34
C GLY A 444 -28.43 48.94 -1.19
N ILE A 445 -27.98 48.41 -2.33
CA ILE A 445 -27.26 47.13 -2.35
C ILE A 445 -25.78 47.30 -2.68
N LEU A 446 -25.38 48.46 -3.21
CA LEU A 446 -23.96 48.66 -3.50
C LEU A 446 -23.20 49.09 -2.26
N ALA A 447 -23.78 49.97 -1.44
CA ALA A 447 -23.17 50.46 -0.21
C ALA A 447 -23.12 49.41 0.88
N SER A 448 -23.52 48.17 0.58
CA SER A 448 -23.40 47.06 1.51
C SER A 448 -22.59 45.90 0.96
N LEU A 449 -22.41 45.81 -0.36
CA LEU A 449 -21.60 44.76 -0.97
C LEU A 449 -20.27 45.25 -1.51
N ALA A 450 -20.03 46.56 -1.53
CA ALA A 450 -18.72 47.07 -1.92
C ALA A 450 -17.70 46.87 -0.81
N PRO A 451 -18.00 47.21 0.46
CA PRO A 451 -17.04 46.94 1.53
C PRO A 451 -16.80 45.46 1.76
N LEU A 452 -17.67 44.59 1.28
CA LEU A 452 -17.47 43.15 1.42
C LEU A 452 -16.58 42.57 0.34
N ALA A 453 -16.45 43.26 -0.79
CA ALA A 453 -15.45 42.89 -1.79
C ALA A 453 -14.11 43.56 -1.54
N ALA A 454 -14.13 44.76 -0.96
CA ALA A 454 -12.88 45.38 -0.52
C ALA A 454 -12.15 44.53 0.51
N SER A 455 -12.88 43.67 1.24
CA SER A 455 -12.24 42.78 2.19
C SER A 455 -11.63 41.56 1.50
N VAL A 456 -12.30 41.05 0.46
CA VAL A 456 -11.75 39.94 -0.30
C VAL A 456 -10.54 40.39 -1.11
N ALA A 457 -10.44 41.69 -1.41
CA ALA A 457 -9.33 42.20 -2.19
C ALA A 457 -8.06 42.43 -1.38
N VAL A 458 -7.93 41.79 -0.21
CA VAL A 458 -6.73 41.94 0.61
C VAL A 458 -5.69 40.84 0.33
N VAL A 459 -6.10 39.71 -0.25
CA VAL A 459 -5.16 38.65 -0.57
C VAL A 459 -4.14 39.12 -1.58
N PHE A 460 -4.52 40.03 -2.49
CA PHE A 460 -3.58 40.53 -3.48
C PHE A 460 -2.50 41.41 -2.86
N VAL A 461 -2.77 41.99 -1.70
CA VAL A 461 -1.73 42.71 -0.98
C VAL A 461 -0.93 41.77 -0.08
N ILE A 462 -1.58 40.74 0.47
CA ILE A 462 -0.88 39.82 1.36
C ILE A 462 0.13 38.97 0.58
N ILE A 463 -0.29 38.43 -0.57
CA ILE A 463 0.58 37.54 -1.34
C ILE A 463 1.67 38.31 -2.06
N PHE A 464 1.26 39.28 -2.88
CA PHE A 464 2.22 40.03 -3.71
C PHE A 464 2.72 41.27 -3.00
N ARG A 465 3.25 41.11 -1.79
CA ARG A 465 3.87 42.22 -1.08
C ARG A 465 5.37 42.29 -1.30
N ASP A 466 6.00 41.18 -1.68
CA ASP A 466 7.42 41.14 -1.98
C ASP A 466 7.74 40.62 -3.37
N GLN A 467 6.86 39.84 -3.98
CA GLN A 467 7.12 39.22 -5.27
C GLN A 467 6.05 39.64 -6.27
N THR A 468 6.27 39.26 -7.53
CA THR A 468 5.39 39.61 -8.63
C THR A 468 4.50 38.42 -8.98
N LEU A 469 3.74 38.56 -10.07
CA LEU A 469 2.83 37.50 -10.49
C LEU A 469 3.58 36.37 -11.21
N ALA A 470 4.46 36.73 -12.14
CA ALA A 470 5.23 35.75 -12.89
C ALA A 470 6.21 34.96 -12.02
N THR A 471 6.45 35.41 -10.79
CA THR A 471 7.30 34.68 -9.86
C THR A 471 6.49 33.67 -9.03
N VAL A 472 5.33 34.09 -8.53
CA VAL A 472 4.44 33.16 -7.83
C VAL A 472 4.01 32.05 -8.78
N ALA A 473 3.70 32.40 -10.04
CA ALA A 473 3.32 31.39 -11.02
C ALA A 473 4.43 30.36 -11.23
N GLU A 474 5.67 30.83 -11.36
CA GLU A 474 6.79 29.91 -11.57
C GLU A 474 7.02 29.03 -10.34
N SER A 475 6.87 29.60 -9.14
CA SER A 475 7.01 28.80 -7.92
C SER A 475 5.96 27.70 -7.87
N VAL A 476 4.70 28.02 -8.16
CA VAL A 476 3.64 27.01 -8.15
C VAL A 476 3.89 25.96 -9.21
N ARG A 477 4.33 26.38 -10.40
CA ARG A 477 4.62 25.42 -11.46
C ARG A 477 5.72 24.45 -11.05
N ILE A 478 6.79 24.96 -10.44
CA ILE A 478 7.87 24.09 -9.99
C ILE A 478 7.36 23.11 -8.94
N LYS A 479 6.61 23.61 -7.96
CA LYS A 479 6.12 22.75 -6.90
C LYS A 479 5.16 21.69 -7.43
N TYR A 480 4.45 21.97 -8.52
CA TYR A 480 3.54 20.97 -9.07
C TYR A 480 4.25 19.97 -9.98
N VAL A 481 5.29 20.39 -10.72
CA VAL A 481 5.96 19.46 -11.61
C VAL A 481 7.05 18.66 -10.91
N VAL A 482 7.49 19.08 -9.72
CA VAL A 482 8.56 18.37 -9.02
C VAL A 482 8.00 17.56 -7.86
N GLY A 483 7.34 18.22 -6.92
CA GLY A 483 7.03 17.64 -5.65
C GLY A 483 5.93 16.60 -5.73
N PRO A 484 5.76 15.87 -4.63
CA PRO A 484 4.74 14.81 -4.57
C PRO A 484 3.37 15.38 -4.26
N THR A 485 2.47 15.27 -5.23
CA THR A 485 1.07 15.67 -5.05
C THR A 485 0.17 14.48 -5.38
N ILE A 486 -1.02 14.49 -4.82
CA ILE A 486 -1.99 13.42 -5.08
C ILE A 486 -3.29 14.04 -5.57
N PRO A 487 -4.00 13.39 -6.49
CA PRO A 487 -5.17 14.01 -7.12
C PRO A 487 -6.37 14.06 -6.16
N TRP A 488 -7.46 14.63 -6.67
CA TRP A 488 -8.64 14.85 -5.85
C TRP A 488 -9.42 13.57 -5.59
N TYR A 489 -9.27 12.54 -6.43
CA TYR A 489 -10.05 11.33 -6.26
C TYR A 489 -9.41 10.36 -5.27
N GLN A 490 -8.15 10.55 -4.92
CA GLN A 490 -7.51 9.77 -3.87
C GLN A 490 -7.58 10.51 -2.53
N GLU A 491 -8.81 10.85 -2.14
CA GLU A 491 -9.03 11.61 -0.92
C GLU A 491 -9.15 10.71 0.31
N PHE A 492 -9.69 9.51 0.15
CA PHE A 492 -9.71 8.52 1.22
C PHE A 492 -8.31 8.15 1.69
N LEU A 493 -7.28 8.52 0.92
CA LEU A 493 -5.91 8.24 1.33
C LEU A 493 -5.59 8.91 2.66
N ARG A 494 -6.27 10.01 2.99
CA ARG A 494 -6.08 10.65 4.28
C ARG A 494 -6.56 9.77 5.42
N TYR A 495 -7.79 9.27 5.33
CA TYR A 495 -8.33 8.39 6.36
C TYR A 495 -7.63 7.05 6.37
N TYR A 496 -6.95 6.68 5.28
CA TYR A 496 -6.11 5.49 5.33
C TYR A 496 -4.80 5.76 6.06
N PHE A 497 -4.20 6.94 5.83
CA PHE A 497 -3.01 7.33 6.57
C PHE A 497 -3.28 7.44 8.06
N LEU A 498 -4.49 7.86 8.43
CA LEU A 498 -4.81 7.98 9.85
C LEU A 498 -4.87 6.62 10.53
N THR A 499 -5.46 5.62 9.87
CA THR A 499 -5.62 4.29 10.44
C THR A 499 -4.76 3.31 9.65
N VAL A 500 -3.50 3.19 10.05
CA VAL A 500 -2.56 2.25 9.45
C VAL A 500 -1.71 1.66 10.56
N GLU A 501 -1.47 0.36 10.48
CA GLU A 501 -0.75 -0.33 11.55
C GLU A 501 0.74 -0.01 11.51
N ASP A 502 1.33 0.03 12.71
CA ASP A 502 2.77 0.27 12.88
C ASP A 502 3.19 1.59 12.26
N SER A 503 2.63 2.69 12.78
CA SER A 503 2.96 4.02 12.32
C SER A 503 2.90 4.98 13.49
N VAL A 504 3.86 5.92 13.52
CA VAL A 504 3.87 6.95 14.55
C VAL A 504 3.15 8.18 14.04
N ASP A 505 2.54 8.06 12.86
CA ASP A 505 1.72 9.11 12.28
C ASP A 505 0.24 8.92 12.59
N GLY A 506 -0.25 7.69 12.53
CA GLY A 506 -1.55 7.38 13.09
C GLY A 506 -1.38 6.67 14.41
N SER A 507 -1.53 7.41 15.51
CA SER A 507 -1.35 6.85 16.84
C SER A 507 -2.70 6.50 17.45
N LEU A 508 -2.68 6.01 18.68
CA LEU A 508 -3.93 5.74 19.39
C LEU A 508 -4.56 7.00 19.94
N THR A 509 -3.92 8.15 19.79
CA THR A 509 -4.46 9.44 20.24
C THR A 509 -5.08 10.24 19.10
N ARG A 510 -4.41 10.32 17.95
CA ARG A 510 -5.00 10.98 16.80
C ARG A 510 -6.23 10.25 16.30
N ARG A 511 -6.18 8.91 16.27
CA ARG A 511 -7.34 8.12 15.91
C ARG A 511 -8.52 8.45 16.80
N PHE A 512 -8.29 8.51 18.11
CA PHE A 512 -9.36 8.85 19.05
C PHE A 512 -9.89 10.25 18.78
N ALA A 513 -8.99 11.21 18.60
CA ALA A 513 -9.40 12.60 18.38
C ALA A 513 -10.27 12.73 17.14
N VAL A 514 -9.98 11.95 16.09
CA VAL A 514 -10.76 12.08 14.86
C VAL A 514 -12.07 11.28 14.95
N LEU A 515 -12.02 10.08 15.52
CA LEU A 515 -13.22 9.25 15.61
C LEU A 515 -14.25 9.86 16.54
N VAL A 516 -13.82 10.50 17.62
CA VAL A 516 -14.78 11.15 18.51
C VAL A 516 -15.45 12.32 17.81
N LEU A 517 -14.68 13.08 17.02
CA LEU A 517 -15.26 14.17 16.24
C LEU A 517 -16.31 13.65 15.27
N LEU A 518 -15.98 12.58 14.53
CA LEU A 518 -16.93 12.02 13.58
C LEU A 518 -18.18 11.51 14.29
N LEU A 519 -18.01 10.84 15.43
CA LEU A 519 -19.15 10.34 16.19
C LEU A 519 -20.04 11.49 16.65
N CYS A 520 -19.44 12.54 17.19
CA CYS A 520 -20.22 13.68 17.67
C CYS A 520 -20.98 14.34 16.53
N LEU A 521 -20.32 14.55 15.39
CA LEU A 521 -20.97 15.18 14.26
C LEU A 521 -22.16 14.34 13.76
N PHE A 522 -21.92 13.07 13.48
CA PHE A 522 -22.96 12.21 12.92
C PHE A 522 -23.98 11.75 13.96
N GLY A 523 -23.77 12.05 15.24
CA GLY A 523 -24.80 11.82 16.23
C GLY A 523 -25.68 13.05 16.37
N LEU A 524 -25.05 14.23 16.35
CA LEU A 524 -25.83 15.47 16.41
C LEU A 524 -26.72 15.61 15.18
N ILE A 525 -26.20 15.26 14.00
CA ILE A 525 -27.01 15.35 12.80
C ILE A 525 -28.20 14.39 12.86
N MET A 526 -27.97 13.18 13.37
CA MET A 526 -29.06 12.21 13.46
C MET A 526 -30.10 12.63 14.49
N VAL A 527 -29.67 13.22 15.60
CA VAL A 527 -30.63 13.68 16.59
C VAL A 527 -31.40 14.88 16.07
N LEU A 528 -30.77 15.73 15.25
CA LEU A 528 -31.48 16.87 14.69
C LEU A 528 -32.42 16.47 13.57
N LEU A 529 -32.15 15.35 12.88
CA LEU A 529 -33.06 14.88 11.85
C LEU A 529 -34.23 14.08 12.44
N ARG A 530 -33.91 13.08 13.27
CA ARG A 530 -34.95 12.25 13.87
C ARG A 530 -35.92 13.09 14.69
N ARG A 531 -35.43 13.75 15.73
CA ARG A 531 -36.22 14.69 16.49
C ARG A 531 -36.03 16.10 15.93
N GLY A 532 -37.11 16.90 15.99
CA GLY A 532 -37.10 18.19 15.35
C GLY A 532 -36.09 19.17 15.91
N ARG A 533 -35.61 18.94 17.12
CA ARG A 533 -34.76 19.92 17.80
C ARG A 533 -34.05 19.23 18.97
N VAL A 534 -33.30 20.03 19.72
CA VAL A 534 -32.68 19.60 20.97
C VAL A 534 -33.15 20.58 22.05
N PRO A 535 -34.06 20.18 22.93
CA PRO A 535 -34.63 21.14 23.90
C PRO A 535 -33.57 21.63 24.87
N GLY A 536 -33.52 22.95 25.04
CA GLY A 536 -32.53 23.63 25.87
C GLY A 536 -31.52 24.43 25.08
N ALA A 537 -31.18 23.99 23.88
CA ALA A 537 -30.24 24.68 23.01
C ALA A 537 -30.99 25.25 21.80
N VAL A 538 -30.59 26.44 21.38
CA VAL A 538 -31.21 27.07 20.23
C VAL A 538 -30.81 26.32 18.97
N SER A 539 -31.80 25.91 18.18
CA SER A 539 -31.55 25.13 16.98
C SER A 539 -31.11 25.96 15.79
N GLY A 540 -31.05 27.28 15.94
CA GLY A 540 -30.58 28.15 14.88
C GLY A 540 -29.08 28.00 14.65
N PRO A 541 -28.28 28.44 15.62
CA PRO A 541 -26.82 28.31 15.46
C PRO A 541 -26.30 26.89 15.50
N LEU A 542 -27.07 25.94 16.01
CA LEU A 542 -26.60 24.56 16.06
C LEU A 542 -26.50 23.96 14.66
N TRP A 543 -27.48 24.26 13.80
CA TRP A 543 -27.42 23.78 12.43
C TRP A 543 -26.21 24.35 11.70
N ARG A 544 -25.88 25.62 11.96
CA ARG A 544 -24.71 26.22 11.34
C ARG A 544 -23.42 25.65 11.91
N LEU A 545 -23.39 25.33 13.20
CA LEU A 545 -22.21 24.70 13.78
C LEU A 545 -21.97 23.32 13.19
N CYS A 546 -23.04 22.58 12.88
CA CYS A 546 -22.86 21.28 12.23
C CYS A 546 -22.48 21.42 10.76
N GLY A 547 -23.14 22.35 10.05
CA GLY A 547 -22.81 22.56 8.65
C GLY A 547 -21.41 23.07 8.43
N SER A 548 -20.88 23.86 9.37
CA SER A 548 -19.50 24.33 9.24
C SER A 548 -18.53 23.16 9.24
N THR A 549 -18.69 22.24 10.18
CA THR A 549 -17.83 21.06 10.23
C THR A 549 -18.00 20.19 8.99
N ALA A 550 -19.26 20.00 8.55
CA ALA A 550 -19.49 19.17 7.37
C ALA A 550 -18.82 19.76 6.13
N ILE A 551 -19.03 21.05 5.88
CA ILE A 551 -18.45 21.68 4.71
C ILE A 551 -16.93 21.77 4.83
N GLY A 552 -16.40 21.91 6.05
CA GLY A 552 -14.96 21.91 6.21
C GLY A 552 -14.35 20.56 5.89
N LEU A 553 -15.02 19.48 6.29
CA LEU A 553 -14.56 18.15 5.92
C LEU A 553 -14.68 17.91 4.42
N LEU A 554 -15.71 18.48 3.79
CA LEU A 554 -15.87 18.31 2.34
C LEU A 554 -14.88 19.13 1.54
N LEU A 555 -14.42 20.26 2.08
CA LEU A 555 -13.50 21.13 1.36
C LEU A 555 -12.08 20.58 1.33
N LEU A 556 -11.77 19.61 2.18
CA LEU A 556 -10.40 19.07 2.23
C LEU A 556 -10.07 18.17 1.06
N ILE A 557 -10.92 18.11 0.02
CA ILE A 557 -10.63 17.28 -1.14
C ILE A 557 -9.71 17.99 -2.12
N LEU A 558 -9.69 19.32 -2.12
CA LEU A 558 -8.93 20.09 -3.10
C LEU A 558 -7.49 20.36 -2.69
N THR A 559 -7.07 19.90 -1.51
CA THR A 559 -5.69 20.14 -1.10
C THR A 559 -4.73 19.20 -1.83
N PRO A 560 -3.51 19.66 -2.10
CA PRO A 560 -2.55 18.82 -2.84
C PRO A 560 -1.93 17.72 -1.97
N THR A 561 -1.71 18.02 -0.70
CA THR A 561 -1.13 17.06 0.24
C THR A 561 -2.19 16.65 1.26
N LYS A 562 -2.20 15.38 1.62
CA LYS A 562 -3.27 14.79 2.43
C LYS A 562 -2.71 13.96 3.57
N TRP A 563 -1.76 14.53 4.30
CA TRP A 563 -1.23 13.85 5.49
C TRP A 563 -2.31 13.73 6.56
N ALA A 564 -1.98 13.02 7.62
CA ALA A 564 -2.92 12.81 8.71
C ALA A 564 -2.82 13.86 9.80
N ILE A 565 -1.75 14.66 9.82
CA ILE A 565 -1.59 15.72 10.81
C ILE A 565 -2.41 16.95 10.49
N GLN A 566 -2.96 17.03 9.28
CA GLN A 566 -3.77 18.19 8.89
C GLN A 566 -5.15 18.18 9.54
N PHE A 567 -5.48 17.16 10.33
CA PHE A 567 -6.75 17.14 11.06
C PHE A 567 -6.72 18.03 12.29
N GLY A 568 -5.60 18.70 12.57
CA GLY A 568 -5.51 19.58 13.71
C GLY A 568 -6.23 20.89 13.57
N ALA A 569 -6.75 21.19 12.38
CA ALA A 569 -7.52 22.40 12.16
C ALA A 569 -8.95 22.30 12.65
N PHE A 570 -9.36 21.13 13.15
CA PHE A 570 -10.71 20.93 13.69
C PHE A 570 -10.70 20.85 15.21
N ALA A 571 -9.59 21.20 15.86
CA ALA A 571 -9.50 21.11 17.31
C ALA A 571 -10.31 22.20 18.01
N GLY A 572 -10.75 23.23 17.28
CA GLY A 572 -11.61 24.23 17.86
C GLY A 572 -13.07 23.84 17.74
N LEU A 573 -13.41 23.15 16.65
CA LEU A 573 -14.78 22.67 16.49
C LEU A 573 -15.05 21.44 17.35
N ALA A 574 -14.03 20.61 17.58
CA ALA A 574 -14.23 19.40 18.38
C ALA A 574 -14.58 19.74 19.82
N GLY A 575 -13.92 20.75 20.40
CA GLY A 575 -14.22 21.13 21.77
C GLY A 575 -15.61 21.70 21.95
N ALA A 576 -16.11 22.43 20.95
CA ALA A 576 -17.46 22.98 21.02
C ALA A 576 -18.51 21.95 20.64
N LEU A 577 -18.14 20.90 19.92
CA LEU A 577 -19.08 19.86 19.54
C LEU A 577 -19.24 18.78 20.61
N GLY A 578 -18.16 18.46 21.32
CA GLY A 578 -18.25 17.42 22.35
C GLY A 578 -19.18 17.82 23.48
N GLY A 579 -19.12 19.07 23.91
CA GLY A 579 -19.98 19.52 24.99
C GLY A 579 -21.45 19.49 24.61
N VAL A 580 -21.78 20.02 23.43
CA VAL A 580 -23.17 20.04 23.01
C VAL A 580 -23.66 18.63 22.71
N THR A 581 -22.78 17.73 22.28
CA THR A 581 -23.20 16.34 22.07
C THR A 581 -23.49 15.65 23.40
N ALA A 582 -22.63 15.83 24.40
CA ALA A 582 -22.88 15.24 25.71
C ALA A 582 -24.07 15.88 26.40
N PHE A 583 -24.43 17.11 26.04
CA PHE A 583 -25.64 17.70 26.59
C PHE A 583 -26.89 17.20 25.88
N ALA A 584 -26.81 17.01 24.55
CA ALA A 584 -27.98 16.58 23.80
C ALA A 584 -28.30 15.11 24.07
N PHE A 585 -27.28 14.28 24.23
CA PHE A 585 -27.52 12.86 24.48
C PHE A 585 -27.97 12.60 25.92
N ALA A 586 -27.74 13.54 26.83
CA ALA A 586 -28.13 13.34 28.23
C ALA A 586 -29.63 13.11 28.37
N ARG A 587 -30.43 13.74 27.51
CA ARG A 587 -31.87 13.53 27.54
C ARG A 587 -32.31 12.39 26.64
N VAL A 588 -31.65 12.21 25.50
CA VAL A 588 -32.00 11.13 24.58
C VAL A 588 -31.77 9.77 25.23
N GLY A 589 -30.76 9.67 26.11
CA GLY A 589 -30.47 8.40 26.75
C GLY A 589 -31.12 8.24 28.11
N LEU A 590 -31.75 9.30 28.60
CA LEU A 590 -32.40 9.26 29.91
C LEU A 590 -33.81 8.70 29.85
N HIS A 591 -34.52 8.90 28.74
CA HIS A 591 -35.89 8.44 28.60
C HIS A 591 -36.00 7.18 27.74
N SER A 592 -34.89 6.46 27.56
CA SER A 592 -34.89 5.22 26.81
C SER A 592 -33.65 4.42 27.19
N ARG A 593 -33.84 3.15 27.51
CA ARG A 593 -32.75 2.34 28.04
C ARG A 593 -31.86 1.77 26.94
N ARG A 594 -32.29 1.78 25.68
CA ARG A 594 -31.48 1.21 24.62
C ARG A 594 -30.59 2.24 23.93
N ASN A 595 -31.00 3.51 23.92
CA ASN A 595 -30.14 4.55 23.36
C ASN A 595 -28.87 4.70 24.18
N LEU A 596 -28.98 4.56 25.51
CA LEU A 596 -27.79 4.58 26.35
C LEU A 596 -26.84 3.45 26.01
N ALA A 597 -27.38 2.24 25.79
CA ALA A 597 -26.55 1.11 25.44
C ALA A 597 -25.89 1.30 24.08
N LEU A 598 -26.62 1.86 23.11
CA LEU A 598 -26.03 2.14 21.81
C LEU A 598 -24.91 3.17 21.92
N TYR A 599 -25.13 4.23 22.69
CA TYR A 599 -24.09 5.23 22.93
C TYR A 599 -22.84 4.59 23.54
N VAL A 600 -23.04 3.76 24.57
CA VAL A 600 -21.90 3.17 25.27
C VAL A 600 -21.15 2.20 24.37
N THR A 601 -21.88 1.42 23.55
CA THR A 601 -21.20 0.46 22.69
C THR A 601 -20.51 1.17 21.52
N ALA A 602 -21.04 2.30 21.06
CA ALA A 602 -20.31 3.09 20.06
C ALA A 602 -19.02 3.63 20.64
N LEU A 603 -19.07 4.17 21.86
CA LEU A 603 -17.84 4.63 22.50
C LEU A 603 -16.85 3.49 22.69
N LEU A 604 -17.33 2.30 23.07
CA LEU A 604 -16.44 1.17 23.28
C LEU A 604 -15.83 0.67 21.97
N PHE A 605 -16.58 0.71 20.88
CA PHE A 605 -16.01 0.31 19.59
C PHE A 605 -15.00 1.33 19.10
N ILE A 606 -15.26 2.62 19.34
CA ILE A 606 -14.27 3.65 19.01
C ILE A 606 -12.98 3.42 19.80
N LEU A 607 -13.11 3.10 21.09
CA LEU A 607 -11.94 2.80 21.90
C LEU A 607 -11.21 1.57 21.36
N ALA A 608 -11.96 0.53 20.97
CA ALA A 608 -11.33 -0.68 20.45
C ALA A 608 -10.55 -0.40 19.17
N TRP A 609 -11.12 0.41 18.27
CA TRP A 609 -10.40 0.73 17.04
C TRP A 609 -9.21 1.62 17.29
N ALA A 610 -9.34 2.59 18.20
CA ALA A 610 -8.23 3.50 18.46
C ALA A 610 -7.06 2.79 19.14
N THR A 611 -7.36 1.88 20.06
CA THR A 611 -6.32 1.28 20.90
C THR A 611 -5.48 0.23 20.16
N SER A 612 -5.77 -0.02 18.88
CA SER A 612 -5.03 -1.01 18.10
C SER A 612 -3.78 -0.44 17.45
N GLY A 613 -3.36 0.76 17.83
CA GLY A 613 -2.18 1.38 17.27
C GLY A 613 -1.12 1.62 18.33
N LEU A 614 0.02 2.13 17.87
CA LEU A 614 1.13 2.43 18.75
C LEU A 614 0.85 3.69 19.55
N ASN A 615 1.81 4.11 20.37
CA ASN A 615 1.75 5.35 21.13
C ASN A 615 3.01 6.16 20.91
N GLY A 616 3.44 6.25 19.65
CA GLY A 616 4.63 6.96 19.28
C GLY A 616 4.31 8.38 18.83
N TRP A 617 5.28 9.28 19.02
CA TRP A 617 5.08 10.70 18.72
C TRP A 617 5.95 11.17 17.56
N PHE A 618 7.27 11.05 17.68
CA PHE A 618 8.19 11.47 16.61
C PHE A 618 9.58 10.97 16.96
N TYR A 619 10.56 11.42 16.18
CA TYR A 619 11.97 11.10 16.29
C TYR A 619 12.50 11.11 17.71
N VAL A 620 12.42 12.26 18.38
CA VAL A 620 13.00 12.39 19.73
C VAL A 620 11.93 12.30 20.82
N GLY A 621 10.69 12.68 20.54
CA GLY A 621 9.65 12.64 21.54
C GLY A 621 9.20 11.26 21.95
N ASN A 622 9.96 10.24 21.56
CA ASN A 622 9.67 8.86 21.89
C ASN A 622 10.54 8.31 23.00
N TYR A 623 11.52 9.06 23.48
CA TYR A 623 12.47 8.57 24.48
C TYR A 623 11.76 8.46 25.82
N GLY A 624 11.35 7.25 26.19
CA GLY A 624 10.71 6.99 27.47
C GLY A 624 9.22 6.77 27.41
N VAL A 625 8.58 7.02 26.28
CA VAL A 625 7.13 6.80 26.18
C VAL A 625 6.84 5.31 26.30
N PRO A 626 5.87 4.90 27.12
CA PRO A 626 5.71 3.47 27.45
C PRO A 626 5.48 2.55 26.25
N TRP A 627 4.38 2.71 25.52
CA TRP A 627 4.07 1.84 24.40
C TRP A 627 4.43 2.50 23.06
N PHE A 628 5.70 2.79 22.87
CA PHE A 628 6.11 3.53 21.69
C PHE A 628 6.44 2.65 20.50
N ASP A 629 6.56 1.33 20.69
CA ASP A 629 6.91 0.42 19.62
C ASP A 629 5.97 -0.76 19.47
N LYS A 630 5.13 -1.06 20.45
CA LYS A 630 4.18 -2.15 20.39
C LYS A 630 2.81 -1.64 20.78
N GLN A 631 1.78 -2.38 20.36
CA GLN A 631 0.44 -1.97 20.75
C GLN A 631 0.18 -2.34 22.21
N PRO A 632 -0.66 -1.58 22.90
CA PRO A 632 -0.75 -1.72 24.36
C PRO A 632 -1.24 -3.09 24.80
N VAL A 633 -0.60 -3.61 25.86
CA VAL A 633 -1.03 -4.83 26.53
C VAL A 633 -1.03 -4.54 28.03
N ILE A 634 -1.85 -5.29 28.76
CA ILE A 634 -1.94 -5.11 30.21
C ILE A 634 -0.93 -6.02 30.90
N ALA A 635 -1.13 -7.33 30.81
CA ALA A 635 -0.11 -8.29 31.25
C ALA A 635 0.42 -9.11 30.08
N HIS A 636 -0.46 -9.82 29.37
CA HIS A 636 -0.08 -10.50 28.14
C HIS A 636 -1.16 -10.45 27.05
N TYR A 637 -2.37 -10.00 27.36
CA TYR A 637 -3.44 -9.97 26.37
C TYR A 637 -3.50 -8.63 25.67
N PRO A 638 -3.79 -8.61 24.37
CA PRO A 638 -3.93 -7.34 23.66
C PRO A 638 -5.21 -6.62 24.10
N VAL A 639 -5.04 -5.39 24.58
CA VAL A 639 -6.17 -4.62 25.09
C VAL A 639 -7.10 -4.16 23.99
N THR A 640 -6.74 -4.37 22.73
CA THR A 640 -7.61 -4.03 21.61
C THR A 640 -8.70 -5.06 21.37
N THR A 641 -8.73 -6.14 22.13
CA THR A 641 -9.76 -7.17 22.01
C THR A 641 -10.75 -7.17 23.17
N ILE A 642 -10.29 -6.80 24.37
CA ILE A 642 -11.20 -6.63 25.49
C ILE A 642 -12.29 -5.63 25.15
N PHE A 643 -11.90 -4.50 24.56
CA PHE A 643 -12.88 -3.49 24.18
C PHE A 643 -13.81 -4.00 23.09
N LEU A 644 -13.32 -4.84 22.18
CA LEU A 644 -14.18 -5.36 21.13
C LEU A 644 -15.22 -6.33 21.69
N VAL A 645 -14.80 -7.22 22.58
CA VAL A 645 -15.77 -8.14 23.17
C VAL A 645 -16.76 -7.40 24.05
N LEU A 646 -16.30 -6.33 24.72
CA LEU A 646 -17.23 -5.53 25.51
C LEU A 646 -18.22 -4.78 24.62
N ALA A 647 -17.77 -4.30 23.47
CA ALA A 647 -18.67 -3.62 22.55
C ALA A 647 -19.69 -4.59 21.97
N ILE A 648 -19.28 -5.83 21.68
CA ILE A 648 -20.21 -6.82 21.17
C ILE A 648 -21.22 -7.22 22.25
N VAL A 649 -20.76 -7.33 23.50
CA VAL A 649 -21.68 -7.58 24.61
C VAL A 649 -22.70 -6.46 24.73
N GLY A 650 -22.23 -5.20 24.63
CA GLY A 650 -23.15 -4.07 24.70
C GLY A 650 -24.14 -4.05 23.54
N GLY A 651 -23.68 -4.46 22.35
CA GLY A 651 -24.59 -4.54 21.22
C GLY A 651 -25.65 -5.61 21.39
N LEU A 652 -25.25 -6.76 21.94
CA LEU A 652 -26.24 -7.80 22.25
C LEU A 652 -27.23 -7.32 23.30
N LEU A 653 -26.75 -6.59 24.31
CA LEU A 653 -27.65 -6.04 25.31
C LEU A 653 -28.63 -5.03 24.70
N ALA A 654 -28.15 -4.20 23.78
CA ALA A 654 -29.03 -3.26 23.10
C ALA A 654 -30.05 -3.97 22.24
N GLY A 655 -29.65 -5.06 21.58
CA GLY A 655 -30.60 -5.85 20.82
C GLY A 655 -31.66 -6.48 21.70
N TRP A 656 -31.25 -6.99 22.86
CA TRP A 656 -32.22 -7.56 23.80
C TRP A 656 -33.18 -6.49 24.30
N LEU A 657 -32.68 -5.30 24.58
CA LEU A 657 -33.56 -4.21 25.00
C LEU A 657 -34.47 -3.74 23.87
N HIS A 658 -34.05 -3.92 22.61
CA HIS A 658 -34.91 -3.60 21.48
C HIS A 658 -36.00 -4.65 21.28
N PHE A 659 -35.68 -5.91 21.55
CA PHE A 659 -36.63 -7.02 21.40
C PHE A 659 -37.67 -7.06 22.51
N ARG A 660 -37.82 -6.06 23.37
CA ARG A 660 -38.75 -6.12 24.49
C ARG A 660 -39.77 -4.99 24.51
N MET A 661 -39.72 -4.05 23.57
CA MET A 661 -40.72 -3.00 23.54
C MET A 661 -42.06 -3.47 22.99
N ASP A 662 -42.16 -4.74 22.58
CA ASP A 662 -43.44 -5.32 22.15
C ASP A 662 -44.12 -6.11 23.24
N TYR A 663 -43.38 -6.56 24.26
CA TYR A 663 -43.93 -7.36 25.34
C TYR A 663 -44.06 -6.58 26.64
N ALA A 664 -42.98 -5.94 27.08
CA ALA A 664 -43.01 -5.15 28.31
C ALA A 664 -43.59 -3.75 28.12
N GLY A 665 -43.85 -3.35 26.88
CA GLY A 665 -44.41 -2.03 26.62
C GLY A 665 -43.41 -0.90 26.83
N HIS A 666 -43.76 0.30 26.38
CA HIS A 666 -42.89 1.46 26.56
C HIS A 666 -42.86 1.86 28.04
N THR A 667 -41.68 1.79 28.64
CA THR A 667 -41.51 2.04 30.06
C THR A 667 -40.76 3.34 30.30
N GLU A 668 -41.31 4.18 31.16
CA GLU A 668 -40.60 5.36 31.66
C GLU A 668 -39.51 4.90 32.62
N VAL A 669 -38.29 5.40 32.41
CA VAL A 669 -37.14 4.87 33.13
C VAL A 669 -37.03 5.51 34.51
N ALA A 670 -36.71 6.80 34.55
CA ALA A 670 -36.59 7.55 35.80
C ALA A 670 -36.14 8.99 35.52
N ASP A 671 -36.16 9.82 36.55
CA ASP A 671 -35.45 11.11 36.51
C ASP A 671 -35.05 11.42 37.95
N THR A 672 -33.83 11.04 38.32
CA THR A 672 -33.33 11.30 39.65
C THR A 672 -31.91 11.87 39.59
N GLY A 673 -31.26 12.00 40.74
CA GLY A 673 -29.89 12.48 40.77
C GLY A 673 -28.87 11.46 40.31
N ARG A 674 -29.24 10.19 40.20
CA ARG A 674 -28.36 9.15 39.72
C ARG A 674 -28.65 8.74 38.28
N ASN A 675 -29.92 8.70 37.88
CA ASN A 675 -30.26 8.35 36.51
C ASN A 675 -29.78 9.39 35.51
N ARG A 676 -29.59 10.63 35.96
CA ARG A 676 -28.97 11.67 35.14
C ARG A 676 -27.46 11.69 35.29
N ALA A 677 -26.89 10.84 36.15
CA ALA A 677 -25.45 10.82 36.37
C ALA A 677 -24.73 9.87 35.43
N LEU A 678 -25.35 8.76 35.04
CA LEU A 678 -24.73 7.84 34.10
C LEU A 678 -25.09 8.12 32.66
N ALA A 679 -26.02 9.04 32.42
CA ALA A 679 -26.46 9.37 31.07
C ALA A 679 -25.68 10.51 30.45
N SER A 680 -24.72 11.11 31.17
CA SER A 680 -23.93 12.21 30.66
C SER A 680 -22.43 12.09 30.91
N THR A 681 -21.99 11.23 31.82
CA THR A 681 -20.58 11.01 32.09
C THR A 681 -19.83 10.28 30.96
N PRO A 682 -20.47 9.41 30.17
CA PRO A 682 -19.78 8.91 28.97
C PRO A 682 -19.32 10.05 28.07
N LEU A 683 -18.20 9.82 27.41
CA LEU A 683 -17.49 10.79 26.57
C LEU A 683 -16.79 11.82 27.45
N LEU A 684 -17.06 11.80 28.75
CA LEU A 684 -16.21 12.50 29.71
C LEU A 684 -15.22 11.55 30.35
N ILE A 685 -15.67 10.34 30.69
CA ILE A 685 -14.78 9.36 31.30
C ILE A 685 -13.64 9.00 30.33
N VAL A 686 -13.98 8.65 29.09
CA VAL A 686 -12.96 8.21 28.15
C VAL A 686 -12.08 9.37 27.71
N ALA A 687 -12.63 10.58 27.61
CA ALA A 687 -11.82 11.73 27.26
C ALA A 687 -10.83 12.06 28.36
N THR A 688 -11.27 12.00 29.63
CA THR A 688 -10.36 12.21 30.74
C THR A 688 -9.28 11.12 30.77
N ILE A 689 -9.66 9.88 30.47
CA ILE A 689 -8.68 8.80 30.46
C ILE A 689 -7.62 9.06 29.39
N MET A 690 -8.05 9.48 28.19
CA MET A 690 -7.09 9.73 27.12
C MET A 690 -6.19 10.93 27.44
N VAL A 691 -6.75 11.97 28.05
CA VAL A 691 -5.94 13.14 28.39
C VAL A 691 -4.92 12.78 29.46
N VAL A 692 -5.34 12.03 30.49
CA VAL A 692 -4.41 11.59 31.52
C VAL A 692 -3.33 10.70 30.93
N LEU A 693 -3.70 9.85 29.97
CA LEU A 693 -2.71 9.00 29.32
C LEU A 693 -1.66 9.82 28.58
N GLU A 694 -2.09 10.73 27.71
CA GLU A 694 -1.14 11.48 26.91
C GLU A 694 -0.43 12.58 27.68
N LEU A 695 -0.87 12.90 28.89
CA LEU A 695 -0.09 13.79 29.74
C LEU A 695 0.88 13.04 30.64
N GLY A 696 0.47 11.88 31.16
CA GLY A 696 1.34 11.10 32.00
C GLY A 696 2.46 10.42 31.23
N SER A 697 2.19 10.02 29.99
CA SER A 697 3.25 9.42 29.19
C SER A 697 4.37 10.40 28.87
N MET A 698 4.11 11.69 28.98
CA MET A 698 5.13 12.71 28.79
C MET A 698 5.71 13.24 30.10
N VAL A 699 4.92 13.25 31.18
CA VAL A 699 5.47 13.66 32.46
C VAL A 699 6.38 12.58 33.04
N LYS A 700 6.00 11.31 32.88
CA LYS A 700 6.80 10.21 33.41
C LYS A 700 8.07 10.02 32.60
N ALA A 701 7.99 10.15 31.28
CA ALA A 701 9.18 10.03 30.44
C ALA A 701 10.23 11.05 30.80
N THR A 702 9.80 12.23 31.29
CA THR A 702 10.73 13.28 31.70
C THR A 702 11.20 13.11 33.14
N VAL A 703 10.30 12.75 34.06
CA VAL A 703 10.70 12.58 35.46
C VAL A 703 11.66 11.41 35.59
N GLY A 704 11.26 10.23 35.11
CA GLY A 704 12.20 9.16 34.94
C GLY A 704 13.20 9.47 33.85
N ARG A 705 14.29 8.76 33.78
CA ARG A 705 15.13 9.14 32.64
C ARG A 705 15.53 10.60 32.85
N TYR A 706 16.11 10.94 33.96
CA TYR A 706 16.51 12.34 34.14
C TYR A 706 17.62 12.27 35.16
N PRO A 707 18.89 12.64 34.89
CA PRO A 707 19.22 13.79 34.13
C PRO A 707 19.68 13.40 32.75
N VAL A 708 18.99 12.48 32.08
CA VAL A 708 19.35 12.01 30.72
C VAL A 708 18.72 12.91 29.67
N TYR A 709 18.46 12.50 28.47
CA TYR A 709 17.97 13.47 27.49
C TYR A 709 16.48 13.31 27.26
N THR A 710 15.76 14.43 27.25
CA THR A 710 14.36 14.48 26.83
C THR A 710 14.08 15.91 26.38
N VAL A 711 12.99 16.08 25.63
CA VAL A 711 12.57 17.42 25.25
C VAL A 711 12.19 18.23 26.49
N GLY A 712 11.63 17.57 27.51
CA GLY A 712 11.35 18.24 28.75
C GLY A 712 12.61 18.74 29.43
N SER A 713 13.66 17.92 29.45
CA SER A 713 14.92 18.32 30.05
C SER A 713 15.55 19.48 29.28
N ALA A 714 15.48 19.43 27.96
CA ALA A 714 16.02 20.52 27.14
C ALA A 714 15.28 21.82 27.43
N ASN A 715 13.95 21.78 27.49
CA ASN A 715 13.19 22.99 27.76
C ASN A 715 13.44 23.51 29.17
N ILE A 716 13.56 22.61 30.14
CA ILE A 716 13.84 23.04 31.51
C ILE A 716 15.21 23.69 31.61
N ALA A 717 16.21 23.14 30.90
CA ALA A 717 17.53 23.74 30.92
C ALA A 717 17.54 25.09 30.22
N ALA A 718 16.78 25.21 29.12
CA ALA A 718 16.68 26.50 28.43
C ALA A 718 15.98 27.54 29.30
N LEU A 719 15.03 27.13 30.12
CA LEU A 719 14.38 28.07 31.02
C LEU A 719 15.30 28.47 32.17
N ARG A 720 16.01 27.50 32.75
CA ARG A 720 16.88 27.80 33.87
C ARG A 720 18.08 28.64 33.46
N SER A 721 18.59 28.44 32.26
CA SER A 721 19.73 29.19 31.76
C SER A 721 19.33 30.46 31.04
N ALA A 722 18.04 30.74 30.93
CA ALA A 722 17.51 31.95 30.30
C ALA A 722 17.87 32.07 28.82
N GLY A 723 18.19 30.94 28.17
CA GLY A 723 18.34 30.96 26.73
C GLY A 723 19.60 30.32 26.16
N ASP A 724 20.74 30.47 26.84
CA ASP A 724 22.02 30.02 26.28
C ASP A 724 22.29 28.58 26.72
N SER A 725 21.68 27.65 26.00
CA SER A 725 21.90 26.22 26.23
C SER A 725 21.45 25.46 24.99
N CYS A 726 22.38 24.71 24.40
CA CYS A 726 22.04 23.89 23.24
C CYS A 726 21.34 22.62 23.70
N ALA A 727 20.27 22.25 23.01
CA ALA A 727 19.42 21.16 23.49
C ALA A 727 20.10 19.81 23.43
N MET A 728 20.46 19.37 22.22
CA MET A 728 21.00 18.03 22.05
C MET A 728 22.50 17.99 21.82
N ALA A 729 23.14 19.13 21.57
CA ALA A 729 24.58 19.17 21.39
C ALA A 729 25.34 19.10 22.72
N ASP A 730 24.65 18.85 23.82
CA ASP A 730 25.29 18.65 25.11
C ASP A 730 25.18 17.22 25.61
N ALA A 731 24.18 16.48 25.18
CA ALA A 731 24.00 15.08 25.55
C ALA A 731 24.65 14.11 24.57
N VAL A 732 25.30 14.62 23.53
CA VAL A 732 25.91 13.80 22.48
C VAL A 732 27.42 13.89 22.63
N LEU A 733 28.08 12.73 22.61
CA LEU A 733 29.53 12.65 22.70
C LEU A 733 30.08 12.15 21.36
N VAL A 734 31.02 12.89 20.79
CA VAL A 734 31.59 12.56 19.50
C VAL A 734 33.02 12.08 19.70
N GLU A 735 33.47 11.20 18.79
CA GLU A 735 34.82 10.67 18.82
C GLU A 735 35.53 11.11 17.54
N ALA A 736 36.34 12.16 17.67
CA ALA A 736 37.26 12.55 16.60
C ALA A 736 38.60 11.85 16.81
N ASP A 737 39.23 11.48 15.69
CA ASP A 737 40.47 10.69 15.70
C ASP A 737 40.23 9.35 16.39
N PRO A 738 39.45 8.43 15.80
CA PRO A 738 39.22 7.10 16.40
C PRO A 738 40.39 6.14 16.17
N ASN A 739 41.61 6.63 16.37
CA ASN A 739 42.80 5.82 16.23
C ASN A 739 43.76 5.94 17.40
N GLU A 740 43.51 6.85 18.35
CA GLU A 740 44.34 6.94 19.54
C GLU A 740 43.82 6.08 20.69
N GLY A 741 42.52 5.78 20.69
CA GLY A 741 41.93 4.89 21.68
C GLY A 741 42.03 3.41 21.36
N MET A 742 42.78 3.04 20.32
CA MET A 742 42.93 1.64 19.97
C MET A 742 43.67 0.90 21.08
N LEU A 743 43.27 -0.35 21.31
CA LEU A 743 43.87 -1.14 22.37
C LEU A 743 45.08 -1.91 21.85
N GLN A 744 45.94 -2.28 22.79
CA GLN A 744 47.23 -2.91 22.51
C GLN A 744 47.34 -4.23 23.24
N PRO A 745 47.79 -5.30 22.58
CA PRO A 745 47.85 -6.61 23.23
C PRO A 745 48.94 -6.66 24.29
N VAL A 746 48.69 -7.43 25.34
CA VAL A 746 49.60 -7.53 26.47
C VAL A 746 50.94 -8.09 26.02
N PRO A 747 52.03 -7.38 26.22
CA PRO A 747 53.34 -7.88 25.75
C PRO A 747 53.72 -9.19 26.41
N GLY A 748 54.40 -10.04 25.66
CA GLY A 748 54.84 -11.32 26.16
C GLY A 748 53.89 -12.45 25.83
N GLN A 749 53.26 -12.37 24.66
CA GLN A 749 52.34 -13.41 24.20
C GLN A 749 52.76 -13.89 22.82
N ARG A 750 52.34 -15.11 22.50
CA ARG A 750 52.61 -15.72 21.21
C ARG A 750 51.32 -15.92 20.44
N PHE A 751 51.40 -15.81 19.13
CA PHE A 751 50.23 -15.69 18.27
C PHE A 751 50.31 -16.73 17.16
N GLY A 752 49.24 -16.79 16.37
CA GLY A 752 49.19 -17.72 15.25
C GLY A 752 49.98 -17.24 14.06
N GLU A 753 49.42 -17.45 12.86
CA GLU A 753 50.12 -17.08 11.64
C GLU A 753 49.92 -15.60 11.30
N TYR A 754 48.73 -15.06 11.58
CA TYR A 754 48.41 -13.70 11.15
C TYR A 754 48.95 -12.66 12.14
N GLY A 755 48.45 -12.68 13.38
CA GLY A 755 48.84 -11.70 14.36
C GLY A 755 48.02 -11.75 15.63
N PRO A 756 48.01 -10.64 16.37
CA PRO A 756 47.30 -10.58 17.67
C PRO A 756 45.80 -10.35 17.52
N LEU A 757 45.17 -11.12 16.63
CA LEU A 757 43.71 -11.16 16.56
C LEU A 757 43.13 -12.55 16.58
N GLY A 758 43.86 -13.57 16.13
CA GLY A 758 43.53 -14.94 16.42
C GLY A 758 44.59 -15.49 17.35
N GLY A 759 44.18 -15.99 18.52
CA GLY A 759 45.13 -16.27 19.58
C GLY A 759 46.20 -17.27 19.22
N GLU A 760 45.85 -18.54 19.09
CA GLU A 760 46.84 -19.54 18.73
C GLU A 760 46.39 -20.44 17.59
N ASP A 761 45.11 -20.78 17.52
CA ASP A 761 44.59 -21.72 16.52
C ASP A 761 43.38 -21.12 15.82
N PRO A 762 43.60 -20.21 14.87
CA PRO A 762 42.49 -19.71 14.05
C PRO A 762 42.02 -20.78 13.10
N VAL A 763 40.75 -21.14 13.20
CA VAL A 763 40.16 -22.20 12.38
C VAL A 763 39.02 -21.59 11.57
N GLY A 764 39.10 -21.73 10.25
CA GLY A 764 38.07 -21.20 9.37
C GLY A 764 37.95 -19.70 9.34
N PHE A 765 38.67 -18.98 10.18
CA PHE A 765 38.65 -17.53 10.20
C PHE A 765 39.86 -16.99 9.45
N THR A 766 39.62 -16.03 8.56
CA THR A 766 40.60 -15.56 7.59
C THR A 766 40.58 -14.04 7.58
N PRO A 767 41.74 -13.40 7.44
CA PRO A 767 41.75 -11.93 7.30
C PRO A 767 40.88 -11.44 6.15
N ASN A 768 41.07 -11.98 4.95
CA ASN A 768 40.17 -11.65 3.83
C ASN A 768 38.93 -12.52 3.88
N GLY A 769 38.26 -12.55 5.03
CA GLY A 769 37.06 -13.35 5.19
C GLY A 769 35.83 -12.50 5.35
N VAL A 770 35.74 -11.42 4.59
CA VAL A 770 34.61 -10.51 4.65
C VAL A 770 34.07 -10.32 3.24
N SER A 771 32.76 -10.07 3.15
CA SER A 771 32.12 -9.87 1.87
C SER A 771 32.45 -8.47 1.34
N ASP A 772 31.89 -8.14 0.18
CA ASP A 772 32.08 -6.83 -0.42
C ASP A 772 30.78 -6.06 -0.51
N THR A 773 29.70 -6.69 -0.95
CA THR A 773 28.38 -6.06 -0.95
C THR A 773 27.73 -6.38 0.40
N LEU A 774 27.79 -5.42 1.32
CA LEU A 774 27.22 -5.58 2.65
C LEU A 774 25.80 -5.02 2.74
N GLU A 775 25.06 -5.04 1.63
CA GLU A 775 23.68 -4.58 1.64
C GLU A 775 22.84 -5.44 2.58
N PRO A 776 21.78 -4.88 3.15
CA PRO A 776 21.02 -5.60 4.17
C PRO A 776 20.23 -6.77 3.60
N ALA A 777 20.10 -7.81 4.42
CA ALA A 777 19.32 -8.97 4.01
C ALA A 777 17.84 -8.64 3.83
N GLU A 778 17.38 -7.53 4.41
CA GLU A 778 16.01 -7.07 4.24
C GLU A 778 16.02 -5.56 4.24
N PRO A 779 15.25 -4.92 3.37
CA PRO A 779 15.22 -3.46 3.31
C PRO A 779 14.37 -2.89 4.45
N VAL A 780 14.18 -1.57 4.41
CA VAL A 780 13.50 -0.90 5.51
C VAL A 780 11.98 -0.92 5.34
N ALA A 781 11.49 -0.75 4.11
CA ALA A 781 10.06 -0.80 3.81
C ALA A 781 9.29 0.24 4.64
N ALA A 782 9.58 1.50 4.35
CA ALA A 782 8.99 2.62 5.06
C ALA A 782 7.46 2.53 5.09
N ASN A 783 6.88 3.00 6.19
CA ASN A 783 5.43 2.98 6.33
C ASN A 783 4.80 4.05 5.45
N PRO A 784 3.60 3.80 4.93
CA PRO A 784 2.92 4.83 4.14
C PRO A 784 2.38 5.94 5.04
N GLY A 785 2.38 7.15 4.50
CA GLY A 785 1.91 8.31 5.23
C GLY A 785 2.98 9.13 5.90
N THR A 786 4.24 8.76 5.75
CA THR A 786 5.32 9.54 6.34
C THR A 786 5.37 10.92 5.66
N PRO A 787 5.42 12.00 6.43
CA PRO A 787 5.30 13.35 5.83
C PRO A 787 6.34 13.67 4.78
N ASN A 788 7.62 13.69 5.16
CA ASN A 788 8.66 14.18 4.26
C ASN A 788 9.31 13.01 3.51
N SER A 789 8.50 12.39 2.64
CA SER A 789 8.98 11.32 1.78
C SER A 789 8.22 11.35 0.48
N ASP A 790 8.94 11.41 -0.64
CA ASP A 790 8.33 11.45 -1.96
C ASP A 790 8.20 10.05 -2.57
N GLY A 791 7.57 9.14 -1.84
CA GLY A 791 7.36 7.80 -2.31
C GLY A 791 6.00 7.62 -2.94
N PRO A 792 5.91 6.81 -3.99
CA PRO A 792 4.61 6.57 -4.63
C PRO A 792 3.67 5.82 -3.71
N VAL A 793 2.42 6.27 -3.66
CA VAL A 793 1.42 5.65 -2.79
C VAL A 793 0.84 4.38 -3.37
N ASP A 794 1.25 3.99 -4.58
CA ASP A 794 0.74 2.81 -5.24
C ASP A 794 1.59 1.57 -4.97
N LYS A 795 2.60 1.67 -4.13
CA LYS A 795 3.53 0.58 -3.86
C LYS A 795 4.33 0.93 -2.61
N PRO A 796 4.83 -0.08 -1.89
CA PRO A 796 5.61 0.21 -0.68
C PRO A 796 6.93 0.89 -1.03
N ASN A 797 7.28 1.89 -0.23
CA ASN A 797 8.53 2.63 -0.42
C ASN A 797 9.67 1.85 0.21
N ILE A 798 10.68 1.53 -0.60
CA ILE A 798 11.77 0.65 -0.19
C ILE A 798 13.09 1.26 -0.64
N GLY A 799 14.06 1.28 0.28
CA GLY A 799 15.40 1.77 -0.04
C GLY A 799 16.43 1.17 0.88
N ILE A 800 17.70 1.43 0.54
CA ILE A 800 18.84 0.98 1.34
C ILE A 800 19.82 2.14 1.48
N GLY A 801 20.69 2.02 2.48
CA GLY A 801 21.66 3.07 2.72
C GLY A 801 22.78 2.61 3.62
N TYR A 802 23.87 3.38 3.58
CA TYR A 802 25.04 3.17 4.43
C TYR A 802 25.48 4.52 4.98
N ALA A 803 26.39 4.50 5.95
CA ALA A 803 26.76 5.77 6.58
C ALA A 803 27.81 6.51 5.76
N ALA A 804 29.04 6.00 5.71
CA ALA A 804 30.05 6.58 4.83
C ALA A 804 30.65 5.53 3.90
N GLY A 805 31.18 4.46 4.49
CA GLY A 805 31.84 3.42 3.75
C GLY A 805 31.55 2.06 4.36
N THR A 806 30.60 2.04 5.28
CA THR A 806 30.16 0.78 5.90
C THR A 806 29.47 -0.06 4.83
N GLY A 807 30.22 -1.01 4.26
CA GLY A 807 29.76 -1.76 3.11
C GLY A 807 30.58 -1.56 1.86
N GLY A 808 31.75 -0.95 1.96
CA GLY A 808 32.55 -0.60 0.81
C GLY A 808 33.27 -1.79 0.21
N GLY A 809 34.33 -1.49 -0.55
CA GLY A 809 35.06 -2.50 -1.28
C GLY A 809 36.45 -2.77 -0.77
N TYR A 810 37.46 -2.23 -1.47
CA TYR A 810 38.85 -2.56 -1.22
C TYR A 810 39.64 -1.31 -0.87
N GLY A 811 40.86 -1.52 -0.42
CA GLY A 811 41.78 -0.46 -0.10
C GLY A 811 43.20 -0.97 -0.01
N PRO A 812 44.10 -0.17 0.55
CA PRO A 812 45.48 -0.62 0.74
C PRO A 812 45.56 -1.83 1.66
N GLU A 813 46.73 -2.44 1.70
CA GLU A 813 46.94 -3.64 2.50
C GLU A 813 46.92 -3.31 3.99
N GLY A 814 46.93 -4.36 4.80
CA GLY A 814 46.97 -4.21 6.24
C GLY A 814 48.10 -5.02 6.87
N VAL A 815 48.13 -5.07 8.20
CA VAL A 815 49.14 -5.86 8.90
C VAL A 815 48.83 -7.35 8.90
N ASN A 816 47.70 -7.76 8.32
CA ASN A 816 47.37 -9.16 8.12
C ASN A 816 47.30 -9.55 6.65
N GLY A 817 47.40 -8.59 5.74
CA GLY A 817 47.23 -8.88 4.33
C GLY A 817 45.81 -8.76 3.84
N SER A 818 45.00 -7.90 4.47
CA SER A 818 43.59 -7.77 4.12
C SER A 818 43.40 -6.65 3.12
N ARG A 819 42.71 -6.96 2.02
CA ARG A 819 42.30 -5.95 1.05
C ARG A 819 40.90 -5.43 1.38
N VAL A 820 40.71 -4.99 2.62
CA VAL A 820 39.42 -4.55 3.12
C VAL A 820 39.49 -3.05 3.40
N PHE A 821 38.41 -2.35 3.08
CA PHE A 821 38.31 -0.92 3.34
C PHE A 821 37.81 -0.71 4.77
N LEU A 822 38.57 0.07 5.53
CA LEU A 822 38.27 0.27 6.95
C LEU A 822 37.49 1.56 7.14
N PRO A 823 36.27 1.50 7.65
CA PRO A 823 35.44 2.71 7.79
C PRO A 823 35.88 3.55 8.98
N PHE A 824 35.15 4.64 9.19
CA PHE A 824 35.30 5.56 10.32
C PHE A 824 36.66 6.25 10.33
N GLY A 825 37.45 6.11 9.29
CA GLY A 825 38.79 6.68 9.29
C GLY A 825 39.81 5.83 10.00
N LEU A 826 39.59 4.52 10.04
CA LEU A 826 40.50 3.60 10.72
C LEU A 826 41.72 3.35 9.83
N ASP A 827 42.90 3.68 10.34
CA ASP A 827 44.13 3.48 9.58
C ASP A 827 44.32 2.00 9.31
N PRO A 828 44.61 1.60 8.07
CA PRO A 828 44.81 0.17 7.77
C PRO A 828 46.19 -0.34 8.19
N SER A 829 47.17 0.53 8.35
CA SER A 829 48.51 0.12 8.77
C SER A 829 48.60 -0.24 10.24
N ARG A 830 47.50 -0.11 11.00
CA ARG A 830 47.50 -0.39 12.43
C ARG A 830 46.37 -1.29 12.87
N THR A 831 45.48 -1.68 11.97
CA THR A 831 44.21 -2.31 12.35
C THR A 831 44.04 -3.65 11.62
N PRO A 832 44.36 -4.76 12.26
CA PRO A 832 44.13 -6.07 11.64
C PRO A 832 42.65 -6.37 11.52
N VAL A 833 42.34 -7.40 10.73
CA VAL A 833 40.97 -7.82 10.48
C VAL A 833 40.95 -9.34 10.38
N MET A 834 39.88 -9.96 10.90
CA MET A 834 39.66 -11.38 10.76
C MET A 834 38.19 -11.62 10.45
N GLY A 835 37.92 -12.49 9.47
CA GLY A 835 36.57 -12.73 9.03
C GLY A 835 36.31 -14.20 8.77
N SER A 836 35.05 -14.51 8.45
CA SER A 836 34.61 -15.89 8.27
C SER A 836 33.69 -16.05 7.08
N TYR A 837 33.89 -15.29 6.01
CA TYR A 837 33.09 -15.39 4.81
C TYR A 837 33.70 -16.43 3.87
N GLY A 838 32.85 -17.32 3.35
CA GLY A 838 33.28 -18.33 2.41
C GLY A 838 33.55 -19.69 3.01
N GLU A 839 33.41 -19.85 4.32
CA GLU A 839 33.60 -21.14 4.97
C GLU A 839 32.23 -21.78 5.18
N ASN A 840 31.69 -22.33 4.11
CA ASN A 840 30.36 -22.94 4.13
C ASN A 840 30.41 -24.45 4.33
N LYS A 841 31.56 -25.00 4.72
CA LYS A 841 31.65 -26.42 4.99
C LYS A 841 32.49 -26.75 6.21
N LEU A 842 32.73 -25.79 7.10
CA LEU A 842 33.64 -26.01 8.21
C LEU A 842 33.01 -25.78 9.58
N ALA A 843 32.24 -24.70 9.75
CA ALA A 843 31.62 -24.34 11.03
C ALA A 843 32.70 -24.21 12.12
N ALA A 844 33.58 -23.23 11.91
CA ALA A 844 34.80 -23.10 12.67
C ALA A 844 34.83 -21.78 13.44
N LYS A 845 35.67 -21.74 14.46
CA LYS A 845 35.66 -20.71 15.50
C LYS A 845 36.99 -19.97 15.54
N ALA A 846 37.13 -19.07 16.50
CA ALA A 846 38.35 -18.30 16.69
C ALA A 846 38.34 -17.66 18.07
N THR A 847 39.54 -17.38 18.58
CA THR A 847 39.73 -16.73 19.87
C THR A 847 40.93 -15.82 19.80
N SER A 848 40.82 -14.65 20.42
CA SER A 848 41.82 -13.60 20.29
C SER A 848 42.75 -13.58 21.50
N ALA A 849 43.67 -12.61 21.51
CA ALA A 849 44.63 -12.43 22.58
C ALA A 849 44.19 -11.28 23.48
N TRP A 850 44.64 -11.32 24.73
CA TRP A 850 44.22 -10.33 25.71
C TRP A 850 44.74 -8.95 25.35
N TYR A 851 43.86 -7.95 25.40
CA TYR A 851 44.21 -6.56 25.13
C TYR A 851 44.14 -5.76 26.41
N GLN A 852 45.16 -4.94 26.65
CA GLN A 852 45.24 -4.18 27.90
C GLN A 852 44.17 -3.10 27.93
N LEU A 853 43.95 -2.55 29.12
CA LEU A 853 42.93 -1.54 29.35
C LEU A 853 43.51 -0.35 30.10
N PRO A 854 43.12 0.86 29.76
CA PRO A 854 43.58 2.04 30.50
C PRO A 854 42.95 2.10 31.87
N PRO A 855 43.46 2.95 32.76
CA PRO A 855 42.85 3.06 34.09
C PRO A 855 41.42 3.59 34.00
N ARG A 856 40.62 3.27 35.01
CA ARG A 856 39.22 3.68 35.02
C ARG A 856 39.10 5.19 35.13
N THR A 857 38.20 5.76 34.33
CA THR A 857 37.96 7.19 34.29
C THR A 857 36.50 7.36 33.91
N PRO A 858 35.77 8.27 34.58
CA PRO A 858 34.34 8.45 34.25
C PRO A 858 34.09 9.03 32.87
N ASP A 859 35.11 9.44 32.13
CA ASP A 859 34.95 10.04 30.82
C ASP A 859 35.24 9.06 29.67
N ARG A 860 35.57 7.81 29.97
CA ARG A 860 35.78 6.78 28.96
C ARG A 860 35.02 5.51 29.36
N PRO A 861 33.69 5.56 29.42
CA PRO A 861 32.89 4.42 29.87
C PRO A 861 32.46 3.47 28.75
N LEU A 862 33.41 3.06 27.91
CA LEU A 862 33.04 2.25 26.76
C LEU A 862 34.23 1.46 26.24
N VAL A 863 33.94 0.27 25.72
CA VAL A 863 34.86 -0.51 24.90
C VAL A 863 34.13 -0.82 23.59
N THR A 864 34.77 -0.52 22.47
CA THR A 864 34.05 -0.50 21.20
C THR A 864 34.74 -1.40 20.18
N VAL A 865 33.94 -2.10 19.38
CA VAL A 865 34.41 -3.00 18.33
C VAL A 865 33.64 -2.68 17.06
N ALA A 866 34.24 -2.99 15.91
CA ALA A 866 33.60 -2.81 14.61
C ALA A 866 33.49 -4.17 13.93
N ALA A 867 32.25 -4.64 13.73
CA ALA A 867 32.05 -6.03 13.32
C ALA A 867 31.74 -6.23 11.84
N ALA A 868 30.66 -5.63 11.35
CA ALA A 868 30.18 -5.84 9.99
C ALA A 868 29.95 -7.34 9.70
N GLY A 869 28.99 -7.90 10.42
CA GLY A 869 28.66 -9.31 10.26
C GLY A 869 27.21 -9.61 10.50
N ALA A 870 26.95 -10.78 11.11
CA ALA A 870 25.61 -11.32 11.31
C ALA A 870 25.48 -11.84 12.74
N ILE A 871 25.72 -10.95 13.71
CA ILE A 871 25.91 -11.35 15.10
C ILE A 871 24.56 -11.48 15.83
N TRP A 872 24.49 -12.44 16.75
CA TRP A 872 23.42 -12.56 17.72
C TRP A 872 23.57 -11.49 18.80
N TYR A 873 22.45 -10.85 19.14
CA TYR A 873 22.47 -9.87 20.23
C TYR A 873 21.11 -9.85 20.92
N TYR A 874 21.12 -9.37 22.15
CA TYR A 874 19.92 -9.22 22.97
C TYR A 874 19.55 -7.74 23.04
N GLU A 875 18.30 -7.43 22.72
CA GLU A 875 17.81 -6.06 22.85
C GLU A 875 17.59 -5.74 24.32
N GLU A 876 17.16 -4.51 24.59
CA GLU A 876 16.98 -4.06 25.96
C GLU A 876 15.75 -4.70 26.60
N ASP A 877 14.70 -4.93 25.82
CA ASP A 877 13.49 -5.57 26.32
C ASP A 877 13.60 -7.09 26.36
N GLY A 878 14.80 -7.65 26.19
CA GLY A 878 15.00 -9.08 26.26
C GLY A 878 14.89 -9.81 24.95
N SER A 879 14.40 -9.17 23.89
CA SER A 879 14.25 -9.82 22.61
C SER A 879 15.61 -10.17 22.02
N PHE A 880 15.59 -10.82 20.85
CA PHE A 880 16.81 -11.30 20.23
C PHE A 880 16.69 -11.23 18.71
N ASN A 881 17.83 -11.06 18.06
CA ASN A 881 17.97 -11.16 16.63
C ASN A 881 18.90 -12.33 16.33
N TYR A 882 18.56 -13.13 15.32
CA TYR A 882 19.13 -14.46 15.19
C TYR A 882 20.65 -14.41 15.13
N GLY A 883 21.20 -13.93 14.03
CA GLY A 883 22.64 -13.74 13.94
C GLY A 883 23.54 -14.88 14.40
N GLN A 884 24.79 -14.54 14.72
CA GLN A 884 25.81 -15.48 15.14
C GLN A 884 26.46 -14.98 16.43
N SER A 885 27.38 -15.79 16.96
CA SER A 885 27.89 -15.59 18.32
C SER A 885 29.20 -14.81 18.26
N LEU A 886 29.19 -13.61 18.86
CA LEU A 886 30.40 -12.86 19.18
C LEU A 886 30.27 -12.35 20.60
N LYS A 887 31.34 -12.49 21.39
CA LYS A 887 31.32 -12.11 22.79
C LYS A 887 32.64 -11.43 23.13
N LEU A 888 32.82 -11.12 24.41
CA LEU A 888 34.07 -10.52 24.88
C LEU A 888 34.28 -10.92 26.34
N GLN A 889 35.53 -11.23 26.69
CA GLN A 889 35.88 -11.66 28.03
C GLN A 889 36.69 -10.59 28.74
N TRP A 890 36.44 -10.43 30.04
CA TRP A 890 37.30 -9.61 30.87
C TRP A 890 38.41 -10.48 31.44
N GLY A 891 39.18 -9.95 32.37
CA GLY A 891 40.26 -10.71 32.97
C GLY A 891 41.22 -9.82 33.71
N VAL A 892 41.93 -10.43 34.65
CA VAL A 892 42.89 -9.73 35.49
C VAL A 892 44.27 -10.32 35.22
N HIS A 893 45.11 -9.58 34.51
CA HIS A 893 46.46 -10.02 34.22
C HIS A 893 47.31 -9.88 35.47
N ARG A 894 47.67 -11.01 36.08
CA ARG A 894 48.47 -10.99 37.30
C ARG A 894 49.88 -10.51 36.97
N PRO A 895 50.42 -9.51 37.69
CA PRO A 895 51.79 -9.07 37.46
C PRO A 895 52.79 -10.20 37.66
N ASP A 896 52.75 -10.82 38.85
CA ASP A 896 53.57 -11.99 39.14
C ASP A 896 52.77 -13.27 38.87
N GLY A 897 52.28 -13.38 37.64
CA GLY A 897 51.47 -14.52 37.25
C GLY A 897 50.93 -14.39 35.85
N THR A 898 49.77 -15.00 35.63
CA THR A 898 49.12 -15.01 34.32
C THR A 898 47.68 -14.53 34.46
N TYR A 899 46.93 -14.67 33.37
CA TYR A 899 45.62 -14.05 33.25
C TYR A 899 44.58 -14.79 34.08
N GLN A 900 43.34 -14.31 34.02
CA GLN A 900 42.29 -14.79 34.92
C GLN A 900 41.04 -15.29 34.21
N ALA A 901 40.62 -14.64 33.11
CA ALA A 901 39.44 -15.02 32.35
C ALA A 901 38.18 -15.00 33.23
N LEU A 902 37.82 -13.78 33.63
CA LEU A 902 36.76 -13.58 34.61
C LEU A 902 35.36 -13.95 34.09
N SER A 903 34.88 -13.27 33.06
CA SER A 903 33.49 -13.46 32.66
C SER A 903 33.30 -13.04 31.21
N GLU A 904 32.24 -13.55 30.60
CA GLU A 904 31.88 -13.27 29.22
C GLU A 904 30.73 -12.28 29.13
N VAL A 905 30.69 -11.54 28.03
CA VAL A 905 29.70 -10.49 27.80
C VAL A 905 29.30 -10.48 26.34
N GLN A 906 27.98 -10.47 26.10
CA GLN A 906 27.42 -10.31 24.78
C GLN A 906 27.30 -8.83 24.43
N PRO A 907 27.29 -8.48 23.15
CA PRO A 907 27.33 -7.06 22.77
C PRO A 907 25.95 -6.41 22.76
N ILE A 908 25.97 -5.08 22.87
CA ILE A 908 24.79 -4.24 22.69
C ILE A 908 25.04 -3.35 21.49
N ASP A 909 24.00 -3.18 20.67
CA ASP A 909 24.11 -2.40 19.45
C ASP A 909 22.82 -1.59 19.29
N ILE A 910 22.64 -0.99 18.12
CA ILE A 910 21.53 -0.09 17.88
C ILE A 910 20.68 -0.49 16.68
N PHE A 911 21.15 -1.40 15.83
CA PHE A 911 20.44 -1.71 14.60
C PHE A 911 20.88 -3.07 14.09
N GLN A 912 19.96 -3.75 13.41
CA GLN A 912 20.23 -5.04 12.79
C GLN A 912 20.62 -4.79 11.33
N GLN A 913 21.88 -5.08 10.99
CA GLN A 913 22.39 -4.80 9.66
C GLN A 913 23.64 -5.64 9.42
N LYS A 914 24.10 -5.63 8.17
CA LYS A 914 25.31 -6.35 7.80
C LYS A 914 26.52 -5.44 7.63
N ALA A 915 26.33 -4.14 7.41
CA ALA A 915 27.43 -3.23 7.20
C ALA A 915 28.21 -3.04 8.50
N TRP A 916 29.27 -2.24 8.43
CA TRP A 916 30.09 -1.99 9.60
C TRP A 916 29.30 -1.18 10.63
N ARG A 917 29.68 -1.36 11.90
CA ARG A 917 28.95 -0.77 13.01
C ARG A 917 29.91 -0.65 14.18
N ASN A 918 29.35 -0.42 15.37
CA ASN A 918 30.14 -0.27 16.59
C ASN A 918 29.40 -0.97 17.72
N LEU A 919 29.86 -2.16 18.09
CA LEU A 919 29.36 -2.86 19.26
C LEU A 919 30.02 -2.31 20.51
N ARG A 920 29.23 -2.20 21.57
CA ARG A 920 29.61 -1.47 22.77
C ARG A 920 29.60 -2.39 24.00
N PHE A 921 30.56 -2.15 24.89
CA PHE A 921 30.64 -2.84 26.17
C PHE A 921 30.98 -1.80 27.22
N PRO A 922 29.99 -1.35 28.00
CA PRO A 922 30.26 -0.31 28.99
C PRO A 922 31.18 -0.82 30.09
N LEU A 923 32.05 0.08 30.57
CA LEU A 923 32.98 -0.27 31.64
C LEU A 923 32.30 -0.42 32.99
N ALA A 924 31.01 -0.10 33.09
CA ALA A 924 30.25 -0.40 34.29
C ALA A 924 29.91 -1.88 34.41
N TRP A 925 30.07 -2.64 33.33
CA TRP A 925 29.89 -4.09 33.37
C TRP A 925 31.11 -4.82 33.87
N ALA A 926 32.28 -4.20 33.82
CA ALA A 926 33.51 -4.87 34.19
C ALA A 926 33.82 -4.67 35.67
N PRO A 927 34.29 -5.72 36.35
CA PRO A 927 34.65 -5.60 37.77
C PRO A 927 35.71 -4.53 37.96
N PRO A 928 35.82 -3.98 39.18
CA PRO A 928 36.79 -2.89 39.41
C PRO A 928 38.25 -3.34 39.38
N GLU A 929 38.52 -4.63 39.19
CA GLU A 929 39.90 -5.13 39.17
C GLU A 929 40.31 -5.70 37.83
N ALA A 930 39.43 -5.71 36.83
CA ALA A 930 39.79 -6.21 35.51
C ALA A 930 40.78 -5.26 34.83
N ASN A 931 41.66 -5.83 34.01
CA ASN A 931 42.65 -5.04 33.29
C ASN A 931 42.85 -5.41 31.83
N VAL A 932 42.35 -6.57 31.38
CA VAL A 932 42.58 -7.03 30.01
C VAL A 932 41.26 -7.54 29.43
N ALA A 933 41.23 -7.65 28.10
CA ALA A 933 40.05 -8.10 27.39
C ALA A 933 40.46 -8.85 26.13
N ARG A 934 39.63 -9.81 25.74
CA ARG A 934 39.87 -10.62 24.54
C ARG A 934 38.55 -10.80 23.80
N ILE A 935 38.58 -11.59 22.73
CA ILE A 935 37.44 -11.76 21.84
C ILE A 935 37.23 -13.25 21.56
N VAL A 936 35.97 -13.65 21.44
CA VAL A 936 35.60 -15.05 21.24
C VAL A 936 34.56 -15.12 20.13
N ALA A 937 34.82 -15.95 19.12
CA ALA A 937 33.91 -16.13 17.98
C ALA A 937 33.70 -17.61 17.75
N ASP A 938 32.47 -18.00 17.42
CA ASP A 938 32.14 -19.41 17.22
C ASP A 938 31.75 -19.74 15.79
N ASP A 939 30.73 -19.08 15.24
CA ASP A 939 30.25 -19.30 13.87
C ASP A 939 30.07 -20.78 13.54
N PRO A 940 29.08 -21.46 14.11
CA PRO A 940 28.85 -22.88 13.80
C PRO A 940 27.86 -23.15 12.67
N ASN A 941 27.32 -22.12 12.02
CA ASN A 941 26.31 -22.31 10.98
C ASN A 941 26.97 -22.43 9.62
N LEU A 942 26.42 -23.32 8.79
CA LEU A 942 26.96 -23.57 7.46
C LEU A 942 26.21 -22.83 6.36
N SER A 943 25.25 -21.97 6.71
CA SER A 943 24.51 -21.24 5.70
C SER A 943 25.43 -20.24 5.00
N GLU A 944 24.96 -19.73 3.86
CA GLU A 944 25.79 -18.85 3.04
C GLU A 944 25.94 -17.46 3.65
N ASP A 945 24.90 -16.96 4.31
CA ASP A 945 24.87 -15.59 4.81
C ASP A 945 24.95 -15.53 6.33
N GLN A 946 25.53 -16.55 6.97
CA GLN A 946 25.71 -16.58 8.41
C GLN A 946 27.22 -16.56 8.69
N TRP A 947 27.76 -15.34 8.79
CA TRP A 947 29.19 -15.13 8.99
C TRP A 947 29.36 -13.78 9.67
N PHE A 948 30.59 -13.50 10.10
CA PHE A 948 30.90 -12.17 10.61
C PHE A 948 32.41 -11.97 10.64
N ALA A 949 32.80 -10.71 10.82
CA ALA A 949 34.19 -10.32 10.98
C ALA A 949 34.25 -9.35 12.15
N PHE A 950 35.47 -8.96 12.53
CA PHE A 950 35.62 -8.00 13.62
C PHE A 950 36.99 -7.33 13.50
N THR A 951 37.37 -6.64 14.56
CA THR A 951 38.55 -5.79 14.58
C THR A 951 38.98 -5.64 16.04
N PRO A 952 40.23 -5.25 16.29
CA PRO A 952 40.65 -5.05 17.68
C PRO A 952 39.76 -4.03 18.37
N PRO A 953 39.51 -4.21 19.66
CA PRO A 953 38.67 -3.26 20.39
C PRO A 953 39.41 -1.98 20.74
N ARG A 954 38.65 -0.99 21.20
CA ARG A 954 39.21 0.31 21.48
C ARG A 954 38.34 1.03 22.50
N VAL A 955 38.94 1.96 23.24
CA VAL A 955 38.26 2.80 24.21
C VAL A 955 38.30 4.23 23.71
N PRO A 956 37.15 4.85 23.41
CA PRO A 956 37.16 6.18 22.80
C PRO A 956 37.63 7.29 23.74
N VAL A 957 37.62 8.53 23.25
CA VAL A 957 37.95 9.68 24.07
C VAL A 957 36.72 10.53 24.40
N LEU A 958 35.69 10.53 23.55
CA LEU A 958 34.36 11.02 23.89
C LEU A 958 34.37 12.50 24.29
N GLN A 959 34.72 13.33 23.32
CA GLN A 959 34.47 14.76 23.44
C GLN A 959 33.02 15.06 23.06
N THR A 960 32.45 16.08 23.68
CA THR A 960 31.04 16.39 23.47
C THR A 960 30.82 16.92 22.04
N ALA A 961 29.57 17.20 21.71
CA ALA A 961 29.19 17.62 20.37
C ALA A 961 29.09 19.12 20.21
N GLN A 962 29.30 19.90 21.28
CA GLN A 962 29.28 21.35 21.20
C GLN A 962 30.68 21.94 21.13
N GLN A 963 31.66 21.32 21.79
CA GLN A 963 33.05 21.75 21.64
C GLN A 963 33.58 21.39 20.26
N PHE A 964 33.17 20.25 19.73
CA PHE A 964 33.61 19.78 18.42
C PHE A 964 33.23 20.76 17.32
N LEU A 965 31.92 20.95 17.12
CA LEU A 965 31.40 21.89 16.13
C LEU A 965 30.64 22.99 16.88
N GLY A 966 31.21 24.19 16.88
CA GLY A 966 30.67 25.29 17.65
C GLY A 966 29.49 25.97 16.99
N SER A 967 29.43 27.29 17.10
CA SER A 967 28.32 28.07 16.56
C SER A 967 28.74 28.95 15.39
N GLN A 968 29.81 28.57 14.68
CA GLN A 968 30.26 29.34 13.53
C GLN A 968 30.49 28.43 12.32
N THR A 969 30.77 27.16 12.57
CA THR A 969 31.03 26.22 11.49
C THR A 969 29.75 25.94 10.71
N PRO A 970 29.75 26.05 9.39
CA PRO A 970 28.56 25.69 8.62
C PRO A 970 28.26 24.22 8.74
N VAL A 971 26.97 23.90 8.86
CA VAL A 971 26.52 22.53 9.11
C VAL A 971 25.25 22.30 8.31
N LEU A 972 25.16 21.13 7.68
CA LEU A 972 23.93 20.70 7.01
C LEU A 972 23.13 19.86 7.99
N MET A 973 22.05 20.43 8.52
CA MET A 973 21.15 19.72 9.42
C MET A 973 19.93 19.27 8.63
N ASP A 974 19.63 17.98 8.73
CA ASP A 974 18.49 17.43 7.99
C ASP A 974 17.18 17.95 8.58
N ILE A 975 16.07 17.53 7.97
CA ILE A 975 14.78 18.10 8.32
C ILE A 975 14.35 17.68 9.71
N ALA A 976 14.79 16.51 10.18
CA ALA A 976 14.37 16.03 11.48
C ALA A 976 15.26 16.52 12.61
N THR A 977 16.56 16.70 12.35
CA THR A 977 17.52 17.05 13.38
C THR A 977 17.81 18.55 13.45
N ALA A 978 16.97 19.38 12.82
CA ALA A 978 17.22 20.82 12.79
C ALA A 978 16.65 21.55 13.99
N ALA A 979 15.73 20.94 14.73
CA ALA A 979 15.12 21.58 15.89
C ALA A 979 15.80 21.22 17.20
N ASN A 980 16.65 20.20 17.22
CA ASN A 980 17.33 19.76 18.42
C ASN A 980 18.68 20.43 18.63
N PHE A 981 19.19 21.14 17.63
CA PHE A 981 20.48 21.82 17.70
C PHE A 981 20.28 23.31 17.47
N PRO A 982 19.65 24.02 18.42
CA PRO A 982 19.39 25.44 18.21
C PRO A 982 20.57 26.33 18.58
N CYS A 983 21.78 25.92 18.19
CA CYS A 983 22.94 26.78 18.32
C CYS A 983 23.90 26.64 17.13
N GLN A 984 23.63 25.74 16.20
CA GLN A 984 24.49 25.51 15.06
C GLN A 984 24.05 26.38 13.89
N ARG A 985 25.01 26.70 13.03
CA ARG A 985 24.77 27.62 11.92
C ARG A 985 24.60 26.84 10.64
N PRO A 986 23.42 26.85 10.02
CA PRO A 986 23.28 26.23 8.70
C PRO A 986 24.00 27.07 7.65
N PHE A 987 24.45 26.39 6.60
CA PHE A 987 25.19 27.08 5.56
C PHE A 987 24.28 28.06 4.82
N ALA A 988 24.86 29.18 4.40
CA ALA A 988 24.10 30.32 3.92
C ALA A 988 24.09 30.38 2.40
N GLU A 989 22.96 30.83 1.86
CA GLU A 989 22.81 31.16 0.45
C GLU A 989 22.53 32.65 0.33
N ARG A 990 23.30 33.35 -0.49
CA ARG A 990 23.21 34.80 -0.53
C ARG A 990 22.68 35.33 -1.86
N LEU A 991 23.32 35.01 -2.97
CA LEU A 991 22.96 35.58 -4.27
C LEU A 991 22.75 34.49 -5.31
N GLY A 992 22.16 33.38 -4.90
CA GLY A 992 22.02 32.22 -5.76
C GLY A 992 23.13 31.21 -5.64
N VAL A 993 24.24 31.57 -4.99
CA VAL A 993 25.33 30.65 -4.72
C VAL A 993 25.30 30.30 -3.23
N ALA A 994 25.64 29.07 -2.93
CA ALA A 994 25.64 28.57 -1.57
C ALA A 994 27.08 28.38 -1.08
N GLU A 995 27.26 28.50 0.24
CA GLU A 995 28.55 28.22 0.84
C GLU A 995 28.61 26.75 1.25
N LEU A 996 29.83 26.22 1.31
CA LEU A 996 29.82 24.78 1.46
C LEU A 996 29.87 24.38 2.93
N PRO A 997 29.07 23.39 3.32
CA PRO A 997 29.07 22.94 4.71
C PRO A 997 30.31 22.13 5.02
N GLU A 998 30.55 21.93 6.32
CA GLU A 998 31.68 21.15 6.79
C GLU A 998 31.28 19.87 7.51
N TYR A 999 30.09 19.81 8.09
CA TYR A 999 29.58 18.59 8.70
C TYR A 999 28.12 18.42 8.32
N ARG A 1000 27.61 17.21 8.51
CA ARG A 1000 26.22 16.89 8.24
C ARG A 1000 25.67 16.11 9.42
N ILE A 1001 24.52 16.56 9.95
CA ILE A 1001 23.86 15.89 11.07
C ILE A 1001 22.67 15.13 10.52
N ILE A 1002 22.57 13.86 10.89
CA ILE A 1002 21.62 12.93 10.28
C ILE A 1002 20.67 12.38 11.34
N PRO A 1003 19.40 12.11 10.99
CA PRO A 1003 18.54 11.36 11.91
C PRO A 1003 18.89 9.90 12.00
N ASN A 1004 18.07 9.11 12.69
CA ASN A 1004 18.33 7.68 12.79
C ASN A 1004 18.24 7.01 11.41
N PHE A 1005 18.63 5.73 11.38
CA PHE A 1005 18.80 5.03 10.11
C PHE A 1005 17.50 4.95 9.33
N LYS A 1006 16.43 4.44 9.97
CA LYS A 1006 15.17 4.28 9.27
C LYS A 1006 14.61 5.63 8.83
N GLN A 1007 14.75 6.65 9.67
CA GLN A 1007 14.33 7.98 9.26
C GLN A 1007 15.18 8.51 8.12
N MET A 1008 16.50 8.32 8.21
CA MET A 1008 17.40 8.80 7.17
C MET A 1008 17.02 8.22 5.81
N VAL A 1009 17.14 6.90 5.67
CA VAL A 1009 17.04 6.25 4.36
C VAL A 1009 15.67 6.36 3.72
N VAL A 1010 14.65 6.82 4.45
CA VAL A 1010 13.32 6.95 3.87
C VAL A 1010 12.85 8.40 3.77
N SER A 1011 13.49 9.33 4.48
CA SER A 1011 13.02 10.71 4.33
C SER A 1011 14.13 11.68 3.94
N SER A 1012 15.32 11.55 4.51
CA SER A 1012 16.34 12.57 4.28
C SER A 1012 17.04 12.37 2.94
N ASN A 1013 17.32 11.13 2.57
CA ASN A 1013 17.93 10.84 1.29
C ASN A 1013 16.94 10.93 0.14
N GLN A 1014 15.65 11.01 0.41
CA GLN A 1014 14.62 11.10 -0.61
C GLN A 1014 14.07 12.51 -0.81
N TRP A 1015 13.84 13.25 0.28
CA TRP A 1015 13.33 14.61 0.15
C TRP A 1015 14.37 15.54 -0.46
N GLN A 1016 15.62 15.42 -0.02
CA GLN A 1016 16.70 16.30 -0.48
C GLN A 1016 17.49 15.70 -1.63
N SER A 1017 16.85 14.89 -2.47
CA SER A 1017 17.54 14.28 -3.60
C SER A 1017 18.07 15.35 -4.55
N ALA A 1018 19.02 14.94 -5.40
CA ALA A 1018 19.54 15.85 -6.41
C ALA A 1018 18.62 15.97 -7.61
N ALA A 1019 17.82 14.92 -7.88
CA ALA A 1019 16.84 14.97 -8.95
C ALA A 1019 15.61 15.77 -8.58
N ASP A 1020 15.48 16.20 -7.33
CA ASP A 1020 14.34 16.98 -6.87
C ASP A 1020 14.71 18.39 -6.46
N GLY A 1021 15.98 18.78 -6.59
CA GLY A 1021 16.40 20.13 -6.29
C GLY A 1021 16.98 20.34 -4.92
N GLY A 1022 17.17 19.27 -4.13
CA GLY A 1022 17.64 19.41 -2.79
C GLY A 1022 19.06 19.94 -2.72
N PRO A 1023 19.57 20.12 -1.49
CA PRO A 1023 20.93 20.64 -1.33
C PRO A 1023 22.01 19.68 -1.78
N PHE A 1024 21.66 18.50 -2.29
CA PHE A 1024 22.67 17.55 -2.74
C PHE A 1024 23.21 17.86 -4.12
N LEU A 1025 22.54 18.73 -4.89
CA LEU A 1025 22.99 19.11 -6.22
C LEU A 1025 24.48 19.46 -6.24
N PHE A 1026 24.88 20.40 -5.40
CA PHE A 1026 26.26 20.85 -5.34
C PHE A 1026 27.07 20.14 -4.28
N ILE A 1027 26.47 19.22 -3.54
CA ILE A 1027 27.21 18.48 -2.52
C ILE A 1027 27.75 17.16 -3.08
N GLN A 1028 26.95 16.46 -3.88
CA GLN A 1028 27.41 15.21 -4.49
C GLN A 1028 28.51 15.45 -5.50
N ALA A 1029 28.60 16.66 -6.06
CA ALA A 1029 29.60 16.95 -7.09
C ALA A 1029 30.85 17.62 -6.54
N LEU A 1030 30.81 18.15 -5.32
CA LEU A 1030 31.92 18.90 -4.76
C LEU A 1030 32.52 18.32 -3.49
N LEU A 1031 31.82 17.43 -2.79
CA LEU A 1031 32.27 16.96 -1.48
C LEU A 1031 32.08 15.46 -1.37
N ARG A 1032 33.02 14.80 -0.69
CA ARG A 1032 32.94 13.40 -0.34
C ARG A 1032 32.71 13.26 1.16
N THR A 1033 32.12 12.15 1.56
CA THR A 1033 31.65 11.96 2.92
C THR A 1033 32.59 11.08 3.74
N GLU A 1034 32.51 11.24 5.05
CA GLU A 1034 33.18 10.38 6.01
C GLU A 1034 32.17 10.05 7.11
N ALA A 1035 32.63 9.43 8.19
CA ALA A 1035 31.75 9.10 9.31
C ALA A 1035 32.49 9.32 10.61
N ILE A 1036 31.76 9.78 11.63
CA ILE A 1036 32.30 9.99 12.96
C ILE A 1036 31.52 9.11 13.93
N PRO A 1037 32.17 8.31 14.77
CA PRO A 1037 31.44 7.51 15.76
C PRO A 1037 30.98 8.39 16.91
N THR A 1038 29.69 8.28 17.26
CA THR A 1038 29.07 9.20 18.19
C THR A 1038 28.10 8.43 19.10
N TYR A 1039 27.90 8.97 20.30
CA TYR A 1039 27.11 8.29 21.32
C TYR A 1039 26.35 9.31 22.15
N LEU A 1040 25.15 8.93 22.60
CA LEU A 1040 24.48 9.69 23.65
C LEU A 1040 25.22 9.52 24.98
N ARG A 1041 24.96 10.45 25.90
CA ARG A 1041 25.79 10.54 27.09
C ARG A 1041 25.60 9.37 28.03
N ASP A 1042 24.36 8.91 28.21
CA ASP A 1042 24.13 7.80 29.14
C ASP A 1042 23.11 6.79 28.64
N ASP A 1043 22.74 6.82 27.36
CA ASP A 1043 21.82 5.85 26.78
C ASP A 1043 22.56 5.10 25.67
N TRP A 1044 23.24 4.02 26.05
CA TRP A 1044 24.04 3.26 25.11
C TRP A 1044 23.21 2.36 24.20
N TYR A 1045 21.92 2.20 24.46
CA TYR A 1045 21.05 1.37 23.65
C TYR A 1045 20.30 2.15 22.58
N ARG A 1046 20.57 3.45 22.43
CA ARG A 1046 19.72 4.33 21.65
C ARG A 1046 20.32 4.56 20.27
N ASP A 1047 19.52 4.36 19.24
CA ASP A 1047 19.93 4.62 17.85
C ASP A 1047 19.54 6.04 17.46
N TRP A 1048 20.25 6.99 18.07
CA TRP A 1048 20.20 8.36 17.56
C TRP A 1048 20.99 8.42 16.25
N GLY A 1049 20.90 9.55 15.55
CA GLY A 1049 21.56 9.68 14.26
C GLY A 1049 23.08 9.69 14.33
N SER A 1050 23.73 10.28 13.33
CA SER A 1050 25.18 10.22 13.24
C SER A 1050 25.70 11.58 12.76
N ILE A 1051 27.01 11.64 12.53
CA ILE A 1051 27.68 12.85 12.06
C ILE A 1051 28.68 12.45 10.99
N GLU A 1052 28.74 13.24 9.92
CA GLU A 1052 29.63 12.98 8.80
C GLU A 1052 30.54 14.19 8.58
N ARG A 1053 31.73 13.92 8.07
CA ARG A 1053 32.71 14.95 7.74
C ARG A 1053 32.76 15.09 6.22
N TYR A 1054 32.88 16.33 5.75
CA TYR A 1054 32.88 16.63 4.32
C TYR A 1054 34.28 16.99 3.88
N ILE A 1055 34.79 16.28 2.89
CA ILE A 1055 36.15 16.49 2.37
C ILE A 1055 36.02 16.95 0.92
N ARG A 1056 36.70 18.04 0.58
CA ARG A 1056 36.59 18.62 -0.74
C ARG A 1056 37.27 17.74 -1.78
N VAL A 1057 36.61 17.57 -2.93
CA VAL A 1057 37.21 16.81 -4.03
C VAL A 1057 38.39 17.58 -4.60
N VAL A 1058 38.23 18.88 -4.81
CA VAL A 1058 39.30 19.78 -5.23
C VAL A 1058 39.63 20.69 -4.06
N PRO A 1059 40.89 20.75 -3.61
CA PRO A 1059 41.24 21.59 -2.46
C PRO A 1059 40.92 23.05 -2.70
N GLN A 1060 41.06 23.84 -1.64
CA GLN A 1060 40.69 25.25 -1.68
C GLN A 1060 41.88 26.18 -1.88
N GLU A 1061 43.10 25.65 -1.95
CA GLU A 1061 44.23 26.49 -2.31
C GLU A 1061 44.13 26.93 -3.76
N GLN A 1062 44.12 25.98 -4.68
CA GLN A 1062 43.56 26.23 -5.99
C GLN A 1062 42.05 26.14 -5.93
N ALA A 1063 41.39 26.60 -6.99
CA ALA A 1063 39.94 26.62 -7.07
C ALA A 1063 39.29 27.31 -5.87
N PRO A 1064 39.60 28.59 -5.63
CA PRO A 1064 38.97 29.30 -4.51
C PRO A 1064 37.54 29.71 -4.83
N THR A 1065 36.88 30.39 -3.89
CA THR A 1065 35.55 30.90 -4.15
C THR A 1065 35.60 32.08 -5.12
N ALA A 1066 34.45 32.43 -5.67
CA ALA A 1066 34.35 33.41 -6.73
C ALA A 1066 33.71 34.70 -6.23
N ALA A 1067 33.87 35.75 -7.03
CA ALA A 1067 33.21 37.03 -6.79
C ALA A 1067 31.94 37.12 -7.63
N ILE A 1068 30.94 37.81 -7.09
CA ILE A 1068 29.60 37.76 -7.65
C ILE A 1068 29.26 38.99 -8.49
N GLU A 1069 29.81 40.17 -8.17
CA GLU A 1069 29.62 41.39 -8.96
C GLU A 1069 28.12 41.73 -9.10
N GLU A 1070 27.54 42.07 -7.95
CA GLU A 1070 26.11 42.31 -7.87
C GLU A 1070 25.72 43.58 -8.62
N GLY A 1071 24.51 43.55 -9.19
CA GLY A 1071 23.91 44.69 -9.86
C GLY A 1071 22.41 44.72 -9.67
N SER A 1072 21.68 45.51 -10.45
CA SER A 1072 20.25 45.61 -10.26
C SER A 1072 19.58 46.08 -11.55
N THR A 1073 18.32 45.71 -11.71
CA THR A 1073 17.49 46.11 -12.85
C THR A 1073 16.11 46.49 -12.33
N ARG A 1074 15.16 46.73 -13.24
CA ARG A 1074 13.85 47.26 -12.90
C ARG A 1074 12.75 46.50 -13.64
N VAL A 1075 12.78 45.16 -13.55
CA VAL A 1075 11.81 44.34 -14.28
C VAL A 1075 10.37 44.68 -13.85
N PHE A 1076 9.43 44.37 -14.74
CA PHE A 1076 8.01 44.59 -14.50
C PHE A 1076 7.42 43.38 -13.76
N GLY A 1077 6.10 43.31 -13.69
CA GLY A 1077 5.41 42.26 -12.98
C GLY A 1077 4.84 41.14 -13.81
N TRP A 1078 5.17 41.06 -15.10
CA TRP A 1078 4.65 40.01 -15.96
C TRP A 1078 5.71 39.49 -16.92
N SER A 1079 6.99 39.56 -16.54
CA SER A 1079 8.05 39.29 -17.50
C SER A 1079 8.24 37.79 -17.75
N ARG A 1080 8.65 37.06 -16.72
CA ARG A 1080 8.92 35.62 -16.82
C ARG A 1080 9.81 35.31 -18.03
N GLY A 1081 11.05 35.81 -17.94
CA GLY A 1081 12.00 35.61 -19.02
C GLY A 1081 12.04 34.19 -19.56
N GLY A 1082 12.07 33.22 -18.66
CA GLY A 1082 12.06 31.83 -19.06
C GLY A 1082 11.83 30.90 -17.89
N PRO A 1083 11.73 29.60 -18.17
CA PRO A 1083 11.50 28.63 -17.10
C PRO A 1083 12.80 28.21 -16.43
N ILE A 1084 12.65 27.47 -15.34
CA ILE A 1084 13.79 26.95 -14.57
C ILE A 1084 13.99 25.48 -14.95
N ARG A 1085 15.25 25.10 -15.11
CA ARG A 1085 15.58 23.72 -15.46
C ARG A 1085 15.32 22.83 -14.25
N ALA A 1086 14.14 22.23 -14.21
CA ALA A 1086 13.66 21.48 -13.05
C ALA A 1086 13.02 20.16 -13.49
N LEU A 1087 13.70 19.43 -14.36
CA LEU A 1087 13.15 18.18 -14.86
C LEU A 1087 14.13 17.01 -14.81
N PRO A 1088 14.81 16.75 -13.67
CA PRO A 1088 15.72 15.61 -13.67
C PRO A 1088 15.04 14.34 -13.14
N GLY B 20 -56.80 -38.31 21.52
CA GLY B 20 -56.65 -38.83 20.18
C GLY B 20 -56.73 -37.77 19.10
N LYS B 21 -55.69 -36.95 19.00
CA LYS B 21 -55.64 -35.87 18.02
C LYS B 21 -54.24 -35.78 17.44
N ASP B 22 -54.17 -35.58 16.12
CA ASP B 22 -52.88 -35.62 15.43
C ASP B 22 -51.97 -34.47 15.80
N VAL B 23 -52.49 -33.41 16.42
CA VAL B 23 -51.59 -32.37 16.91
C VAL B 23 -50.76 -32.88 18.07
N ARG B 24 -51.34 -33.75 18.90
CA ARG B 24 -50.58 -34.36 19.98
C ARG B 24 -49.49 -35.30 19.47
N ILE B 25 -49.66 -35.83 18.26
CA ILE B 25 -48.63 -36.69 17.67
C ILE B 25 -47.56 -35.84 17.01
N ALA B 26 -47.96 -34.79 16.28
CA ALA B 26 -46.99 -33.92 15.65
C ALA B 26 -46.14 -33.18 16.70
N ARG B 27 -46.71 -32.88 17.86
CA ARG B 27 -45.95 -32.21 18.90
C ARG B 27 -44.82 -33.08 19.43
N TRP B 28 -45.00 -34.40 19.45
CA TRP B 28 -43.92 -35.29 19.85
C TRP B 28 -42.95 -35.52 18.70
N VAL B 29 -43.47 -35.66 17.48
CA VAL B 29 -42.60 -35.86 16.32
C VAL B 29 -41.74 -34.63 16.04
N ALA B 30 -42.11 -33.47 16.57
CA ALA B 30 -41.30 -32.28 16.40
C ALA B 30 -40.21 -32.14 17.46
N THR B 31 -40.43 -32.61 18.69
CA THR B 31 -39.41 -32.55 19.73
C THR B 31 -38.46 -33.75 19.63
N ILE B 32 -39.00 -34.97 19.66
CA ILE B 32 -38.21 -36.12 19.27
C ILE B 32 -37.99 -36.05 17.76
N ALA B 33 -36.85 -36.55 17.30
CA ALA B 33 -36.38 -36.43 15.92
C ALA B 33 -36.10 -34.98 15.54
N GLY B 34 -36.13 -34.06 16.50
CA GLY B 34 -35.65 -32.72 16.29
C GLY B 34 -34.55 -32.42 17.29
N LEU B 35 -34.60 -33.12 18.42
CA LEU B 35 -33.52 -33.09 19.40
C LEU B 35 -32.43 -34.12 19.09
N LEU B 36 -32.83 -35.33 18.68
CA LEU B 36 -31.83 -36.32 18.30
C LEU B 36 -31.18 -35.97 16.97
N GLY B 37 -31.92 -35.36 16.05
CA GLY B 37 -31.32 -34.85 14.83
C GLY B 37 -30.36 -33.70 15.05
N PHE B 38 -30.34 -33.12 16.23
CA PHE B 38 -29.36 -32.10 16.60
C PHE B 38 -28.21 -32.66 17.41
N VAL B 39 -28.46 -33.66 18.27
CA VAL B 39 -27.36 -34.29 18.99
C VAL B 39 -26.59 -35.26 18.11
N LEU B 40 -27.14 -35.67 16.97
CA LEU B 40 -26.40 -36.51 16.04
C LEU B 40 -25.47 -35.71 15.14
N SER B 41 -25.75 -34.42 14.95
CA SER B 41 -24.92 -33.60 14.07
C SER B 41 -23.66 -33.08 14.75
N VAL B 42 -23.67 -32.96 16.08
CA VAL B 42 -22.47 -32.54 16.80
C VAL B 42 -21.52 -33.69 17.06
N SER B 43 -21.92 -34.92 16.79
CA SER B 43 -21.07 -36.09 16.96
C SER B 43 -20.40 -36.53 15.67
N ILE B 44 -20.77 -35.95 14.53
CA ILE B 44 -20.11 -36.30 13.27
C ILE B 44 -18.65 -35.90 13.28
N PRO B 45 -18.24 -34.72 13.76
CA PRO B 45 -16.80 -34.43 13.85
C PRO B 45 -16.05 -35.35 14.78
N LEU B 46 -16.74 -36.09 15.64
CA LEU B 46 -16.11 -36.96 16.62
C LEU B 46 -16.62 -38.38 16.41
N LEU B 47 -16.00 -39.11 15.48
CA LEU B 47 -16.42 -40.47 15.16
C LEU B 47 -15.28 -41.15 14.42
N PRO B 48 -15.07 -42.45 14.61
CA PRO B 48 -13.90 -43.10 14.01
C PRO B 48 -13.89 -42.99 12.49
N VAL B 49 -12.67 -42.88 11.95
CA VAL B 49 -12.44 -42.81 10.51
C VAL B 49 -11.23 -43.68 10.19
N THR B 50 -11.18 -44.19 8.96
CA THR B 50 -10.12 -45.07 8.51
C THR B 50 -9.18 -44.33 7.58
N GLN B 51 -7.88 -44.45 7.81
CA GLN B 51 -6.86 -43.78 7.04
C GLN B 51 -5.94 -44.80 6.37
N THR B 52 -5.59 -44.54 5.13
CA THR B 52 -4.63 -45.35 4.38
C THR B 52 -3.24 -44.76 4.54
N THR B 53 -2.27 -45.61 4.85
CA THR B 53 -0.90 -45.21 5.13
C THR B 53 -0.03 -45.43 3.90
N ALA B 54 1.24 -45.08 4.03
CA ALA B 54 2.20 -45.25 2.94
C ALA B 54 3.60 -45.20 3.52
N THR B 55 4.47 -46.06 3.00
CA THR B 55 5.84 -46.19 3.47
C THR B 55 6.77 -46.35 2.28
N LEU B 56 7.91 -45.67 2.34
CA LEU B 56 8.90 -45.68 1.27
C LEU B 56 10.18 -46.35 1.77
N ASN B 57 10.62 -47.42 1.12
CA ASN B 57 11.88 -48.10 1.53
C ASN B 57 12.91 -48.01 0.42
N TRP B 58 14.16 -48.32 0.67
CA TRP B 58 15.11 -48.24 -0.46
C TRP B 58 16.25 -49.21 -0.21
N PRO B 59 16.35 -50.36 -0.88
CA PRO B 59 16.74 -50.41 -2.27
C PRO B 59 15.77 -51.04 -3.30
N GLN B 60 14.50 -51.18 -2.97
CA GLN B 60 13.43 -51.69 -3.87
C GLN B 60 13.62 -53.14 -4.36
N GLN B 61 14.67 -53.44 -5.09
CA GLN B 61 14.85 -54.77 -5.67
C GLN B 61 16.32 -55.15 -5.71
N GLY B 62 17.03 -54.90 -4.60
CA GLY B 62 18.43 -55.27 -4.52
C GLY B 62 19.32 -54.53 -5.50
N ARG B 63 18.89 -53.38 -6.00
CA ARG B 63 19.67 -52.59 -6.94
C ARG B 63 19.80 -51.17 -6.39
N LEU B 64 21.01 -50.65 -6.37
CA LEU B 64 21.29 -49.33 -5.81
C LEU B 64 21.07 -48.23 -6.83
N ASP B 65 19.89 -48.21 -7.45
CA ASP B 65 19.53 -47.17 -8.39
C ASP B 65 18.80 -46.05 -7.67
N ASN B 66 18.95 -44.84 -8.20
CA ASN B 66 18.27 -43.68 -7.62
C ASN B 66 16.76 -43.85 -7.70
N VAL B 67 16.05 -43.11 -6.86
CA VAL B 67 14.61 -43.21 -6.75
C VAL B 67 14.03 -41.80 -6.56
N THR B 68 12.92 -41.52 -7.21
CA THR B 68 12.23 -40.24 -7.06
C THR B 68 10.85 -40.48 -6.46
N ALA B 69 10.48 -39.64 -5.48
CA ALA B 69 9.19 -39.72 -4.83
C ALA B 69 8.90 -38.40 -4.11
N PRO B 70 8.60 -37.33 -4.85
CA PRO B 70 8.45 -36.01 -4.22
C PRO B 70 7.21 -35.93 -3.35
N LEU B 71 7.41 -35.61 -2.08
CA LEU B 71 6.30 -35.52 -1.14
C LEU B 71 5.62 -34.15 -1.25
N ILE B 72 4.29 -34.16 -1.13
CA ILE B 72 3.55 -32.90 -1.20
C ILE B 72 3.67 -32.11 0.10
N SER B 73 3.86 -32.80 1.23
CA SER B 73 3.98 -32.14 2.52
C SER B 73 5.41 -31.72 2.84
N GLN B 74 6.37 -32.09 2.00
CA GLN B 74 7.77 -31.67 2.07
C GLN B 74 8.51 -32.21 3.28
N ALA B 75 7.92 -33.14 4.03
CA ALA B 75 8.58 -33.70 5.20
C ALA B 75 7.86 -34.97 5.66
N PRO B 76 8.60 -36.02 6.03
CA PRO B 76 7.95 -37.25 6.49
C PRO B 76 7.57 -37.18 7.96
N LEU B 77 7.04 -38.28 8.50
CA LEU B 77 6.84 -38.39 9.93
C LEU B 77 8.10 -38.89 10.63
N GLU B 78 8.67 -40.00 10.15
CA GLU B 78 9.86 -40.58 10.73
C GLU B 78 10.79 -41.01 9.61
N LEU B 79 12.10 -40.97 9.89
CA LEU B 79 13.11 -41.40 8.92
C LEU B 79 14.16 -42.19 9.68
N THR B 80 14.28 -43.47 9.38
CA THR B 80 15.26 -44.34 10.03
C THR B 80 16.15 -44.94 8.96
N ALA B 81 17.46 -44.70 9.06
CA ALA B 81 18.43 -45.20 8.12
C ALA B 81 19.56 -45.89 8.87
N THR B 82 19.89 -47.11 8.46
CA THR B 82 20.99 -47.87 9.05
C THR B 82 21.96 -48.25 7.94
N VAL B 83 23.10 -47.60 7.92
CA VAL B 83 24.14 -47.80 6.90
C VAL B 83 25.31 -48.52 7.55
N PRO B 84 25.68 -49.71 7.08
CA PRO B 84 26.84 -50.39 7.66
C PRO B 84 28.13 -49.62 7.41
N CYS B 85 29.12 -49.86 8.28
CA CYS B 85 30.42 -49.21 8.15
C CYS B 85 31.34 -49.95 7.18
N SER B 86 30.83 -50.95 6.47
CA SER B 86 31.58 -51.68 5.45
C SER B 86 31.41 -51.11 4.06
N VAL B 87 30.62 -50.04 3.89
CA VAL B 87 30.46 -49.40 2.59
C VAL B 87 31.36 -48.18 2.45
N VAL B 88 31.93 -47.67 3.54
CA VAL B 88 32.88 -46.58 3.45
C VAL B 88 34.15 -47.02 2.75
N ARG B 89 34.57 -48.27 2.97
CA ARG B 89 35.78 -48.82 2.37
C ARG B 89 35.58 -49.26 0.92
N ASP B 90 34.46 -48.90 0.30
CA ASP B 90 34.22 -49.20 -1.10
C ASP B 90 34.16 -47.95 -1.98
N LEU B 91 33.77 -46.82 -1.44
CA LEU B 91 33.80 -45.57 -2.18
C LEU B 91 35.25 -45.23 -2.56
N PRO B 92 35.44 -44.46 -3.64
CA PRO B 92 36.78 -43.98 -3.97
C PRO B 92 37.31 -43.08 -2.86
N PRO B 93 38.62 -42.82 -2.83
CA PRO B 93 39.17 -41.94 -1.79
C PRO B 93 38.44 -40.61 -1.67
N GLU B 94 38.04 -40.02 -2.79
CA GLU B 94 37.28 -38.78 -2.74
C GLU B 94 35.86 -38.98 -2.23
N GLY B 95 35.36 -40.21 -2.26
CA GLY B 95 34.04 -40.55 -1.78
C GLY B 95 32.94 -39.78 -2.48
N GLY B 96 31.80 -39.69 -1.80
CA GLY B 96 30.64 -39.00 -2.34
C GLY B 96 29.42 -39.12 -1.46
N LEU B 97 28.28 -39.42 -2.05
CA LEU B 97 27.02 -39.54 -1.33
C LEU B 97 26.73 -41.02 -1.08
N VAL B 98 26.77 -41.42 0.20
CA VAL B 98 26.30 -42.75 0.55
C VAL B 98 24.82 -42.88 0.24
N PHE B 99 24.03 -41.91 0.70
CA PHE B 99 22.65 -41.76 0.28
C PHE B 99 22.23 -40.33 0.60
N GLY B 100 21.07 -39.95 0.08
CA GLY B 100 20.54 -38.62 0.33
C GLY B 100 19.08 -38.58 -0.08
N THR B 101 18.43 -37.48 0.29
CA THR B 101 17.04 -37.25 -0.07
C THR B 101 16.89 -36.08 -1.05
N ALA B 102 17.96 -35.80 -1.79
CA ALA B 102 18.02 -34.79 -2.84
C ALA B 102 19.35 -34.95 -3.56
N PRO B 103 19.44 -34.62 -4.85
CA PRO B 103 20.71 -34.72 -5.55
C PRO B 103 21.72 -33.73 -4.99
N ALA B 104 22.97 -34.21 -4.82
CA ALA B 104 24.00 -33.40 -4.18
C ALA B 104 24.22 -32.07 -4.88
N GLU B 105 23.91 -31.97 -6.17
CA GLU B 105 24.11 -30.76 -6.93
C GLU B 105 22.81 -30.01 -7.20
N GLY B 106 21.72 -30.41 -6.55
CA GLY B 106 20.49 -29.65 -6.64
C GLY B 106 20.58 -28.33 -5.90
N ARG B 107 19.61 -27.45 -6.17
CA ARG B 107 19.62 -26.13 -5.57
C ARG B 107 19.19 -26.21 -4.10
N ASP B 108 20.08 -25.80 -3.20
CA ASP B 108 19.84 -25.81 -1.77
C ASP B 108 19.57 -27.22 -1.24
N ALA B 109 20.21 -28.22 -1.86
CA ALA B 109 20.04 -29.59 -1.42
C ALA B 109 20.53 -29.80 0.01
N ALA B 110 21.63 -29.14 0.38
CA ALA B 110 22.12 -29.26 1.75
C ALA B 110 21.28 -28.45 2.72
N LEU B 111 20.68 -27.36 2.26
CA LEU B 111 19.86 -26.53 3.14
C LEU B 111 18.51 -27.15 3.41
N ASN B 112 17.97 -27.93 2.47
CA ASN B 112 16.64 -28.49 2.60
C ASN B 112 16.60 -29.98 2.92
N ALA B 113 17.60 -30.74 2.51
CA ALA B 113 17.56 -32.19 2.62
C ALA B 113 18.62 -32.70 3.58
N MET B 114 18.72 -34.03 3.67
CA MET B 114 19.70 -34.71 4.52
C MET B 114 20.72 -35.41 3.64
N LEU B 115 21.99 -35.17 3.91
CA LEU B 115 23.10 -35.75 3.15
C LEU B 115 24.03 -36.50 4.08
N VAL B 116 24.54 -37.63 3.59
CA VAL B 116 25.53 -38.43 4.32
C VAL B 116 26.76 -38.50 3.44
N ASN B 117 27.70 -37.59 3.67
CA ASN B 117 28.86 -37.44 2.80
C ASN B 117 30.08 -38.16 3.36
N VAL B 118 30.97 -38.57 2.44
CA VAL B 118 32.23 -39.22 2.78
C VAL B 118 33.31 -38.55 1.97
N THR B 119 34.11 -37.71 2.61
CA THR B 119 35.22 -37.03 1.95
C THR B 119 36.48 -37.88 2.13
N GLU B 120 37.66 -37.31 1.86
CA GLU B 120 38.91 -38.00 2.15
C GLU B 120 39.28 -37.97 3.62
N THR B 121 38.62 -37.12 4.42
CA THR B 121 38.97 -36.95 5.82
C THR B 121 37.80 -37.06 6.78
N ARG B 122 36.57 -37.21 6.29
CA ARG B 122 35.42 -37.11 7.18
C ARG B 122 34.28 -37.98 6.67
N VAL B 123 33.48 -38.45 7.62
CA VAL B 123 32.14 -38.97 7.40
C VAL B 123 31.20 -38.01 8.10
N ASP B 124 30.35 -37.35 7.31
CA ASP B 124 29.51 -36.27 7.80
C ASP B 124 28.03 -36.57 7.54
N VAL B 125 27.19 -36.11 8.45
CA VAL B 125 25.74 -36.23 8.32
C VAL B 125 25.18 -34.82 8.47
N ILE B 126 24.83 -34.19 7.35
CA ILE B 126 24.33 -32.82 7.35
C ILE B 126 22.81 -32.86 7.18
N VAL B 127 22.11 -32.17 8.07
CA VAL B 127 20.65 -32.09 7.99
C VAL B 127 20.23 -30.63 8.12
N ARG B 128 19.82 -30.03 7.00
CA ARG B 128 19.38 -28.64 6.96
C ARG B 128 20.47 -27.69 7.45
N ASN B 129 21.67 -27.84 6.88
CA ASN B 129 22.83 -27.00 7.19
C ASN B 129 23.19 -27.06 8.68
N VAL B 130 22.98 -28.22 9.29
CA VAL B 130 23.32 -28.45 10.69
C VAL B 130 24.18 -29.70 10.72
N VAL B 131 25.48 -29.52 10.96
CA VAL B 131 26.40 -30.66 10.97
C VAL B 131 26.11 -31.54 12.18
N VAL B 132 25.77 -32.79 11.92
CA VAL B 132 25.42 -33.75 12.96
C VAL B 132 26.36 -34.93 12.86
N ALA B 133 27.05 -35.24 13.96
CA ALA B 133 27.87 -36.45 14.10
C ALA B 133 28.91 -36.55 12.98
N SER B 134 29.80 -35.56 12.95
CA SER B 134 30.96 -35.63 12.09
C SER B 134 32.01 -36.54 12.71
N VAL B 135 32.66 -37.36 11.88
CA VAL B 135 33.64 -38.32 12.37
C VAL B 135 34.80 -38.38 11.38
N ASN B 136 35.99 -38.69 11.89
CA ASN B 136 37.13 -38.88 10.99
C ASN B 136 36.99 -40.16 10.19
N ARG B 137 37.52 -40.13 8.96
CA ARG B 137 37.23 -41.17 7.97
C ARG B 137 37.83 -42.52 8.37
N ASP B 138 39.14 -42.57 8.57
CA ASP B 138 39.82 -43.83 8.81
C ASP B 138 39.44 -44.47 10.14
N ARG B 139 38.77 -43.74 11.03
CA ARG B 139 38.27 -44.36 12.26
C ARG B 139 37.06 -45.25 11.95
N VAL B 140 36.13 -44.76 11.14
CA VAL B 140 35.04 -45.62 10.66
C VAL B 140 35.59 -46.71 9.76
N ALA B 141 36.60 -46.38 8.95
CA ALA B 141 37.25 -47.38 8.12
C ALA B 141 37.97 -48.44 8.94
N GLY B 142 38.24 -48.17 10.22
CA GLY B 142 38.89 -49.12 11.09
C GLY B 142 38.00 -50.32 11.36
N PRO B 143 38.60 -51.41 11.84
CA PRO B 143 37.83 -52.64 12.05
C PRO B 143 37.12 -52.69 13.40
N ASP B 144 36.43 -51.61 13.76
CA ASP B 144 35.63 -51.57 14.97
C ASP B 144 34.23 -51.01 14.77
N CYS B 145 33.96 -50.40 13.61
CA CYS B 145 32.63 -49.85 13.35
C CYS B 145 31.65 -50.94 12.91
N GLN B 146 30.41 -50.86 13.38
CA GLN B 146 29.39 -51.84 13.03
C GLN B 146 28.31 -51.27 12.13
N ARG B 147 27.72 -50.14 12.52
CA ARG B 147 26.62 -49.54 11.78
C ARG B 147 26.67 -48.03 11.96
N ILE B 148 25.73 -47.34 11.30
CA ILE B 148 25.47 -45.92 11.48
C ILE B 148 23.97 -45.73 11.39
N GLU B 149 23.36 -45.20 12.45
CA GLU B 149 21.90 -45.12 12.55
C GLU B 149 21.48 -43.67 12.69
N ILE B 150 20.67 -43.19 11.74
CA ILE B 150 20.53 -41.76 11.50
C ILE B 150 19.12 -41.28 11.82
N THR B 151 18.56 -41.78 12.93
CA THR B 151 17.14 -41.62 13.22
C THR B 151 16.73 -40.15 13.24
N SER B 152 15.53 -39.88 12.74
CA SER B 152 15.00 -38.51 12.71
C SER B 152 13.49 -38.56 12.86
N ASN B 153 12.97 -38.02 13.96
CA ASN B 153 11.54 -38.04 14.25
C ASN B 153 11.20 -36.79 15.07
N LEU B 154 10.02 -36.80 15.70
CA LEU B 154 9.56 -35.67 16.48
C LEU B 154 10.38 -35.41 17.74
N ASP B 155 11.21 -36.36 18.15
CA ASP B 155 12.08 -36.13 19.30
C ASP B 155 13.31 -35.33 18.92
N GLY B 156 14.00 -35.75 17.85
CA GLY B 156 15.16 -35.04 17.38
C GLY B 156 15.94 -35.89 16.40
N THR B 157 16.90 -35.25 15.74
CA THR B 157 17.76 -35.92 14.79
C THR B 157 18.99 -36.44 15.52
N TYR B 158 19.24 -37.75 15.43
CA TYR B 158 20.31 -38.39 16.19
C TYR B 158 21.00 -39.44 15.34
N ALA B 159 22.31 -39.29 15.18
CA ALA B 159 23.15 -40.22 14.45
C ALA B 159 24.04 -40.98 15.42
N ASP B 160 24.01 -42.30 15.33
CA ASP B 160 24.74 -43.21 16.19
C ASP B 160 25.78 -43.97 15.35
N PHE B 161 26.92 -44.23 15.97
CA PHE B 161 28.06 -44.84 15.30
C PHE B 161 28.45 -46.13 16.02
N VAL B 162 27.48 -47.03 16.20
CA VAL B 162 27.59 -48.20 17.07
C VAL B 162 28.94 -48.90 16.89
N GLY B 163 29.62 -49.14 18.00
CA GLY B 163 30.97 -49.69 17.98
C GLY B 163 32.05 -48.68 18.32
N LEU B 164 31.78 -47.40 18.12
CA LEU B 164 32.75 -46.34 18.39
C LEU B 164 32.42 -45.62 19.68
N THR B 165 33.46 -45.10 20.32
CA THR B 165 33.33 -44.22 21.48
C THR B 165 34.05 -42.91 21.19
N GLN B 166 33.66 -41.86 21.91
CA GLN B 166 34.25 -40.56 21.70
C GLN B 166 35.71 -40.55 22.13
N ILE B 167 36.50 -39.69 21.47
CA ILE B 167 37.92 -39.57 21.79
C ILE B 167 38.31 -38.16 22.20
N SER B 168 37.51 -37.14 21.90
CA SER B 168 37.81 -35.77 22.28
C SER B 168 36.49 -35.05 22.51
N GLY B 169 36.54 -33.72 22.57
CA GLY B 169 35.33 -32.92 22.68
C GLY B 169 34.68 -32.96 24.05
N GLU B 170 35.48 -32.79 25.11
CA GLU B 170 34.98 -32.55 26.47
C GLU B 170 34.38 -33.81 27.09
N ASP B 171 34.20 -34.87 26.31
CA ASP B 171 33.63 -36.11 26.83
C ASP B 171 34.64 -37.25 26.80
N ALA B 172 35.09 -37.63 25.60
CA ALA B 172 36.14 -38.63 25.42
C ALA B 172 35.82 -39.98 26.07
N GLY B 173 34.60 -40.17 26.58
CA GLY B 173 34.28 -41.37 27.29
C GLY B 173 32.92 -41.97 27.01
N LYS B 174 32.09 -41.28 26.25
CA LYS B 174 30.75 -41.74 25.93
C LYS B 174 30.69 -42.26 24.49
N LEU B 175 29.50 -42.68 24.09
CA LEU B 175 29.30 -43.17 22.74
C LEU B 175 29.23 -42.02 21.75
N GLN B 176 29.34 -42.36 20.47
CA GLN B 176 29.35 -41.38 19.40
C GLN B 176 27.94 -40.89 19.03
N ARG B 177 26.95 -41.14 19.88
CA ARG B 177 25.61 -40.62 19.63
C ARG B 177 25.63 -39.11 19.62
N THR B 178 25.29 -38.52 18.48
CA THR B 178 25.36 -37.07 18.33
C THR B 178 24.14 -36.57 17.59
N GLY B 179 23.62 -35.41 18.00
CA GLY B 179 22.48 -34.85 17.30
C GLY B 179 21.90 -33.68 18.04
N TYR B 180 20.60 -33.45 17.80
CA TYR B 180 19.89 -32.33 18.39
C TYR B 180 18.46 -32.73 18.66
N PRO B 181 17.87 -32.32 19.79
CA PRO B 181 16.47 -32.62 20.11
C PRO B 181 15.50 -31.59 19.56
N ASP B 182 15.57 -31.34 18.25
CA ASP B 182 14.73 -30.37 17.59
C ASP B 182 13.73 -31.07 16.69
N PRO B 183 12.42 -30.83 16.85
CA PRO B 183 11.44 -31.45 15.97
C PRO B 183 11.32 -30.79 14.61
N ASN B 184 12.00 -29.66 14.38
CA ASN B 184 11.97 -28.96 13.11
C ASN B 184 13.17 -29.28 12.25
N LEU B 185 13.88 -30.37 12.53
CA LEU B 185 15.04 -30.79 11.76
C LEU B 185 14.74 -32.00 10.89
N ARG B 186 13.49 -32.16 10.50
CA ARG B 186 13.12 -33.27 9.63
C ARG B 186 13.37 -32.90 8.17
N PRO B 187 14.14 -33.70 7.44
CA PRO B 187 14.56 -33.29 6.10
C PRO B 187 13.39 -33.26 5.12
N ALA B 188 13.61 -32.59 3.99
CA ALA B 188 12.64 -32.52 2.91
C ALA B 188 12.94 -33.65 1.94
N ILE B 189 11.95 -34.50 1.71
CA ILE B 189 12.14 -35.69 0.89
C ILE B 189 11.72 -35.42 -0.54
N VAL B 190 12.61 -35.76 -1.47
CA VAL B 190 12.27 -35.82 -2.88
C VAL B 190 12.54 -37.19 -3.48
N GLY B 191 13.48 -37.94 -2.94
CA GLY B 191 13.73 -39.31 -3.37
C GLY B 191 14.81 -39.93 -2.52
N VAL B 192 15.56 -40.83 -3.12
CA VAL B 192 16.77 -41.38 -2.52
C VAL B 192 17.83 -41.44 -3.62
N PHE B 193 18.90 -40.66 -3.45
CA PHE B 193 19.93 -40.51 -4.46
C PHE B 193 21.28 -40.85 -3.85
N THR B 194 21.90 -41.92 -4.34
CA THR B 194 23.18 -42.40 -3.84
C THR B 194 24.25 -42.20 -4.91
N ASP B 195 25.46 -42.65 -4.59
CA ASP B 195 26.55 -42.69 -5.56
C ASP B 195 27.13 -44.07 -5.74
N LEU B 196 26.63 -45.07 -5.02
CA LEU B 196 27.08 -46.45 -5.17
C LEU B 196 26.45 -47.07 -6.42
N THR B 197 26.80 -48.33 -6.68
CA THR B 197 26.26 -49.04 -7.83
C THR B 197 26.50 -50.53 -7.64
N GLY B 198 25.76 -51.32 -8.41
CA GLY B 198 25.88 -52.76 -8.37
C GLY B 198 24.87 -53.40 -7.43
N PRO B 199 25.21 -54.55 -6.88
CA PRO B 199 24.31 -55.21 -5.93
C PRO B 199 24.33 -54.52 -4.58
N ALA B 200 23.15 -54.39 -3.99
CA ALA B 200 23.03 -53.70 -2.72
C ALA B 200 23.62 -54.54 -1.59
N PRO B 201 24.40 -53.93 -0.69
CA PRO B 201 24.94 -54.69 0.45
C PRO B 201 23.85 -55.08 1.44
N GLN B 202 24.23 -55.82 2.47
CA GLN B 202 23.27 -56.25 3.48
C GLN B 202 23.32 -55.31 4.67
N GLY B 203 22.14 -54.97 5.20
CA GLY B 203 22.00 -54.06 6.30
C GLY B 203 21.66 -52.64 5.90
N LEU B 204 22.06 -52.23 4.70
CA LEU B 204 21.75 -50.89 4.21
C LEU B 204 20.24 -50.76 4.00
N SER B 205 19.66 -49.69 4.54
CA SER B 205 18.23 -49.48 4.43
C SER B 205 17.93 -48.01 4.69
N VAL B 206 16.91 -47.51 4.00
CA VAL B 206 16.40 -46.15 4.20
C VAL B 206 14.88 -46.25 4.15
N SER B 207 14.23 -46.04 5.28
CA SER B 207 12.79 -46.25 5.41
C SER B 207 12.15 -44.96 5.93
N ALA B 208 11.47 -44.24 5.04
CA ALA B 208 10.73 -43.04 5.41
C ALA B 208 9.29 -43.43 5.76
N GLU B 209 8.45 -42.44 6.01
CA GLU B 209 7.04 -42.69 6.30
C GLU B 209 6.24 -41.46 5.90
N ILE B 210 5.42 -41.59 4.86
CA ILE B 210 4.70 -40.44 4.33
C ILE B 210 3.61 -40.01 5.30
N ASP B 211 3.30 -38.72 5.29
CA ASP B 211 2.29 -38.14 6.18
C ASP B 211 0.98 -38.01 5.43
N THR B 212 0.28 -39.13 5.29
CA THR B 212 -1.03 -39.17 4.64
C THR B 212 -2.10 -39.14 5.73
N ARG B 213 -2.35 -37.93 6.25
CA ARG B 213 -3.32 -37.74 7.31
C ARG B 213 -4.64 -37.16 6.85
N PHE B 214 -4.70 -36.61 5.64
CA PHE B 214 -5.93 -36.11 5.06
C PHE B 214 -6.60 -37.11 4.13
N THR B 215 -5.97 -38.26 3.89
CA THR B 215 -6.52 -39.29 3.00
C THR B 215 -7.24 -40.33 3.84
N THR B 216 -8.47 -40.00 4.22
CA THR B 216 -9.32 -40.86 5.03
C THR B 216 -10.65 -41.09 4.33
N HIS B 217 -11.43 -42.02 4.88
CA HIS B 217 -12.77 -42.33 4.41
C HIS B 217 -13.57 -42.84 5.60
N PRO B 218 -14.82 -42.42 5.74
CA PRO B 218 -15.58 -42.76 6.96
C PRO B 218 -15.88 -44.24 7.05
N THR B 219 -16.20 -44.67 8.27
CA THR B 219 -16.54 -46.05 8.55
C THR B 219 -18.05 -46.25 8.45
N ALA B 220 -18.52 -47.43 8.85
CA ALA B 220 -19.96 -47.69 8.82
C ALA B 220 -20.70 -46.88 9.88
N LEU B 221 -20.05 -46.63 11.03
CA LEU B 221 -20.69 -45.87 12.08
C LEU B 221 -20.87 -44.41 11.68
N LYS B 222 -19.83 -43.79 11.14
CA LYS B 222 -19.91 -42.40 10.71
C LYS B 222 -20.81 -42.22 9.49
N LEU B 223 -21.15 -43.29 8.77
CA LEU B 223 -22.10 -43.21 7.68
C LEU B 223 -23.53 -43.40 8.18
N ALA B 224 -23.74 -44.35 9.10
CA ALA B 224 -25.07 -44.51 9.70
C ALA B 224 -25.45 -43.30 10.52
N ALA B 225 -24.48 -42.57 11.07
CA ALA B 225 -24.76 -41.35 11.81
C ALA B 225 -24.90 -40.12 10.91
N MET B 226 -24.41 -40.20 9.67
CA MET B 226 -24.60 -39.12 8.71
C MET B 226 -25.91 -39.26 7.94
N LEU B 227 -26.34 -40.48 7.65
CA LEU B 227 -27.61 -40.73 6.99
C LEU B 227 -28.77 -40.80 7.97
N LEU B 228 -28.55 -40.42 9.23
CA LEU B 228 -29.61 -40.35 10.22
C LEU B 228 -29.79 -38.96 10.80
N ALA B 229 -28.88 -38.04 10.49
CA ALA B 229 -29.06 -36.64 10.85
C ALA B 229 -29.73 -35.85 9.74
N ILE B 230 -29.95 -36.47 8.59
CA ILE B 230 -30.68 -35.84 7.49
C ILE B 230 -32.11 -36.33 7.39
N VAL B 231 -32.42 -37.54 7.84
CA VAL B 231 -33.78 -38.04 7.81
C VAL B 231 -34.61 -37.42 8.94
N SER B 232 -34.07 -37.44 10.15
CA SER B 232 -34.78 -36.84 11.27
C SER B 232 -34.98 -35.34 11.09
N THR B 233 -34.04 -34.67 10.40
CA THR B 233 -34.18 -33.24 10.16
C THR B 233 -35.40 -32.97 9.27
N VAL B 234 -35.55 -33.70 8.17
CA VAL B 234 -36.68 -33.46 7.31
C VAL B 234 -37.98 -33.96 7.95
N ILE B 235 -37.90 -34.96 8.82
CA ILE B 235 -39.09 -35.38 9.55
C ILE B 235 -39.55 -34.29 10.50
N ALA B 236 -38.60 -33.65 11.20
CA ALA B 236 -38.95 -32.55 12.09
C ALA B 236 -39.50 -31.36 11.30
N LEU B 237 -38.94 -31.10 10.12
CA LEU B 237 -39.46 -30.02 9.29
C LEU B 237 -40.88 -30.31 8.82
N LEU B 238 -41.16 -31.56 8.42
CA LEU B 238 -42.52 -31.91 8.03
C LEU B 238 -43.49 -31.80 9.19
N ALA B 239 -43.05 -32.18 10.39
CA ALA B 239 -43.91 -32.05 11.57
C ALA B 239 -44.19 -30.59 11.89
N LEU B 240 -43.16 -29.74 11.78
CA LEU B 240 -43.37 -28.31 12.00
C LEU B 240 -44.31 -27.72 10.95
N TRP B 241 -44.22 -28.19 9.71
CA TRP B 241 -45.14 -27.74 8.67
C TRP B 241 -46.57 -28.16 8.99
N ARG B 242 -46.75 -29.41 9.42
CA ARG B 242 -48.08 -29.88 9.80
C ARG B 242 -48.64 -29.07 10.98
N LEU B 243 -47.77 -28.67 11.91
CA LEU B 243 -48.21 -27.82 13.01
C LEU B 243 -48.59 -26.43 12.53
N ASP B 244 -47.83 -25.89 11.57
CA ASP B 244 -48.12 -24.57 11.03
C ASP B 244 -49.42 -24.57 10.23
N ARG B 245 -49.80 -25.70 9.65
CA ARG B 245 -50.98 -25.76 8.80
C ARG B 245 -52.28 -25.74 9.60
N LEU B 246 -52.19 -25.39 10.89
CA LEU B 246 -53.40 -25.34 11.72
C LEU B 246 -54.29 -24.15 11.38
N ASP B 247 -53.72 -23.08 10.83
CA ASP B 247 -54.52 -21.89 10.54
C ASP B 247 -55.48 -22.08 9.37
N GLY B 248 -55.45 -23.24 8.70
CA GLY B 248 -56.43 -23.53 7.68
C GLY B 248 -56.24 -22.78 6.38
N ARG B 249 -55.01 -22.44 6.03
CA ARG B 249 -54.70 -21.77 4.77
C ARG B 249 -53.85 -22.69 3.91
N ARG B 250 -54.26 -22.88 2.66
CA ARG B 250 -53.56 -23.73 1.71
C ARG B 250 -53.19 -22.91 0.48
N MET B 251 -52.23 -23.42 -0.29
CA MET B 251 -51.88 -22.80 -1.55
C MET B 251 -52.97 -23.08 -2.59
N HIS B 252 -53.33 -22.05 -3.34
CA HIS B 252 -54.33 -22.18 -4.39
C HIS B 252 -53.71 -22.34 -5.77
N ARG B 253 -52.41 -22.12 -5.90
CA ARG B 253 -51.70 -22.25 -7.16
C ARG B 253 -50.22 -22.03 -6.88
N LEU B 254 -49.41 -22.35 -7.88
CA LEU B 254 -48.02 -21.93 -7.92
C LEU B 254 -47.87 -20.81 -8.95
N ILE B 255 -46.75 -20.11 -8.90
CA ILE B 255 -46.51 -18.95 -9.76
C ILE B 255 -47.62 -17.93 -9.48
N PRO B 256 -47.59 -17.24 -8.33
CA PRO B 256 -48.65 -16.27 -8.00
C PRO B 256 -48.89 -15.25 -9.10
N THR B 257 -50.08 -14.63 -9.10
CA THR B 257 -50.51 -13.81 -10.22
C THR B 257 -49.66 -12.55 -10.41
N ARG B 258 -48.78 -12.21 -9.48
CA ARG B 258 -47.88 -11.09 -9.67
C ARG B 258 -46.56 -11.51 -10.31
N TRP B 259 -46.36 -12.81 -10.55
CA TRP B 259 -45.19 -13.26 -11.29
C TRP B 259 -45.42 -13.20 -12.79
N ARG B 260 -46.65 -13.50 -13.24
CA ARG B 260 -46.96 -13.61 -14.66
C ARG B 260 -47.10 -12.23 -15.28
N THR B 261 -45.95 -11.58 -15.46
CA THR B 261 -45.88 -10.29 -16.13
C THR B 261 -44.55 -10.19 -16.85
N VAL B 262 -44.55 -9.54 -18.01
CA VAL B 262 -43.37 -9.35 -18.82
C VAL B 262 -43.23 -7.87 -19.16
N THR B 263 -42.04 -7.34 -18.94
CA THR B 263 -41.72 -5.95 -19.23
C THR B 263 -40.56 -5.89 -20.21
N ALA B 264 -40.10 -4.67 -20.49
CA ALA B 264 -38.96 -4.48 -21.37
C ALA B 264 -37.62 -4.58 -20.65
N VAL B 265 -37.64 -4.62 -19.32
CA VAL B 265 -36.38 -4.75 -18.58
C VAL B 265 -35.96 -6.22 -18.52
N ASP B 266 -36.92 -7.15 -18.52
CA ASP B 266 -36.59 -8.56 -18.46
C ASP B 266 -35.79 -9.00 -19.67
N GLY B 267 -36.25 -8.62 -20.87
CA GLY B 267 -35.50 -8.95 -22.07
C GLY B 267 -34.10 -8.36 -22.06
N VAL B 268 -34.00 -7.10 -21.66
CA VAL B 268 -32.69 -6.43 -21.64
C VAL B 268 -31.74 -7.17 -20.71
N VAL B 269 -32.18 -7.46 -19.48
CA VAL B 269 -31.29 -8.10 -18.51
C VAL B 269 -30.93 -9.50 -18.97
N VAL B 270 -31.92 -10.29 -19.40
CA VAL B 270 -31.66 -11.67 -19.78
C VAL B 270 -30.71 -11.73 -20.97
N GLY B 271 -31.00 -10.95 -22.02
CA GLY B 271 -30.15 -10.96 -23.20
C GLY B 271 -28.85 -10.21 -23.07
N GLY B 272 -28.68 -9.42 -22.01
CA GLY B 272 -27.41 -8.75 -21.79
C GLY B 272 -26.53 -9.57 -20.87
N MET B 273 -27.13 -10.51 -20.16
CA MET B 273 -26.33 -11.47 -19.39
C MET B 273 -25.99 -12.71 -20.19
N ALA B 274 -26.90 -13.16 -21.07
CA ALA B 274 -26.65 -14.36 -21.85
C ALA B 274 -25.61 -14.17 -22.94
N ILE B 275 -25.24 -12.93 -23.26
CA ILE B 275 -24.15 -12.68 -24.20
C ILE B 275 -22.88 -12.21 -23.50
N TRP B 276 -22.99 -11.60 -22.32
CA TRP B 276 -21.81 -11.41 -21.48
C TRP B 276 -21.30 -12.74 -20.95
N TYR B 277 -22.15 -13.76 -20.87
CA TYR B 277 -21.69 -15.09 -20.50
C TYR B 277 -20.78 -15.68 -21.57
N VAL B 278 -20.90 -15.22 -22.81
CA VAL B 278 -20.11 -15.75 -23.92
C VAL B 278 -18.90 -14.87 -24.22
N ILE B 279 -19.11 -13.56 -24.39
CA ILE B 279 -18.03 -12.66 -24.78
C ILE B 279 -17.41 -11.91 -23.62
N GLY B 280 -17.95 -12.08 -22.41
CA GLY B 280 -17.52 -11.26 -21.29
C GLY B 280 -16.25 -11.76 -20.64
N ALA B 281 -15.74 -10.94 -19.73
CA ALA B 281 -14.52 -11.25 -19.00
C ALA B 281 -14.79 -12.32 -17.94
N ASN B 282 -13.72 -12.75 -17.29
CA ASN B 282 -13.78 -13.75 -16.23
C ASN B 282 -13.12 -13.18 -14.97
N SER B 283 -13.20 -13.94 -13.88
CA SER B 283 -12.57 -13.56 -12.62
C SER B 283 -11.08 -13.83 -12.70
N SER B 284 -10.37 -13.63 -11.60
CA SER B 284 -8.95 -13.90 -11.52
C SER B 284 -8.64 -15.30 -10.99
N ASP B 285 -9.42 -15.81 -10.06
CA ASP B 285 -9.20 -17.13 -9.49
C ASP B 285 -10.07 -18.18 -10.18
N ASP B 286 -9.91 -18.31 -11.49
CA ASP B 286 -10.57 -19.36 -12.25
C ASP B 286 -9.67 -20.56 -12.48
N GLY B 287 -8.43 -20.31 -12.91
CA GLY B 287 -7.48 -21.41 -13.03
C GLY B 287 -7.17 -22.05 -11.70
N TYR B 288 -7.17 -21.24 -10.63
CA TYR B 288 -6.90 -21.74 -9.27
C TYR B 288 -7.95 -22.80 -8.88
N ILE B 289 -9.23 -22.49 -9.08
CA ILE B 289 -10.31 -23.42 -8.74
C ILE B 289 -10.39 -24.57 -9.74
N LEU B 290 -10.10 -24.31 -11.01
CA LEU B 290 -10.14 -25.39 -12.00
C LEU B 290 -9.09 -26.45 -11.70
N GLN B 291 -7.87 -26.02 -11.35
CA GLN B 291 -6.84 -26.99 -11.01
C GLN B 291 -7.12 -27.66 -9.67
N MET B 292 -7.76 -26.95 -8.74
CA MET B 292 -8.15 -27.58 -7.48
C MET B 292 -9.19 -28.67 -7.72
N ALA B 293 -10.10 -28.46 -8.66
CA ALA B 293 -11.19 -29.40 -8.91
C ALA B 293 -10.83 -30.54 -9.84
N ARG B 294 -9.87 -30.33 -10.75
CA ARG B 294 -9.49 -31.40 -11.68
C ARG B 294 -8.62 -32.48 -11.04
N THR B 295 -8.09 -32.24 -9.85
CA THR B 295 -7.22 -33.20 -9.17
C THR B 295 -7.82 -33.77 -7.90
N ALA B 296 -9.00 -33.31 -7.49
CA ALA B 296 -9.57 -33.69 -6.20
C ALA B 296 -10.10 -35.11 -6.17
N GLU B 297 -10.26 -35.75 -7.31
CA GLU B 297 -10.72 -37.14 -7.32
C GLU B 297 -9.58 -38.13 -7.29
N HIS B 298 -8.46 -37.81 -7.95
CA HIS B 298 -7.26 -38.63 -7.81
C HIS B 298 -6.63 -38.44 -6.43
N ALA B 299 -6.57 -37.19 -5.95
CA ALA B 299 -6.06 -36.95 -4.61
C ALA B 299 -6.93 -37.62 -3.57
N GLY B 300 -8.24 -37.37 -3.61
CA GLY B 300 -9.19 -38.01 -2.74
C GLY B 300 -9.73 -37.15 -1.62
N TYR B 301 -9.21 -35.93 -1.42
CA TYR B 301 -9.68 -35.14 -0.29
C TYR B 301 -9.86 -33.65 -0.57
N MET B 302 -9.87 -33.20 -1.83
CA MET B 302 -10.12 -31.80 -2.17
C MET B 302 -9.09 -30.88 -1.50
N ALA B 303 -7.84 -31.06 -1.93
CA ALA B 303 -6.73 -30.33 -1.35
C ALA B 303 -6.64 -28.91 -1.91
N ASN B 304 -5.87 -28.08 -1.22
CA ASN B 304 -5.43 -26.80 -1.75
C ASN B 304 -4.15 -27.07 -2.54
N TYR B 305 -4.23 -26.87 -3.85
CA TYR B 305 -3.21 -27.44 -4.74
C TYR B 305 -1.90 -26.66 -4.67
N PHE B 306 -1.97 -25.33 -4.59
CA PHE B 306 -0.83 -24.48 -4.86
C PHE B 306 -0.10 -23.99 -3.61
N ARG B 307 -0.57 -24.32 -2.41
CA ARG B 307 -0.01 -23.69 -1.22
C ARG B 307 -0.40 -24.50 0.01
N TRP B 308 0.33 -24.22 1.10
CA TRP B 308 -0.01 -24.70 2.45
C TRP B 308 0.17 -26.20 2.61
N PHE B 309 1.26 -26.73 2.04
CA PHE B 309 1.70 -28.11 2.30
C PHE B 309 0.62 -29.15 2.00
N GLY B 310 -0.25 -28.85 1.04
CA GLY B 310 -1.30 -29.79 0.68
C GLY B 310 -2.36 -29.98 1.75
N SER B 311 -2.85 -28.90 2.34
CA SER B 311 -3.92 -28.92 3.32
C SER B 311 -5.25 -28.61 2.66
N PRO B 312 -6.33 -29.28 3.06
CA PRO B 312 -7.60 -29.13 2.32
C PRO B 312 -8.32 -27.83 2.58
N GLU B 313 -9.50 -27.67 1.97
CA GLU B 313 -10.43 -26.60 2.33
C GLU B 313 -11.15 -27.03 3.60
N ASP B 314 -10.90 -26.32 4.70
CA ASP B 314 -11.08 -26.97 5.99
C ASP B 314 -12.56 -27.23 6.29
N PRO B 315 -13.43 -26.21 6.55
CA PRO B 315 -14.86 -26.50 6.50
C PRO B 315 -15.53 -26.01 5.21
N PHE B 316 -14.80 -25.22 4.42
CA PHE B 316 -15.41 -24.50 3.30
C PHE B 316 -15.07 -25.19 1.98
N GLY B 317 -15.69 -26.34 1.76
CA GLY B 317 -15.40 -27.08 0.55
C GLY B 317 -16.55 -27.82 -0.10
N TRP B 318 -17.78 -27.61 0.38
CA TRP B 318 -18.90 -28.39 -0.17
C TRP B 318 -19.29 -27.94 -1.57
N TYR B 319 -18.96 -26.70 -1.95
CA TYR B 319 -19.35 -26.22 -3.28
C TYR B 319 -18.38 -26.66 -4.35
N TYR B 320 -17.09 -26.78 -4.03
CA TYR B 320 -16.12 -27.23 -5.01
C TYR B 320 -16.28 -28.71 -5.36
N ASN B 321 -16.92 -29.48 -4.48
CA ASN B 321 -17.21 -30.87 -4.78
C ASN B 321 -18.29 -31.03 -5.84
N VAL B 322 -19.00 -29.95 -6.18
CA VAL B 322 -19.92 -29.97 -7.30
C VAL B 322 -19.19 -29.72 -8.61
N LEU B 323 -18.23 -28.79 -8.61
CA LEU B 323 -17.39 -28.60 -9.80
C LEU B 323 -16.52 -29.81 -10.06
N ALA B 324 -16.07 -30.50 -9.00
CA ALA B 324 -15.31 -31.73 -9.20
C ALA B 324 -16.14 -32.79 -9.92
N LEU B 325 -17.46 -32.78 -9.73
CA LEU B 325 -18.33 -33.70 -10.44
C LEU B 325 -18.63 -33.20 -11.84
N MET B 326 -18.77 -31.89 -12.00
CA MET B 326 -19.03 -31.32 -13.33
C MET B 326 -17.86 -31.57 -14.27
N THR B 327 -16.64 -31.55 -13.75
CA THR B 327 -15.45 -31.74 -14.60
C THR B 327 -15.34 -33.13 -15.18
N LYS B 328 -16.22 -34.06 -14.83
CA LYS B 328 -16.17 -35.39 -15.44
C LYS B 328 -16.77 -35.40 -16.84
N VAL B 329 -17.71 -34.50 -17.10
CA VAL B 329 -18.26 -34.37 -18.46
C VAL B 329 -17.26 -33.69 -19.37
N SER B 330 -16.87 -32.47 -19.00
CA SER B 330 -15.87 -31.70 -19.75
C SER B 330 -15.46 -30.52 -18.88
N ASP B 331 -14.33 -29.91 -19.23
CA ASP B 331 -13.81 -28.76 -18.48
C ASP B 331 -13.70 -27.52 -19.36
N ALA B 332 -14.48 -27.45 -20.44
CA ALA B 332 -14.49 -26.25 -21.26
C ALA B 332 -14.98 -25.06 -20.47
N SER B 333 -14.51 -23.87 -20.85
CA SER B 333 -14.89 -22.65 -20.14
C SER B 333 -16.36 -22.30 -20.29
N ILE B 334 -17.00 -22.77 -21.36
CA ILE B 334 -18.40 -22.43 -21.58
C ILE B 334 -19.34 -23.34 -20.79
N TRP B 335 -18.88 -24.53 -20.38
CA TRP B 335 -19.69 -25.49 -19.68
C TRP B 335 -19.50 -25.47 -18.17
N ILE B 336 -18.29 -25.18 -17.70
CA ILE B 336 -17.95 -25.26 -16.29
C ILE B 336 -18.43 -24.01 -15.55
N ARG B 337 -19.05 -23.09 -16.27
CA ARG B 337 -19.47 -21.80 -15.70
C ARG B 337 -20.99 -21.62 -15.71
N LEU B 338 -21.75 -22.72 -15.74
CA LEU B 338 -23.21 -22.65 -15.79
C LEU B 338 -23.84 -22.20 -14.49
N PRO B 339 -23.38 -22.69 -13.30
CA PRO B 339 -24.00 -22.25 -12.04
C PRO B 339 -23.78 -20.77 -11.74
N ASP B 340 -23.10 -20.05 -12.63
CA ASP B 340 -22.99 -18.61 -12.51
C ASP B 340 -23.94 -17.86 -13.44
N LEU B 341 -24.54 -18.57 -14.40
CA LEU B 341 -25.63 -18.03 -15.20
C LEU B 341 -26.99 -18.38 -14.61
N ILE B 342 -27.13 -19.61 -14.10
CA ILE B 342 -28.37 -20.00 -13.43
C ILE B 342 -28.61 -19.13 -12.21
N CYS B 343 -27.54 -18.85 -11.44
CA CYS B 343 -27.68 -17.99 -10.28
C CYS B 343 -28.05 -16.57 -10.67
N ALA B 344 -27.50 -16.05 -11.77
CA ALA B 344 -27.86 -14.71 -12.22
C ALA B 344 -29.32 -14.64 -12.60
N LEU B 345 -29.81 -15.64 -13.34
CA LEU B 345 -31.23 -15.66 -13.69
C LEU B 345 -32.11 -15.75 -12.45
N ILE B 346 -31.70 -16.54 -11.46
CA ILE B 346 -32.49 -16.68 -10.24
C ILE B 346 -32.51 -15.36 -9.47
N CYS B 347 -31.37 -14.68 -9.36
CA CYS B 347 -31.34 -13.40 -8.66
C CYS B 347 -32.20 -12.37 -9.37
N TRP B 348 -32.19 -12.34 -10.72
CA TRP B 348 -33.05 -11.39 -11.40
C TRP B 348 -34.52 -11.71 -11.16
N LEU B 349 -34.90 -12.99 -11.25
CA LEU B 349 -36.28 -13.38 -10.98
C LEU B 349 -36.72 -12.93 -9.60
N LEU B 350 -35.94 -13.25 -8.58
CA LEU B 350 -36.31 -12.91 -7.21
C LEU B 350 -36.35 -11.40 -7.01
N LEU B 351 -35.30 -10.70 -7.46
CA LEU B 351 -35.23 -9.26 -7.26
C LEU B 351 -36.39 -8.54 -7.95
N SER B 352 -36.85 -9.07 -9.08
CA SER B 352 -37.91 -8.40 -9.82
C SER B 352 -39.30 -8.76 -9.34
N ARG B 353 -39.51 -9.96 -8.79
CA ARG B 353 -40.86 -10.39 -8.47
C ARG B 353 -41.11 -10.70 -7.01
N GLU B 354 -40.14 -10.49 -6.12
CA GLU B 354 -40.39 -10.71 -4.70
C GLU B 354 -39.95 -9.54 -3.83
N VAL B 355 -38.86 -8.87 -4.19
CA VAL B 355 -38.29 -7.83 -3.34
C VAL B 355 -38.85 -6.46 -3.67
N LEU B 356 -39.07 -6.17 -4.95
CA LEU B 356 -39.58 -4.86 -5.33
C LEU B 356 -41.07 -4.71 -5.02
N PRO B 357 -41.92 -5.71 -5.32
CA PRO B 357 -43.32 -5.58 -4.90
C PRO B 357 -43.51 -5.58 -3.39
N ARG B 358 -42.52 -6.02 -2.62
CA ARG B 358 -42.64 -6.02 -1.17
C ARG B 358 -42.40 -4.64 -0.57
N LEU B 359 -41.66 -3.79 -1.26
CA LEU B 359 -41.31 -2.46 -0.75
C LEU B 359 -42.42 -1.44 -0.92
N GLY B 360 -43.58 -1.84 -1.41
CA GLY B 360 -44.71 -0.94 -1.53
C GLY B 360 -45.23 -0.80 -2.94
N PRO B 361 -46.43 -0.23 -3.08
CA PRO B 361 -47.01 -0.03 -4.42
C PRO B 361 -46.46 1.16 -5.18
N ALA B 362 -45.45 1.85 -4.64
CA ALA B 362 -44.79 2.93 -5.37
C ALA B 362 -43.47 2.51 -5.97
N VAL B 363 -42.84 1.46 -5.43
CA VAL B 363 -41.64 0.91 -6.05
C VAL B 363 -41.98 -0.11 -7.13
N ALA B 364 -43.09 -0.83 -6.96
CA ALA B 364 -43.58 -1.77 -7.97
C ALA B 364 -44.57 -1.14 -8.92
N GLY B 365 -44.55 0.18 -9.05
CA GLY B 365 -45.45 0.87 -9.96
C GLY B 365 -44.70 1.86 -10.82
N SER B 366 -43.42 2.04 -10.53
CA SER B 366 -42.55 2.92 -11.29
C SER B 366 -41.68 2.10 -12.24
N ARG B 367 -41.52 2.60 -13.46
CA ARG B 367 -40.66 1.95 -14.44
C ARG B 367 -39.20 2.33 -14.27
N ALA B 368 -38.93 3.56 -13.84
CA ALA B 368 -37.56 3.97 -13.58
C ALA B 368 -36.92 3.13 -12.48
N ALA B 369 -37.70 2.73 -11.48
CA ALA B 369 -37.16 1.89 -10.42
C ALA B 369 -36.76 0.52 -10.94
N MET B 370 -37.59 -0.06 -11.82
CA MET B 370 -37.25 -1.35 -12.41
C MET B 370 -36.01 -1.24 -13.28
N TRP B 371 -35.93 -0.18 -14.09
CA TRP B 371 -34.74 0.01 -14.92
C TRP B 371 -33.49 0.18 -14.06
N ALA B 372 -33.60 0.93 -12.96
CA ALA B 372 -32.46 1.13 -12.08
C ALA B 372 -32.02 -0.18 -11.45
N ALA B 373 -32.98 -0.96 -10.94
CA ALA B 373 -32.64 -2.25 -10.34
C ALA B 373 -31.94 -3.15 -11.34
N GLY B 374 -32.51 -3.28 -12.54
CA GLY B 374 -31.90 -4.15 -13.54
C GLY B 374 -30.50 -3.71 -13.93
N LEU B 375 -30.33 -2.41 -14.19
CA LEU B 375 -29.04 -1.91 -14.65
C LEU B 375 -27.98 -2.00 -13.57
N VAL B 376 -28.36 -1.74 -12.31
CA VAL B 376 -27.38 -1.85 -11.23
C VAL B 376 -27.02 -3.31 -10.97
N LEU B 377 -28.00 -4.22 -11.08
CA LEU B 377 -27.68 -5.63 -10.97
C LEU B 377 -26.69 -6.05 -12.05
N LEU B 378 -26.93 -5.61 -13.29
CA LEU B 378 -26.01 -5.94 -14.38
C LEU B 378 -24.62 -5.36 -14.12
N GLY B 379 -24.55 -4.08 -13.73
CA GLY B 379 -23.27 -3.45 -13.52
C GLY B 379 -22.49 -4.01 -12.37
N ALA B 380 -23.16 -4.56 -11.36
CA ALA B 380 -22.48 -5.20 -10.25
C ALA B 380 -22.16 -6.66 -10.51
N TRP B 381 -22.89 -7.32 -11.42
CA TRP B 381 -22.62 -8.71 -11.74
C TRP B 381 -21.55 -8.89 -12.81
N MET B 382 -21.45 -7.96 -13.75
CA MET B 382 -20.56 -8.16 -14.90
C MET B 382 -19.10 -8.33 -14.51
N PRO B 383 -18.45 -7.41 -13.81
CA PRO B 383 -17.01 -7.51 -13.61
C PRO B 383 -16.57 -8.46 -12.50
N PHE B 384 -17.49 -9.04 -11.74
CA PHE B 384 -17.12 -9.82 -10.56
C PHE B 384 -17.54 -11.27 -10.64
N ASN B 385 -18.79 -11.56 -10.99
CA ASN B 385 -19.37 -12.89 -10.83
C ASN B 385 -19.53 -13.62 -12.16
N ASN B 386 -18.56 -13.49 -13.05
CA ASN B 386 -18.59 -14.21 -14.31
C ASN B 386 -17.53 -15.31 -14.40
N GLY B 387 -16.72 -15.48 -13.37
CA GLY B 387 -15.69 -16.50 -13.35
C GLY B 387 -16.12 -17.73 -12.60
N LEU B 388 -15.23 -18.26 -11.77
CA LEU B 388 -15.53 -19.40 -10.92
C LEU B 388 -15.50 -19.06 -9.43
N ARG B 389 -15.15 -17.84 -9.07
CA ARG B 389 -15.23 -17.43 -7.67
C ARG B 389 -16.68 -17.52 -7.20
N PRO B 390 -16.91 -18.05 -5.99
CA PRO B 390 -18.28 -18.29 -5.50
C PRO B 390 -18.90 -17.08 -4.82
N GLU B 391 -18.95 -15.95 -5.52
CA GLU B 391 -19.61 -14.75 -4.99
C GLU B 391 -21.06 -14.67 -5.43
N GLY B 392 -21.37 -15.07 -6.66
CA GLY B 392 -22.75 -15.07 -7.11
C GLY B 392 -23.59 -16.07 -6.33
N GLN B 393 -23.01 -17.21 -5.98
CA GLN B 393 -23.75 -18.19 -5.19
C GLN B 393 -24.07 -17.66 -3.81
N ILE B 394 -23.13 -16.96 -3.18
CA ILE B 394 -23.38 -16.41 -1.85
C ILE B 394 -24.39 -15.28 -1.94
N ALA B 395 -24.33 -14.46 -2.97
CA ALA B 395 -25.33 -13.41 -3.16
C ALA B 395 -26.72 -14.02 -3.34
N THR B 396 -26.83 -15.08 -4.13
CA THR B 396 -28.12 -15.72 -4.33
C THR B 396 -28.63 -16.37 -3.05
N GLY B 397 -27.74 -16.95 -2.25
CA GLY B 397 -28.17 -17.52 -0.98
C GLY B 397 -28.66 -16.47 -0.02
N ALA B 398 -27.93 -15.35 0.07
CA ALA B 398 -28.35 -14.25 0.93
C ALA B 398 -29.65 -13.60 0.45
N LEU B 399 -29.93 -13.68 -0.85
CA LEU B 399 -31.21 -13.18 -1.34
C LEU B 399 -32.36 -14.15 -1.05
N ILE B 400 -32.11 -15.45 -1.20
CA ILE B 400 -33.13 -16.45 -0.90
C ILE B 400 -33.49 -16.41 0.58
N THR B 401 -32.50 -16.19 1.44
CA THR B 401 -32.77 -16.10 2.88
C THR B 401 -33.70 -14.93 3.19
N TYR B 402 -33.41 -13.76 2.61
CA TYR B 402 -34.27 -12.60 2.81
C TYR B 402 -35.68 -12.86 2.28
N VAL B 403 -35.79 -13.48 1.10
CA VAL B 403 -37.11 -13.74 0.53
C VAL B 403 -37.89 -14.69 1.42
N LEU B 404 -37.24 -15.72 1.96
CA LEU B 404 -37.93 -16.69 2.80
C LEU B 404 -38.36 -16.06 4.12
N ILE B 405 -37.52 -15.20 4.70
CA ILE B 405 -37.89 -14.54 5.95
C ILE B 405 -39.05 -13.58 5.73
N GLU B 406 -39.06 -12.87 4.59
CA GLU B 406 -40.20 -12.01 4.30
C GLU B 406 -41.46 -12.82 4.07
N ARG B 407 -41.35 -14.00 3.45
CA ARG B 407 -42.52 -14.86 3.30
C ARG B 407 -43.04 -15.35 4.65
N ALA B 408 -42.13 -15.65 5.57
CA ALA B 408 -42.54 -16.05 6.91
C ALA B 408 -43.24 -14.92 7.63
N VAL B 409 -42.73 -13.70 7.49
CA VAL B 409 -43.38 -12.53 8.11
C VAL B 409 -44.76 -12.31 7.50
N THR B 410 -44.88 -12.48 6.19
CA THR B 410 -46.14 -12.24 5.50
C THR B 410 -47.19 -13.27 5.92
N SER B 411 -46.91 -14.55 5.68
CA SER B 411 -47.89 -15.59 5.95
C SER B 411 -48.10 -15.87 7.43
N GLY B 412 -47.16 -15.45 8.28
CA GLY B 412 -47.27 -15.71 9.70
C GLY B 412 -47.01 -17.14 10.09
N ARG B 413 -45.99 -17.77 9.51
CA ARG B 413 -45.65 -19.16 9.77
C ARG B 413 -44.17 -19.26 10.12
N LEU B 414 -43.77 -20.45 10.56
CA LEU B 414 -42.40 -20.72 10.95
C LEU B 414 -41.65 -21.62 9.99
N THR B 415 -42.33 -22.25 9.03
CA THR B 415 -41.64 -23.17 8.13
C THR B 415 -40.68 -22.44 7.19
N PRO B 416 -41.07 -21.35 6.53
CA PRO B 416 -40.05 -20.59 5.77
C PRO B 416 -38.96 -20.03 6.66
N ALA B 417 -39.29 -19.60 7.88
CA ALA B 417 -38.26 -19.15 8.81
C ALA B 417 -37.36 -20.29 9.27
N ALA B 418 -37.80 -21.53 9.13
CA ALA B 418 -36.95 -22.69 9.41
C ALA B 418 -36.08 -23.08 8.22
N LEU B 419 -36.60 -22.92 6.99
CA LEU B 419 -35.79 -23.18 5.82
C LEU B 419 -34.75 -22.10 5.61
N ALA B 420 -35.03 -20.86 6.05
CA ALA B 420 -34.07 -19.78 5.92
C ALA B 420 -32.81 -20.05 6.75
N ILE B 421 -32.96 -20.71 7.89
CA ILE B 421 -31.78 -21.01 8.72
C ILE B 421 -30.88 -22.02 8.01
N THR B 422 -31.47 -23.05 7.41
CA THR B 422 -30.67 -24.01 6.65
C THR B 422 -30.02 -23.36 5.44
N THR B 423 -30.74 -22.46 4.76
CA THR B 423 -30.16 -21.76 3.62
C THR B 423 -28.98 -20.91 4.06
N ALA B 424 -29.11 -20.19 5.18
CA ALA B 424 -28.02 -19.36 5.67
C ALA B 424 -26.83 -20.22 6.09
N ALA B 425 -27.08 -21.35 6.74
CA ALA B 425 -25.98 -22.25 7.11
C ALA B 425 -25.26 -22.77 5.88
N PHE B 426 -26.01 -23.20 4.86
CA PHE B 426 -25.39 -23.79 3.68
C PHE B 426 -24.62 -22.75 2.88
N THR B 427 -25.12 -21.52 2.82
CA THR B 427 -24.38 -20.49 2.11
C THR B 427 -23.24 -19.91 2.93
N LEU B 428 -23.22 -20.13 4.25
CA LEU B 428 -22.04 -19.83 5.04
C LEU B 428 -20.99 -20.91 4.89
N GLY B 429 -21.41 -22.15 4.66
CA GLY B 429 -20.47 -23.25 4.49
C GLY B 429 -19.74 -23.26 3.16
N ILE B 430 -19.95 -22.23 2.35
CA ILE B 430 -19.27 -22.13 1.05
C ILE B 430 -17.91 -21.45 1.20
N GLN B 431 -17.90 -20.27 1.80
CA GLN B 431 -16.68 -19.50 2.00
C GLN B 431 -16.78 -18.74 3.31
N PRO B 432 -15.66 -18.37 3.91
CA PRO B 432 -15.73 -17.57 5.15
C PRO B 432 -16.41 -16.23 4.96
N THR B 433 -16.49 -15.73 3.73
CA THR B 433 -17.20 -14.50 3.43
C THR B 433 -18.70 -14.69 3.34
N GLY B 434 -19.21 -15.87 3.64
CA GLY B 434 -20.63 -16.16 3.66
C GLY B 434 -21.36 -15.68 4.88
N LEU B 435 -20.69 -14.94 5.76
CA LEU B 435 -21.34 -14.40 6.96
C LEU B 435 -22.36 -13.33 6.62
N ILE B 436 -22.45 -12.91 5.37
CA ILE B 436 -23.36 -11.84 4.96
C ILE B 436 -24.79 -12.37 4.94
N ALA B 437 -24.96 -13.67 5.18
CA ALA B 437 -26.28 -14.28 5.14
C ALA B 437 -26.98 -14.27 6.48
N VAL B 438 -26.23 -14.26 7.59
CA VAL B 438 -26.85 -14.12 8.90
C VAL B 438 -27.31 -12.70 9.17
N ALA B 439 -26.87 -11.74 8.36
CA ALA B 439 -27.42 -10.39 8.44
C ALA B 439 -28.91 -10.40 8.13
N ALA B 440 -29.34 -11.24 7.18
CA ALA B 440 -30.75 -11.36 6.87
C ALA B 440 -31.55 -11.97 8.01
N LEU B 441 -30.91 -12.75 8.88
CA LEU B 441 -31.57 -13.32 10.05
C LEU B 441 -31.62 -12.33 11.20
N LEU B 442 -30.54 -11.57 11.41
CA LEU B 442 -30.55 -10.54 12.44
C LEU B 442 -31.55 -9.43 12.11
N ALA B 443 -31.63 -9.04 10.84
CA ALA B 443 -32.55 -7.97 10.46
C ALA B 443 -34.00 -8.36 10.68
N GLY B 444 -34.31 -9.65 10.63
CA GLY B 444 -35.67 -10.10 10.79
C GLY B 444 -35.90 -10.94 12.03
N GLY B 445 -35.31 -10.56 13.16
CA GLY B 445 -35.46 -11.30 14.38
C GLY B 445 -36.69 -10.92 15.18
N ARG B 446 -37.05 -9.64 15.13
CA ARG B 446 -38.19 -9.11 15.88
C ARG B 446 -39.52 -9.65 15.36
N PRO B 447 -39.80 -9.59 14.05
CA PRO B 447 -41.07 -10.15 13.56
C PRO B 447 -41.12 -11.67 13.57
N ILE B 448 -40.01 -12.35 13.87
CA ILE B 448 -40.03 -13.80 14.04
C ILE B 448 -40.24 -14.18 15.49
N LEU B 449 -39.67 -13.39 16.43
CA LEU B 449 -40.05 -13.54 17.82
C LEU B 449 -41.52 -13.24 18.01
N ARG B 450 -42.05 -12.26 17.28
CA ARG B 450 -43.48 -11.95 17.35
C ARG B 450 -44.34 -13.11 16.88
N ILE B 451 -43.79 -14.03 16.10
CA ILE B 451 -44.52 -15.22 15.67
C ILE B 451 -44.33 -16.36 16.65
N VAL B 452 -43.11 -16.54 17.15
CA VAL B 452 -42.84 -17.63 18.08
C VAL B 452 -43.61 -17.42 19.38
N MET B 453 -43.51 -16.23 19.96
CA MET B 453 -44.20 -15.96 21.22
C MET B 453 -45.71 -15.93 21.06
N ARG B 454 -46.22 -15.92 19.83
CA ARG B 454 -47.65 -15.94 19.57
C ARG B 454 -48.18 -17.35 19.31
N ARG B 455 -47.40 -18.19 18.62
CA ARG B 455 -47.80 -19.56 18.38
C ARG B 455 -47.43 -20.50 19.52
N ARG B 456 -46.56 -20.07 20.43
CA ARG B 456 -46.16 -20.92 21.55
C ARG B 456 -47.24 -21.05 22.61
N ARG B 457 -48.32 -20.27 22.51
CA ARG B 457 -49.44 -20.38 23.45
C ARG B 457 -50.51 -21.32 22.96
N LEU B 458 -50.21 -22.14 21.97
CA LEU B 458 -51.15 -23.14 21.46
C LEU B 458 -50.54 -24.53 21.44
N VAL B 459 -49.26 -24.66 21.14
CA VAL B 459 -48.60 -25.95 21.05
C VAL B 459 -47.51 -26.10 22.12
N GLY B 460 -46.76 -25.03 22.41
CA GLY B 460 -45.69 -25.07 23.36
C GLY B 460 -44.42 -24.47 22.79
N THR B 461 -43.34 -24.63 23.55
CA THR B 461 -42.05 -24.04 23.18
C THR B 461 -41.14 -25.02 22.45
N TRP B 462 -41.08 -26.27 22.92
CA TRP B 462 -40.14 -27.22 22.35
C TRP B 462 -40.53 -27.69 20.94
N PRO B 463 -41.81 -27.99 20.66
CA PRO B 463 -42.17 -28.33 19.28
C PRO B 463 -41.88 -27.23 18.28
N LEU B 464 -41.63 -26.01 18.74
CA LEU B 464 -41.25 -24.91 17.86
C LEU B 464 -39.76 -24.61 17.87
N ILE B 465 -39.06 -24.98 18.95
CA ILE B 465 -37.64 -24.66 19.06
C ILE B 465 -36.77 -25.80 18.55
N ALA B 466 -37.14 -27.06 18.83
CA ALA B 466 -36.26 -28.18 18.47
C ALA B 466 -36.10 -28.33 16.97
N PRO B 467 -37.15 -28.25 16.14
CA PRO B 467 -36.92 -28.22 14.69
C PRO B 467 -36.03 -27.08 14.24
N LEU B 468 -36.11 -25.92 14.90
CA LEU B 468 -35.23 -24.81 14.55
C LEU B 468 -33.79 -25.08 14.91
N LEU B 469 -33.53 -26.00 15.83
CA LEU B 469 -32.18 -26.42 16.16
C LEU B 469 -31.68 -27.49 15.19
N ALA B 470 -32.54 -28.47 14.87
CA ALA B 470 -32.17 -29.48 13.89
C ALA B 470 -31.91 -28.86 12.52
N ALA B 471 -32.63 -27.80 12.18
CA ALA B 471 -32.42 -27.12 10.90
C ALA B 471 -31.07 -26.41 10.88
N GLY B 472 -30.75 -25.70 11.96
CA GLY B 472 -29.48 -24.98 12.00
C GLY B 472 -28.28 -25.91 12.05
N THR B 473 -28.35 -26.96 12.87
CA THR B 473 -27.23 -27.88 13.04
C THR B 473 -27.45 -29.11 12.16
N VAL B 474 -27.34 -28.89 10.85
CA VAL B 474 -27.38 -29.98 9.89
C VAL B 474 -26.26 -29.90 8.86
N ILE B 475 -25.60 -28.76 8.70
CA ILE B 475 -24.49 -28.66 7.76
C ILE B 475 -23.22 -29.33 8.27
N LEU B 476 -23.18 -29.72 9.54
CA LEU B 476 -22.02 -30.45 10.04
C LEU B 476 -21.87 -31.80 9.37
N ALA B 477 -22.98 -32.46 9.05
CA ALA B 477 -22.94 -33.76 8.37
C ALA B 477 -22.45 -33.65 6.94
N VAL B 478 -22.44 -32.45 6.35
CA VAL B 478 -21.92 -32.23 5.01
C VAL B 478 -20.49 -31.69 5.05
N VAL B 479 -20.20 -30.85 6.05
CA VAL B 479 -18.86 -30.29 6.18
C VAL B 479 -17.87 -31.36 6.62
N PHE B 480 -18.27 -32.22 7.56
CA PHE B 480 -17.38 -33.23 8.12
C PHE B 480 -17.66 -34.61 7.56
N ALA B 481 -17.99 -34.69 6.26
CA ALA B 481 -18.24 -36.00 5.65
C ALA B 481 -16.95 -36.77 5.46
N ASP B 482 -15.94 -36.14 4.85
CA ASP B 482 -14.66 -36.77 4.63
C ASP B 482 -13.60 -36.38 5.63
N GLN B 483 -13.63 -35.15 6.14
CA GLN B 483 -12.58 -34.64 6.99
C GLN B 483 -12.88 -34.96 8.46
N THR B 484 -12.13 -34.36 9.37
CA THR B 484 -12.22 -34.67 10.79
C THR B 484 -11.80 -33.41 11.55
N ILE B 485 -12.32 -33.26 12.78
CA ILE B 485 -12.06 -32.06 13.56
C ILE B 485 -10.57 -31.87 13.82
N ALA B 486 -9.82 -32.97 13.97
CA ALA B 486 -8.39 -32.86 14.21
C ALA B 486 -7.66 -32.34 12.98
N THR B 487 -7.97 -32.90 11.80
CA THR B 487 -7.35 -32.42 10.57
C THR B 487 -7.78 -31.01 10.24
N VAL B 488 -9.03 -30.65 10.57
CA VAL B 488 -9.48 -29.29 10.36
C VAL B 488 -8.70 -28.33 11.24
N LEU B 489 -8.50 -28.68 12.51
CA LEU B 489 -7.70 -27.84 13.40
C LEU B 489 -6.26 -27.71 12.91
N GLU B 490 -5.68 -28.81 12.43
CA GLU B 490 -4.30 -28.76 11.94
C GLU B 490 -4.19 -27.86 10.72
N ALA B 491 -5.11 -28.01 9.77
CA ALA B 491 -5.04 -27.19 8.56
C ALA B 491 -5.31 -25.72 8.86
N THR B 492 -6.21 -25.44 9.81
CA THR B 492 -6.42 -24.06 10.22
C THR B 492 -5.19 -23.48 10.90
N ARG B 493 -4.51 -24.28 11.72
CA ARG B 493 -3.26 -23.83 12.31
C ARG B 493 -2.23 -23.48 11.23
N ILE B 494 -2.13 -24.33 10.21
CA ILE B 494 -1.18 -24.06 9.12
C ILE B 494 -1.53 -22.77 8.41
N ARG B 495 -2.80 -22.63 7.99
CA ARG B 495 -3.21 -21.46 7.22
C ARG B 495 -3.09 -20.18 8.03
N THR B 496 -3.25 -20.26 9.36
CA THR B 496 -3.11 -19.08 10.19
C THR B 496 -1.64 -18.74 10.44
N ALA B 497 -0.80 -19.75 10.61
CA ALA B 497 0.61 -19.50 10.89
C ALA B 497 1.36 -19.03 9.64
N ILE B 498 0.88 -19.39 8.45
CA ILE B 498 1.57 -19.07 7.20
C ILE B 498 0.81 -18.04 6.38
N GLY B 499 -0.41 -18.36 5.96
CA GLY B 499 -1.10 -17.57 4.97
C GLY B 499 -1.47 -16.20 5.49
N PRO B 500 -1.95 -15.35 4.58
CA PRO B 500 -2.43 -14.02 4.99
C PRO B 500 -3.55 -14.14 6.01
N SER B 501 -3.33 -13.54 7.17
CA SER B 501 -4.31 -13.61 8.26
C SER B 501 -5.22 -12.39 8.29
N GLN B 502 -4.67 -11.19 8.23
CA GLN B 502 -5.43 -9.96 8.05
C GLN B 502 -6.47 -9.79 9.17
N GLU B 503 -5.94 -9.59 10.37
CA GLU B 503 -6.75 -9.34 11.57
C GLU B 503 -7.74 -8.19 11.34
N TRP B 504 -8.76 -8.11 12.21
CA TRP B 504 -9.96 -7.34 11.87
C TRP B 504 -9.69 -5.85 11.74
N TRP B 505 -8.71 -5.31 12.47
CA TRP B 505 -8.46 -3.88 12.41
C TRP B 505 -7.71 -3.45 11.15
N THR B 506 -7.46 -4.38 10.22
CA THR B 506 -6.86 -4.07 8.94
C THR B 506 -7.91 -3.98 7.83
N GLU B 507 -9.12 -3.51 8.19
CA GLU B 507 -10.23 -3.50 7.24
C GLU B 507 -10.03 -2.45 6.14
N ASN B 508 -9.36 -1.34 6.46
CA ASN B 508 -9.23 -0.25 5.51
C ASN B 508 -8.41 -0.61 4.27
N LEU B 509 -7.74 -1.77 4.26
CA LEU B 509 -7.01 -2.18 3.07
C LEU B 509 -7.95 -2.44 1.90
N ARG B 510 -9.14 -2.97 2.17
CA ARG B 510 -10.09 -3.27 1.11
C ARG B 510 -10.49 -2.03 0.34
N TYR B 511 -10.57 -0.89 1.03
CA TYR B 511 -10.90 0.37 0.38
C TYR B 511 -9.66 1.13 -0.10
N TYR B 512 -8.50 0.85 0.49
CA TYR B 512 -7.26 1.43 -0.02
C TYR B 512 -6.89 0.84 -1.37
N TYR B 513 -7.18 -0.45 -1.59
CA TYR B 513 -6.90 -1.07 -2.88
C TYR B 513 -7.84 -0.60 -3.97
N LEU B 514 -8.96 0.03 -3.62
CA LEU B 514 -9.95 0.41 -4.61
C LEU B 514 -9.62 1.75 -5.26
N ILE B 515 -8.92 2.64 -4.56
CA ILE B 515 -8.63 3.98 -5.07
C ILE B 515 -7.32 4.02 -5.83
N LEU B 516 -6.73 2.88 -6.13
CA LEU B 516 -5.49 2.94 -6.87
C LEU B 516 -5.75 2.74 -8.36
N PRO B 517 -4.96 3.38 -9.23
CA PRO B 517 -5.16 3.23 -10.68
C PRO B 517 -4.43 2.02 -11.24
N THR B 518 -4.92 0.83 -10.88
CA THR B 518 -4.31 -0.42 -11.31
C THR B 518 -5.35 -1.33 -11.96
N THR B 519 -4.97 -2.57 -12.24
CA THR B 519 -5.91 -3.52 -12.84
C THR B 519 -6.89 -4.08 -11.81
N ASP B 520 -6.48 -4.19 -10.55
CA ASP B 520 -7.38 -4.69 -9.52
C ASP B 520 -8.56 -3.75 -9.31
N GLY B 521 -8.27 -2.47 -9.05
CA GLY B 521 -9.32 -1.47 -9.02
C GLY B 521 -9.34 -0.65 -10.29
N ALA B 522 -10.28 -0.96 -11.18
CA ALA B 522 -10.36 -0.35 -12.50
C ALA B 522 -11.68 0.40 -12.64
N ILE B 523 -11.96 0.86 -13.87
CA ILE B 523 -13.18 1.63 -14.12
C ILE B 523 -14.41 0.80 -13.79
N SER B 524 -14.39 -0.49 -14.15
CA SER B 524 -15.57 -1.34 -13.99
C SER B 524 -15.67 -1.97 -12.61
N ARG B 525 -14.59 -1.98 -11.83
CA ARG B 525 -14.59 -2.63 -10.53
C ARG B 525 -14.91 -1.68 -9.38
N ARG B 526 -15.41 -0.48 -9.67
CA ARG B 526 -15.81 0.47 -8.64
C ARG B 526 -17.32 0.68 -8.56
N VAL B 527 -18.04 0.30 -9.62
CA VAL B 527 -19.48 0.53 -9.67
C VAL B 527 -20.19 -0.22 -8.54
N ALA B 528 -19.83 -1.49 -8.34
CA ALA B 528 -20.54 -2.33 -7.38
C ALA B 528 -20.59 -1.71 -6.00
N PHE B 529 -19.60 -0.90 -5.63
CA PHE B 529 -19.57 -0.27 -4.32
C PHE B 529 -20.07 1.17 -4.35
N VAL B 530 -19.73 1.95 -5.37
CA VAL B 530 -20.13 3.35 -5.36
C VAL B 530 -21.62 3.48 -5.61
N PHE B 531 -22.18 2.69 -6.54
CA PHE B 531 -23.61 2.76 -6.79
C PHE B 531 -24.42 2.12 -5.69
N THR B 532 -23.78 1.54 -4.68
CA THR B 532 -24.45 1.08 -3.48
C THR B 532 -24.39 2.11 -2.37
N ALA B 533 -23.21 2.68 -2.11
CA ALA B 533 -23.09 3.68 -1.05
C ALA B 533 -23.84 4.96 -1.42
N MET B 534 -23.72 5.41 -2.67
CA MET B 534 -24.37 6.64 -3.11
C MET B 534 -25.89 6.55 -3.03
N CYS B 535 -26.44 5.34 -3.18
CA CYS B 535 -27.88 5.16 -3.06
C CYS B 535 -28.30 4.80 -1.63
N LEU B 536 -27.37 4.34 -0.81
CA LEU B 536 -27.69 3.94 0.56
C LEU B 536 -27.70 5.12 1.54
N PHE B 537 -26.73 6.03 1.43
CA PHE B 537 -26.62 7.01 2.51
C PHE B 537 -27.67 8.13 2.44
N PRO B 538 -27.87 8.78 1.29
CA PRO B 538 -28.94 9.80 1.23
C PRO B 538 -30.32 9.23 1.51
N SER B 539 -30.58 7.98 1.09
CA SER B 539 -31.86 7.36 1.41
C SER B 539 -32.02 7.17 2.91
N LEU B 540 -30.95 6.83 3.62
CA LEU B 540 -31.01 6.75 5.08
C LEU B 540 -31.32 8.11 5.69
N PHE B 541 -30.60 9.14 5.26
CA PHE B 541 -30.84 10.47 5.81
C PHE B 541 -32.22 11.00 5.47
N MET B 542 -32.82 10.52 4.37
CA MET B 542 -34.17 10.96 4.03
C MET B 542 -35.23 10.16 4.78
N MET B 543 -34.99 8.88 5.03
CA MET B 543 -35.90 8.08 5.84
C MET B 543 -35.85 8.49 7.31
N LEU B 544 -34.75 9.10 7.76
CA LEU B 544 -34.69 9.57 9.14
C LEU B 544 -35.66 10.72 9.37
N ARG B 545 -35.63 11.73 8.51
CA ARG B 545 -36.47 12.91 8.71
C ARG B 545 -37.94 12.62 8.42
N ARG B 546 -38.22 12.05 7.25
CA ARG B 546 -39.57 11.74 6.84
C ARG B 546 -40.02 10.40 7.42
N LYS B 547 -41.32 10.30 7.70
CA LYS B 547 -41.88 9.08 8.26
C LYS B 547 -43.11 8.58 7.51
N HIS B 548 -43.62 9.35 6.55
CA HIS B 548 -44.72 8.92 5.70
C HIS B 548 -44.40 9.33 4.28
N ILE B 549 -44.16 8.36 3.40
CA ILE B 549 -43.83 8.63 2.01
C ILE B 549 -44.91 8.10 1.07
N ALA B 550 -46.04 7.65 1.64
CA ALA B 550 -47.29 7.45 0.92
C ALA B 550 -47.26 6.29 -0.08
N GLY B 551 -46.09 5.68 -0.31
CA GLY B 551 -46.04 4.53 -1.18
C GLY B 551 -45.05 3.46 -0.76
N VAL B 552 -44.36 3.68 0.35
CA VAL B 552 -43.27 2.82 0.79
C VAL B 552 -43.62 2.22 2.14
N ALA B 553 -43.46 0.90 2.24
CA ALA B 553 -43.62 0.22 3.52
C ALA B 553 -42.38 0.43 4.37
N ARG B 554 -42.57 0.78 5.64
CA ARG B 554 -41.45 1.18 6.48
C ARG B 554 -40.59 -0.02 6.88
N GLY B 555 -41.24 -1.13 7.25
CA GLY B 555 -40.53 -2.31 7.71
C GLY B 555 -39.60 -2.91 6.68
N PRO B 556 -40.14 -3.29 5.52
CA PRO B 556 -39.30 -3.85 4.45
C PRO B 556 -38.26 -2.86 3.93
N ALA B 557 -38.48 -1.56 4.07
CA ALA B 557 -37.49 -0.59 3.62
C ALA B 557 -36.37 -0.40 4.64
N TRP B 558 -36.67 -0.54 5.92
CA TRP B 558 -35.63 -0.44 6.94
C TRP B 558 -34.83 -1.72 7.05
N ARG B 559 -35.46 -2.88 6.83
CA ARG B 559 -34.73 -4.14 6.90
C ARG B 559 -33.66 -4.24 5.82
N LEU B 560 -33.90 -3.66 4.65
CA LEU B 560 -32.91 -3.71 3.58
C LEU B 560 -31.67 -2.90 3.94
N MET B 561 -31.86 -1.69 4.45
CA MET B 561 -30.72 -0.89 4.90
C MET B 561 -29.99 -1.57 6.06
N GLY B 562 -30.76 -2.19 6.96
CA GLY B 562 -30.13 -2.95 8.04
C GLY B 562 -29.26 -4.07 7.53
N ILE B 563 -29.75 -4.80 6.52
CA ILE B 563 -28.95 -5.89 5.94
C ILE B 563 -27.69 -5.35 5.28
N ILE B 564 -27.81 -4.24 4.55
CA ILE B 564 -26.63 -3.69 3.87
C ILE B 564 -25.59 -3.24 4.88
N PHE B 565 -26.02 -2.57 5.96
CA PHE B 565 -25.06 -2.10 6.96
C PHE B 565 -24.46 -3.27 7.73
N ALA B 566 -25.27 -4.28 8.04
CA ALA B 566 -24.73 -5.46 8.72
C ALA B 566 -23.77 -6.22 7.82
N THR B 567 -23.98 -6.19 6.51
CA THR B 567 -23.02 -6.80 5.59
C THR B 567 -21.70 -6.03 5.58
N MET B 568 -21.78 -4.70 5.51
CA MET B 568 -20.56 -3.90 5.57
C MET B 568 -19.83 -4.10 6.90
N PHE B 569 -20.56 -4.40 7.97
CA PHE B 569 -19.93 -4.66 9.26
C PHE B 569 -19.29 -6.05 9.29
N PHE B 570 -20.02 -7.07 8.84
CA PHE B 570 -19.53 -8.44 8.79
C PHE B 570 -18.41 -8.64 7.78
N LEU B 571 -18.20 -7.69 6.87
CA LEU B 571 -17.09 -7.83 5.93
C LEU B 571 -15.73 -7.75 6.62
N MET B 572 -15.68 -7.32 7.88
CA MET B 572 -14.48 -7.50 8.70
C MET B 572 -14.43 -8.95 9.15
N PHE B 573 -13.47 -9.28 10.02
CA PHE B 573 -13.35 -10.61 10.59
C PHE B 573 -13.09 -11.68 9.53
N THR B 574 -12.90 -11.26 8.28
CA THR B 574 -12.57 -12.24 7.26
C THR B 574 -11.06 -12.34 7.09
N PRO B 575 -10.54 -13.55 6.90
CA PRO B 575 -9.07 -13.73 6.87
C PRO B 575 -8.37 -13.03 5.71
N THR B 576 -9.09 -12.58 4.69
CA THR B 576 -8.48 -11.94 3.53
C THR B 576 -9.28 -10.70 3.15
N LYS B 577 -8.57 -9.63 2.80
CA LYS B 577 -9.17 -8.37 2.39
C LYS B 577 -8.86 -8.14 0.92
N TRP B 578 -9.69 -8.68 0.05
CA TRP B 578 -9.57 -8.48 -1.38
C TRP B 578 -10.67 -7.55 -1.89
N ILE B 579 -10.60 -7.22 -3.18
CA ILE B 579 -11.66 -6.46 -3.82
C ILE B 579 -12.73 -7.38 -4.41
N HIS B 580 -12.39 -8.65 -4.71
CA HIS B 580 -13.36 -9.59 -5.23
C HIS B 580 -14.57 -9.76 -4.30
N HIS B 581 -14.43 -9.41 -3.03
CA HIS B 581 -15.50 -9.54 -2.06
C HIS B 581 -16.56 -8.46 -2.21
N PHE B 582 -16.49 -7.63 -3.25
CA PHE B 582 -17.52 -6.63 -3.51
C PHE B 582 -18.62 -7.14 -4.42
N GLY B 583 -18.48 -8.36 -4.95
CA GLY B 583 -19.56 -8.95 -5.72
C GLY B 583 -20.72 -9.45 -4.88
N LEU B 584 -20.58 -9.41 -3.55
CA LEU B 584 -21.66 -9.81 -2.66
C LEU B 584 -22.82 -8.82 -2.67
N PHE B 585 -22.58 -7.60 -3.15
CA PHE B 585 -23.60 -6.55 -3.16
C PHE B 585 -24.43 -6.56 -4.43
N ALA B 586 -24.26 -7.54 -5.31
CA ALA B 586 -24.88 -7.51 -6.63
C ALA B 586 -26.41 -7.35 -6.54
N ALA B 587 -27.05 -8.04 -5.60
CA ALA B 587 -28.49 -7.97 -5.48
C ALA B 587 -28.96 -6.87 -4.54
N VAL B 588 -28.25 -6.67 -3.42
CA VAL B 588 -28.70 -5.68 -2.46
C VAL B 588 -28.53 -4.27 -3.00
N GLY B 589 -27.49 -4.00 -3.79
CA GLY B 589 -27.39 -2.72 -4.44
C GLY B 589 -28.44 -2.48 -5.51
N GLY B 590 -28.83 -3.51 -6.23
CA GLY B 590 -29.91 -3.40 -7.19
C GLY B 590 -31.23 -3.14 -6.51
N ALA B 591 -31.41 -3.70 -5.32
CA ALA B 591 -32.63 -3.43 -4.54
C ALA B 591 -32.59 -2.08 -3.85
N MET B 592 -31.41 -1.54 -3.57
CA MET B 592 -31.32 -0.23 -2.94
C MET B 592 -31.43 0.90 -3.95
N ALA B 593 -30.94 0.68 -5.17
CA ALA B 593 -31.09 1.69 -6.21
C ALA B 593 -32.54 1.91 -6.58
N ALA B 594 -33.35 0.85 -6.59
CA ALA B 594 -34.76 1.00 -6.92
C ALA B 594 -35.51 1.77 -5.85
N LEU B 595 -35.05 1.72 -4.60
CA LEU B 595 -35.68 2.51 -3.55
C LEU B 595 -35.19 3.95 -3.57
N ALA B 596 -33.90 4.16 -3.86
CA ALA B 596 -33.39 5.52 -3.96
C ALA B 596 -34.03 6.26 -5.12
N THR B 597 -34.25 5.58 -6.25
CA THR B 597 -34.89 6.20 -7.40
C THR B 597 -36.28 6.71 -7.06
N VAL B 598 -36.98 6.02 -6.17
CA VAL B 598 -38.31 6.47 -5.75
C VAL B 598 -38.21 7.57 -4.71
N LEU B 599 -37.21 7.48 -3.82
CA LEU B 599 -37.08 8.47 -2.75
C LEU B 599 -36.64 9.83 -3.28
N VAL B 600 -35.86 9.87 -4.35
CA VAL B 600 -35.37 11.13 -4.89
C VAL B 600 -36.17 11.59 -6.11
N SER B 601 -37.39 11.08 -6.26
CA SER B 601 -38.22 11.47 -7.39
C SER B 601 -38.82 12.85 -7.16
N PRO B 602 -39.22 13.54 -8.24
CA PRO B 602 -39.80 14.89 -8.08
C PRO B 602 -41.08 14.93 -7.27
N THR B 603 -41.68 13.78 -6.94
CA THR B 603 -42.87 13.76 -6.11
C THR B 603 -42.59 13.53 -4.64
N VAL B 604 -41.39 13.08 -4.30
CA VAL B 604 -40.96 12.90 -2.92
C VAL B 604 -40.00 14.00 -2.49
N LEU B 605 -38.97 14.27 -3.29
CA LEU B 605 -38.12 15.44 -3.11
C LEU B 605 -38.74 16.57 -3.90
N ARG B 606 -39.39 17.51 -3.21
CA ARG B 606 -40.19 18.52 -3.88
C ARG B 606 -39.42 19.80 -4.16
N SER B 607 -38.32 20.06 -3.47
CA SER B 607 -37.55 21.28 -3.68
C SER B 607 -36.47 21.06 -4.74
N ALA B 608 -36.23 22.08 -5.54
CA ALA B 608 -35.32 21.95 -6.66
C ALA B 608 -33.86 21.82 -6.23
N ARG B 609 -33.47 22.49 -5.14
CA ARG B 609 -32.06 22.51 -4.77
C ARG B 609 -31.60 21.15 -4.23
N ASN B 610 -32.49 20.40 -3.57
CA ASN B 610 -32.12 19.08 -3.10
C ASN B 610 -31.89 18.13 -4.27
N ARG B 611 -32.75 18.19 -5.28
CA ARG B 611 -32.56 17.35 -6.46
C ARG B 611 -31.33 17.76 -7.25
N MET B 612 -31.04 19.06 -7.29
CA MET B 612 -29.81 19.52 -7.94
C MET B 612 -28.58 19.03 -7.20
N ALA B 613 -28.62 19.03 -5.86
CA ALA B 613 -27.49 18.52 -5.09
C ALA B 613 -27.31 17.03 -5.30
N PHE B 614 -28.41 16.29 -5.42
CA PHE B 614 -28.27 14.85 -5.69
C PHE B 614 -27.69 14.61 -7.09
N LEU B 615 -28.10 15.41 -8.08
CA LEU B 615 -27.50 15.32 -9.41
C LEU B 615 -26.01 15.60 -9.35
N SER B 616 -25.62 16.62 -8.58
CA SER B 616 -24.21 16.91 -8.39
C SER B 616 -23.46 15.72 -7.80
N LEU B 617 -24.05 15.08 -6.79
CA LEU B 617 -23.41 13.91 -6.18
C LEU B 617 -23.26 12.77 -7.18
N VAL B 618 -24.27 12.57 -8.03
CA VAL B 618 -24.21 11.51 -9.04
C VAL B 618 -23.07 11.79 -10.02
N LEU B 619 -22.99 13.03 -10.50
CA LEU B 619 -21.89 13.37 -11.41
C LEU B 619 -20.54 13.24 -10.72
N PHE B 620 -20.47 13.53 -9.43
CA PHE B 620 -19.22 13.38 -8.69
C PHE B 620 -18.79 11.93 -8.61
N VAL B 621 -19.73 11.02 -8.31
CA VAL B 621 -19.33 9.62 -8.22
C VAL B 621 -18.99 9.08 -9.61
N LEU B 622 -19.63 9.59 -10.66
CA LEU B 622 -19.23 9.20 -12.01
C LEU B 622 -17.80 9.62 -12.29
N ALA B 623 -17.47 10.87 -11.96
CA ALA B 623 -16.10 11.35 -12.14
C ALA B 623 -15.10 10.50 -11.35
N PHE B 624 -15.49 10.06 -10.15
CA PHE B 624 -14.61 9.18 -9.39
C PHE B 624 -14.45 7.84 -10.10
N CYS B 625 -15.53 7.32 -10.69
CA CYS B 625 -15.44 6.03 -11.38
C CYS B 625 -14.49 6.10 -12.56
N PHE B 626 -14.61 7.13 -13.39
CA PHE B 626 -13.88 7.21 -14.65
C PHE B 626 -12.43 7.65 -14.48
N ALA B 627 -11.87 7.61 -13.28
CA ALA B 627 -10.51 8.09 -13.02
C ALA B 627 -9.51 6.96 -12.88
N SER B 628 -9.63 5.91 -13.68
CA SER B 628 -8.71 4.78 -13.61
C SER B 628 -8.57 4.16 -14.99
N THR B 629 -7.80 3.07 -15.07
CA THR B 629 -7.57 2.40 -16.33
C THR B 629 -8.75 1.49 -16.67
N ASN B 630 -8.71 0.92 -17.88
CA ASN B 630 -9.77 0.04 -18.36
C ASN B 630 -9.25 -1.36 -18.62
N GLY B 631 -8.43 -1.88 -17.70
CA GLY B 631 -7.77 -3.16 -17.88
C GLY B 631 -8.52 -4.29 -17.20
N TRP B 632 -8.48 -5.46 -17.85
CA TRP B 632 -9.00 -6.70 -17.29
C TRP B 632 -7.83 -7.60 -16.93
N TRP B 633 -8.12 -8.81 -16.46
CA TRP B 633 -7.15 -9.50 -15.60
C TRP B 633 -6.03 -10.19 -16.38
N TYR B 634 -6.35 -11.25 -17.12
CA TYR B 634 -5.29 -12.04 -17.74
C TYR B 634 -5.37 -12.06 -19.26
N VAL B 635 -6.47 -12.54 -19.84
CA VAL B 635 -6.63 -12.60 -21.28
C VAL B 635 -7.86 -11.85 -21.76
N SER B 636 -8.74 -11.43 -20.85
CA SER B 636 -9.79 -10.49 -21.21
C SER B 636 -9.22 -9.12 -21.54
N ASN B 637 -7.96 -8.89 -21.21
CA ASN B 637 -7.27 -7.63 -21.46
C ASN B 637 -6.76 -7.50 -22.88
N PHE B 638 -6.84 -8.56 -23.68
CA PHE B 638 -6.36 -8.53 -25.06
C PHE B 638 -7.32 -7.71 -25.91
N GLY B 639 -6.86 -6.57 -26.39
CA GLY B 639 -7.63 -5.76 -27.32
C GLY B 639 -8.51 -4.70 -26.69
N ALA B 640 -8.44 -4.51 -25.37
CA ALA B 640 -9.25 -3.50 -24.72
C ALA B 640 -8.84 -2.11 -25.20
N PRO B 641 -9.78 -1.16 -25.24
CA PRO B 641 -9.48 0.18 -25.76
C PRO B 641 -8.45 0.95 -24.95
N PHE B 642 -8.68 1.10 -23.65
CA PHE B 642 -7.81 1.91 -22.81
C PHE B 642 -7.22 1.04 -21.70
N ASN B 643 -6.70 -0.13 -22.07
CA ASN B 643 -6.37 -1.17 -21.10
C ASN B 643 -5.24 -0.79 -20.17
N ASN B 644 -4.41 0.20 -20.50
CA ASN B 644 -3.28 0.53 -19.64
C ASN B 644 -3.07 2.03 -19.51
N SER B 645 -4.15 2.80 -19.57
CA SER B 645 -4.06 4.25 -19.44
C SER B 645 -5.43 4.80 -19.07
N VAL B 646 -5.43 6.02 -18.54
CA VAL B 646 -6.66 6.71 -18.18
C VAL B 646 -7.31 7.22 -19.46
N PRO B 647 -8.61 7.02 -19.64
CA PRO B 647 -9.26 7.48 -20.87
C PRO B 647 -9.11 8.98 -21.08
N LYS B 648 -9.00 9.38 -22.34
CA LYS B 648 -8.84 10.78 -22.71
C LYS B 648 -9.60 11.03 -24.00
N VAL B 649 -10.32 12.15 -24.05
CA VAL B 649 -11.08 12.53 -25.23
C VAL B 649 -10.19 13.45 -26.08
N GLY B 650 -8.90 13.47 -25.76
CA GLY B 650 -7.95 14.32 -26.42
C GLY B 650 -7.42 15.39 -25.49
N GLY B 651 -6.22 15.19 -24.96
CA GLY B 651 -5.63 16.12 -24.02
C GLY B 651 -6.20 16.01 -22.63
N VAL B 652 -7.50 16.28 -22.50
CA VAL B 652 -8.16 16.28 -21.20
C VAL B 652 -8.78 14.90 -20.93
N GLN B 653 -8.75 14.48 -19.68
CA GLN B 653 -9.33 13.21 -19.29
C GLN B 653 -10.85 13.30 -19.32
N ILE B 654 -11.51 12.18 -19.04
CA ILE B 654 -12.96 12.15 -18.97
C ILE B 654 -13.49 12.41 -17.56
N SER B 655 -12.71 12.07 -16.53
CA SER B 655 -13.13 12.40 -15.17
C SER B 655 -13.14 13.90 -14.92
N ALA B 656 -12.27 14.65 -15.63
CA ALA B 656 -12.26 16.10 -15.47
C ALA B 656 -13.54 16.73 -16.00
N ILE B 657 -14.09 16.18 -17.09
CA ILE B 657 -15.32 16.71 -17.64
C ILE B 657 -16.48 16.50 -16.66
N PHE B 658 -16.57 15.30 -16.08
CA PHE B 658 -17.61 15.03 -15.09
C PHE B 658 -17.41 15.86 -13.83
N PHE B 659 -16.16 16.11 -13.45
CA PHE B 659 -15.91 16.97 -12.28
C PHE B 659 -16.34 18.40 -12.55
N ALA B 660 -16.09 18.90 -13.76
CA ALA B 660 -16.54 20.24 -14.10
C ALA B 660 -18.06 20.32 -14.12
N LEU B 661 -18.72 19.31 -14.67
CA LEU B 661 -20.18 19.29 -14.66
C LEU B 661 -20.72 19.24 -13.23
N SER B 662 -20.07 18.47 -12.36
CA SER B 662 -20.50 18.40 -10.97
C SER B 662 -20.31 19.73 -10.26
N ALA B 663 -19.20 20.42 -10.54
CA ALA B 663 -18.99 21.75 -9.96
C ALA B 663 -20.04 22.73 -10.44
N ILE B 664 -20.42 22.66 -11.72
CA ILE B 664 -21.45 23.54 -12.25
C ILE B 664 -22.78 23.25 -11.58
N ALA B 665 -23.10 21.97 -11.37
CA ALA B 665 -24.34 21.60 -10.70
C ALA B 665 -24.34 22.07 -9.24
N ALA B 666 -23.19 22.01 -8.58
CA ALA B 666 -23.10 22.48 -7.20
C ALA B 666 -23.27 23.99 -7.12
N LEU B 667 -22.69 24.72 -8.06
CA LEU B 667 -22.90 26.18 -8.09
C LEU B 667 -24.36 26.52 -8.35
N TRP B 668 -25.01 25.76 -9.24
CA TRP B 668 -26.43 25.95 -9.49
C TRP B 668 -27.25 25.70 -8.23
N ALA B 669 -26.93 24.63 -7.50
CA ALA B 669 -27.65 24.33 -6.26
C ALA B 669 -27.43 25.41 -5.22
N PHE B 670 -26.21 25.95 -5.15
CA PHE B 670 -25.94 27.04 -4.20
C PHE B 670 -26.71 28.30 -4.57
N TRP B 671 -26.81 28.60 -5.87
CA TRP B 671 -27.59 29.76 -6.29
C TRP B 671 -29.07 29.57 -6.00
N LEU B 672 -29.58 28.34 -6.13
CA LEU B 672 -30.97 28.08 -5.74
C LEU B 672 -31.14 28.18 -4.23
N HIS B 673 -30.09 27.86 -3.48
CA HIS B 673 -30.16 27.93 -2.02
C HIS B 673 -30.20 29.38 -1.54
N LEU B 674 -29.38 30.25 -2.15
CA LEU B 674 -29.30 31.63 -1.69
C LEU B 674 -30.61 32.38 -1.92
N THR B 675 -31.21 32.22 -3.10
CA THR B 675 -32.38 32.99 -3.47
C THR B 675 -33.69 32.37 -3.01
N ARG B 676 -33.64 31.21 -2.36
CA ARG B 676 -34.83 30.54 -1.84
C ARG B 676 -35.85 30.27 -2.95
N ARG B 677 -35.43 29.44 -3.90
CA ARG B 677 -36.27 29.07 -5.04
C ARG B 677 -36.57 27.58 -4.97
N THR B 678 -37.82 27.22 -5.28
CA THR B 678 -38.27 25.83 -5.18
C THR B 678 -39.06 25.35 -6.38
N GLU B 679 -39.21 26.16 -7.43
CA GLU B 679 -40.08 25.82 -8.55
C GLU B 679 -39.36 26.09 -9.87
N SER B 680 -38.12 25.61 -9.98
CA SER B 680 -37.43 25.64 -11.27
C SER B 680 -38.05 24.61 -12.21
N ARG B 681 -37.89 24.86 -13.51
CA ARG B 681 -38.55 24.03 -14.52
C ARG B 681 -37.60 23.14 -15.31
N VAL B 682 -36.36 23.58 -15.56
CA VAL B 682 -35.40 22.72 -16.22
C VAL B 682 -34.82 21.70 -15.27
N VAL B 683 -34.85 21.96 -13.96
CA VAL B 683 -34.45 20.95 -13.00
C VAL B 683 -35.41 19.77 -13.03
N ASP B 684 -36.70 20.04 -13.28
CA ASP B 684 -37.67 18.95 -13.42
C ASP B 684 -37.32 18.04 -14.59
N ARG B 685 -36.71 18.60 -15.64
CA ARG B 685 -36.29 17.79 -16.78
C ARG B 685 -34.98 17.06 -16.48
N LEU B 686 -34.04 17.72 -15.81
CA LEU B 686 -32.73 17.13 -15.62
C LEU B 686 -32.71 16.08 -14.51
N THR B 687 -33.63 16.16 -13.54
CA THR B 687 -33.56 15.32 -12.35
C THR B 687 -34.69 14.30 -12.30
N ALA B 688 -34.98 13.66 -13.44
CA ALA B 688 -35.94 12.57 -13.50
C ALA B 688 -35.15 11.29 -13.79
N ALA B 689 -35.00 10.45 -12.76
CA ALA B 689 -34.30 9.18 -12.85
C ALA B 689 -32.87 9.35 -13.34
N PRO B 690 -31.98 9.94 -12.54
CA PRO B 690 -30.57 10.07 -12.97
C PRO B 690 -29.76 8.80 -12.77
N ILE B 691 -30.17 7.98 -11.80
CA ILE B 691 -29.46 6.75 -11.46
C ILE B 691 -29.57 5.73 -12.59
N PRO B 692 -30.76 5.50 -13.19
CA PRO B 692 -30.79 4.60 -14.35
C PRO B 692 -29.86 5.02 -15.47
N VAL B 693 -29.77 6.32 -15.75
CA VAL B 693 -28.89 6.80 -16.82
C VAL B 693 -27.43 6.58 -16.45
N ALA B 694 -27.06 6.94 -15.21
CA ALA B 694 -25.68 6.78 -14.77
C ALA B 694 -25.27 5.31 -14.71
N ALA B 695 -26.22 4.38 -14.55
CA ALA B 695 -25.88 2.96 -14.57
C ALA B 695 -25.84 2.40 -15.98
N GLY B 696 -26.79 2.81 -16.83
CA GLY B 696 -26.76 2.37 -18.22
C GLY B 696 -25.51 2.84 -18.94
N PHE B 697 -24.99 4.02 -18.57
CA PHE B 697 -23.73 4.48 -19.15
C PHE B 697 -22.62 3.48 -18.89
N MET B 698 -22.46 3.06 -17.63
CA MET B 698 -21.38 2.13 -17.30
C MET B 698 -21.61 0.76 -17.92
N VAL B 699 -22.87 0.31 -17.99
CA VAL B 699 -23.15 -0.98 -18.61
C VAL B 699 -22.78 -0.95 -20.09
N VAL B 700 -23.17 0.12 -20.79
CA VAL B 700 -22.83 0.24 -22.21
C VAL B 700 -21.32 0.33 -22.39
N VAL B 701 -20.63 1.03 -21.48
CA VAL B 701 -19.18 1.13 -21.56
C VAL B 701 -18.54 -0.24 -21.45
N MET B 702 -18.99 -1.06 -20.48
CA MET B 702 -18.43 -2.40 -20.33
C MET B 702 -18.71 -3.26 -21.56
N MET B 703 -19.95 -3.25 -22.04
CA MET B 703 -20.30 -4.08 -23.19
C MET B 703 -19.49 -3.70 -24.43
N ALA B 704 -19.35 -2.40 -24.69
CA ALA B 704 -18.56 -1.97 -25.84
C ALA B 704 -17.07 -2.28 -25.66
N SER B 705 -16.56 -2.13 -24.43
CA SER B 705 -15.16 -2.44 -24.18
C SER B 705 -14.86 -3.90 -24.48
N MET B 706 -15.76 -4.81 -24.09
CA MET B 706 -15.51 -6.22 -24.35
C MET B 706 -15.94 -6.67 -25.73
N ALA B 707 -16.75 -5.89 -26.44
CA ALA B 707 -17.11 -6.24 -27.81
C ALA B 707 -16.14 -5.67 -28.84
N ILE B 708 -15.35 -4.67 -28.48
CA ILE B 708 -14.38 -4.11 -29.43
C ILE B 708 -13.16 -5.02 -29.56
N GLY B 709 -12.74 -5.64 -28.46
CA GLY B 709 -11.56 -6.49 -28.51
C GLY B 709 -11.77 -7.73 -29.36
N VAL B 710 -12.99 -8.27 -29.37
CA VAL B 710 -13.28 -9.45 -30.19
C VAL B 710 -13.11 -9.12 -31.66
N VAL B 711 -13.50 -7.90 -32.07
CA VAL B 711 -13.39 -7.52 -33.47
C VAL B 711 -11.96 -7.12 -33.81
N ARG B 712 -11.24 -6.52 -32.87
CA ARG B 712 -9.87 -6.12 -33.15
C ARG B 712 -8.94 -7.32 -33.26
N GLN B 713 -8.89 -8.16 -32.24
CA GLN B 713 -8.01 -9.32 -32.46
C GLN B 713 -8.80 -10.43 -33.05
N TYR B 714 -8.68 -10.58 -34.33
CA TYR B 714 -9.36 -11.68 -35.01
C TYR B 714 -8.50 -11.92 -36.23
N PRO B 715 -8.06 -13.13 -36.57
CA PRO B 715 -8.61 -14.32 -35.98
C PRO B 715 -7.73 -14.89 -34.89
N THR B 716 -7.07 -14.07 -34.09
CA THR B 716 -6.19 -14.56 -33.02
C THR B 716 -6.98 -14.75 -31.73
N TYR B 717 -6.33 -14.87 -30.61
CA TYR B 717 -7.11 -15.30 -29.45
C TYR B 717 -7.87 -14.11 -28.85
N SER B 718 -9.20 -14.26 -28.77
CA SER B 718 -10.03 -13.38 -27.97
C SER B 718 -10.89 -14.24 -27.04
N ASN B 719 -11.44 -13.60 -26.00
CA ASN B 719 -12.14 -14.33 -24.97
C ASN B 719 -13.52 -14.81 -25.39
N GLY B 720 -14.03 -14.36 -26.54
CA GLY B 720 -15.34 -14.77 -26.99
C GLY B 720 -15.30 -15.60 -28.25
N TRP B 721 -14.16 -15.59 -28.93
CA TRP B 721 -13.93 -16.45 -30.08
C TRP B 721 -13.47 -17.84 -29.67
N ALA B 722 -12.75 -17.94 -28.54
CA ALA B 722 -12.38 -19.25 -28.02
C ALA B 722 -13.59 -20.01 -27.51
N ASN B 723 -14.52 -19.32 -26.86
CA ASN B 723 -15.73 -19.97 -26.38
C ASN B 723 -16.62 -20.44 -27.53
N ILE B 724 -16.47 -19.86 -28.72
CA ILE B 724 -17.19 -20.33 -29.89
C ILE B 724 -16.45 -21.48 -30.56
N ARG B 725 -15.12 -21.42 -30.60
CA ARG B 725 -14.34 -22.51 -31.15
C ARG B 725 -14.44 -23.76 -30.28
N ALA B 726 -14.73 -23.60 -28.98
CA ALA B 726 -14.81 -24.75 -28.08
C ALA B 726 -15.88 -25.74 -28.47
N PHE B 727 -16.87 -25.34 -29.29
CA PHE B 727 -17.89 -26.28 -29.73
C PHE B 727 -17.39 -27.21 -30.82
N ALA B 728 -16.45 -26.74 -31.65
CA ALA B 728 -15.90 -27.52 -32.75
C ALA B 728 -14.61 -28.23 -32.37
N GLY B 729 -14.43 -28.57 -31.11
CA GLY B 729 -13.22 -29.24 -30.67
C GLY B 729 -12.01 -28.34 -30.71
N GLY B 730 -12.00 -27.29 -29.89
CA GLY B 730 -10.89 -26.36 -29.86
C GLY B 730 -10.39 -26.15 -28.45
N CYS B 731 -9.13 -25.73 -28.37
CA CYS B 731 -8.49 -25.44 -27.10
C CYS B 731 -8.59 -23.94 -26.82
N GLY B 732 -7.89 -23.49 -25.79
CA GLY B 732 -7.85 -22.07 -25.48
C GLY B 732 -6.66 -21.39 -26.13
N LEU B 733 -5.73 -20.91 -25.32
CA LEU B 733 -4.51 -20.32 -25.85
C LEU B 733 -3.57 -21.35 -26.48
N ALA B 734 -3.83 -22.63 -26.28
CA ALA B 734 -2.95 -23.66 -26.84
C ALA B 734 -3.03 -23.76 -28.35
N ASP B 735 -3.92 -23.00 -29.00
CA ASP B 735 -4.04 -23.01 -30.45
C ASP B 735 -3.44 -21.78 -31.12
N ASP B 736 -3.21 -20.71 -30.36
CA ASP B 736 -2.74 -19.45 -30.93
C ASP B 736 -1.36 -19.05 -30.45
N VAL B 737 -0.66 -19.95 -29.75
CA VAL B 737 0.70 -19.69 -29.27
C VAL B 737 1.65 -20.61 -30.03
N LEU B 738 2.74 -20.04 -30.54
CA LEU B 738 3.72 -20.79 -31.32
C LEU B 738 5.03 -20.84 -30.54
N VAL B 739 5.61 -22.04 -30.47
CA VAL B 739 6.81 -22.28 -29.67
C VAL B 739 7.93 -22.76 -30.58
N GLU B 740 9.16 -22.32 -30.29
CA GLU B 740 10.33 -22.76 -31.04
C GLU B 740 10.90 -24.01 -30.36
N PRO B 741 10.75 -25.19 -30.95
CA PRO B 741 11.35 -26.39 -30.34
C PRO B 741 12.86 -26.26 -30.17
N ASP B 742 13.56 -25.99 -31.26
CA ASP B 742 15.00 -25.77 -31.25
C ASP B 742 15.27 -24.35 -31.72
N SER B 743 15.68 -23.48 -30.80
CA SER B 743 15.93 -22.08 -31.13
C SER B 743 17.35 -21.87 -31.67
N ASN B 744 17.70 -22.67 -32.68
CA ASN B 744 18.97 -22.52 -33.37
C ASN B 744 18.82 -22.59 -34.89
N ALA B 745 17.69 -23.04 -35.40
CA ALA B 745 17.46 -23.13 -36.83
C ALA B 745 16.85 -21.84 -37.34
N GLY B 746 17.20 -21.47 -38.56
CA GLY B 746 16.70 -20.26 -39.19
C GLY B 746 17.67 -19.10 -39.26
N PHE B 747 18.98 -19.35 -39.23
CA PHE B 747 19.96 -18.28 -39.31
C PHE B 747 20.33 -18.04 -40.77
N LEU B 748 20.34 -16.77 -41.16
CA LEU B 748 20.51 -16.40 -42.56
C LEU B 748 21.98 -16.37 -42.95
N THR B 749 22.24 -16.65 -44.23
CA THR B 749 23.60 -16.74 -44.75
C THR B 749 24.11 -15.36 -45.13
N PRO B 750 25.27 -14.94 -44.63
CA PRO B 750 25.84 -13.64 -45.04
C PRO B 750 26.50 -13.75 -46.40
N LEU B 751 26.20 -12.80 -47.27
CA LEU B 751 26.79 -12.81 -48.60
C LEU B 751 28.30 -12.65 -48.50
N PRO B 752 29.08 -13.38 -49.31
CA PRO B 752 30.53 -13.39 -49.14
C PRO B 752 31.15 -12.00 -49.30
N GLY B 753 32.35 -11.85 -48.74
CA GLY B 753 33.06 -10.59 -48.80
C GLY B 753 34.34 -10.63 -47.99
N ALA B 754 34.70 -9.48 -47.44
CA ALA B 754 35.89 -9.35 -46.62
C ALA B 754 35.54 -8.51 -45.39
N TYR B 755 35.69 -9.11 -44.21
CA TYR B 755 35.33 -8.45 -42.96
C TYR B 755 36.53 -8.47 -42.02
N GLY B 756 36.31 -7.99 -40.80
CA GLY B 756 37.38 -7.86 -39.83
C GLY B 756 37.35 -8.95 -38.76
N PRO B 757 37.63 -8.56 -37.51
CA PRO B 757 37.68 -9.55 -36.43
C PRO B 757 36.33 -9.87 -35.79
N LEU B 758 35.30 -9.05 -36.00
CA LEU B 758 33.98 -9.33 -35.46
C LEU B 758 33.21 -10.33 -36.31
N GLY B 759 33.74 -10.76 -37.43
CA GLY B 759 33.04 -11.66 -38.33
C GLY B 759 32.17 -10.90 -39.30
N PRO B 760 31.16 -11.58 -39.86
CA PRO B 760 30.20 -10.88 -40.71
C PRO B 760 29.14 -10.09 -39.95
N LEU B 761 29.03 -10.28 -38.63
CA LEU B 761 28.07 -9.51 -37.85
C LEU B 761 28.48 -8.05 -37.75
N GLY B 762 29.77 -7.79 -37.54
CA GLY B 762 30.32 -6.47 -37.66
C GLY B 762 30.87 -6.28 -39.05
N GLY B 763 30.44 -5.21 -39.71
CA GLY B 763 30.70 -5.07 -41.13
C GLY B 763 32.10 -4.59 -41.46
N GLU B 764 32.19 -3.62 -42.37
CA GLU B 764 33.50 -3.16 -42.83
C GLU B 764 34.23 -2.37 -41.74
N ASP B 765 33.53 -1.41 -41.12
CA ASP B 765 34.14 -0.52 -40.13
C ASP B 765 33.26 -0.42 -38.89
N PRO B 766 33.31 -1.41 -38.01
CA PRO B 766 32.62 -1.28 -36.72
C PRO B 766 33.38 -0.32 -35.82
N GLN B 767 32.66 0.69 -35.31
CA GLN B 767 33.33 1.79 -34.61
C GLN B 767 33.64 1.42 -33.16
N GLY B 768 32.62 1.15 -32.36
CA GLY B 768 32.84 0.93 -30.94
C GLY B 768 32.21 -0.35 -30.42
N PHE B 769 32.26 -1.41 -31.20
CA PHE B 769 31.67 -2.69 -30.82
C PHE B 769 32.77 -3.72 -30.57
N SER B 770 32.59 -4.51 -29.51
CA SER B 770 33.51 -5.56 -29.13
C SER B 770 32.74 -6.84 -28.87
N PRO B 771 33.36 -8.01 -29.15
CA PRO B 771 32.63 -9.26 -28.95
C PRO B 771 32.22 -9.50 -27.50
N ASP B 772 33.13 -9.34 -26.56
CA ASP B 772 32.80 -9.46 -25.13
C ASP B 772 32.54 -8.09 -24.53
N GLY B 773 31.49 -7.44 -25.04
CA GLY B 773 31.10 -6.13 -24.57
C GLY B 773 29.78 -6.16 -23.82
N VAL B 774 29.61 -7.18 -22.98
CA VAL B 774 28.38 -7.38 -22.22
C VAL B 774 28.75 -7.38 -20.74
N PRO B 775 27.87 -6.92 -19.85
CA PRO B 775 28.15 -7.06 -18.42
C PRO B 775 28.13 -8.50 -17.95
N ASP B 776 28.31 -8.73 -16.65
CA ASP B 776 28.53 -10.09 -16.15
C ASP B 776 27.24 -10.89 -16.07
N ARG B 777 26.27 -10.42 -15.28
CA ARG B 777 25.07 -11.19 -14.97
C ARG B 777 23.90 -10.69 -15.83
N ILE B 778 23.90 -11.13 -17.09
CA ILE B 778 22.81 -10.82 -18.02
C ILE B 778 22.18 -12.14 -18.43
N ILE B 779 20.88 -12.29 -18.15
CA ILE B 779 20.18 -13.56 -18.32
C ILE B 779 18.98 -13.35 -19.22
N ALA B 780 18.38 -14.46 -19.64
CA ALA B 780 17.28 -14.45 -20.59
C ALA B 780 15.98 -14.08 -19.90
N GLU B 781 15.41 -12.93 -20.28
CA GLU B 781 14.08 -12.52 -19.85
C GLU B 781 13.96 -12.42 -18.33
N ALA B 782 14.98 -11.85 -17.70
CA ALA B 782 14.96 -11.66 -16.25
C ALA B 782 16.03 -10.63 -15.90
N ILE B 783 16.08 -10.27 -14.61
CA ILE B 783 17.08 -9.34 -14.11
C ILE B 783 17.68 -9.93 -12.84
N ARG B 784 18.88 -10.51 -12.97
CA ARG B 784 19.50 -11.20 -11.85
C ARG B 784 19.86 -10.22 -10.74
N LEU B 785 19.36 -10.50 -9.55
CA LEU B 785 19.64 -9.70 -8.36
C LEU B 785 20.70 -10.41 -7.53
N ASN B 786 20.96 -9.89 -6.33
CA ASN B 786 21.99 -10.48 -5.47
C ASN B 786 21.46 -11.73 -4.76
N ASN B 787 20.48 -11.55 -3.89
CA ASN B 787 19.91 -12.69 -3.18
C ASN B 787 18.98 -13.48 -4.09
N PRO B 788 18.91 -14.80 -3.94
CA PRO B 788 18.14 -15.63 -4.88
C PRO B 788 16.64 -15.37 -4.74
N GLN B 789 15.90 -15.92 -5.69
CA GLN B 789 14.46 -15.78 -5.79
C GLN B 789 13.83 -17.16 -5.88
N PRO B 790 12.52 -17.28 -5.61
CA PRO B 790 11.88 -18.60 -5.61
C PRO B 790 11.91 -19.33 -6.95
N GLY B 791 11.41 -18.70 -8.01
CA GLY B 791 11.23 -19.41 -9.27
C GLY B 791 12.25 -19.10 -10.34
N THR B 792 13.52 -19.01 -9.96
CA THR B 792 14.57 -18.68 -10.93
C THR B 792 14.79 -19.84 -11.90
N ASP B 793 15.52 -19.54 -12.96
CA ASP B 793 15.90 -20.53 -13.95
C ASP B 793 17.24 -21.17 -13.58
N TYR B 794 17.74 -22.03 -14.45
CA TYR B 794 19.04 -22.65 -14.20
C TYR B 794 20.17 -21.64 -14.34
N ASP B 795 20.09 -20.76 -15.33
CA ASP B 795 21.20 -19.86 -15.63
C ASP B 795 21.38 -18.76 -14.61
N TRP B 796 20.68 -18.72 -13.48
CA TRP B 796 21.00 -17.74 -12.45
C TRP B 796 22.34 -18.04 -11.79
N ASN B 797 22.68 -19.31 -11.61
CA ASN B 797 23.90 -19.75 -10.96
C ASN B 797 24.74 -20.48 -12.00
N ARG B 798 25.58 -19.73 -12.70
CA ARG B 798 26.44 -20.28 -13.74
C ARG B 798 27.69 -19.42 -13.82
N PRO B 799 28.80 -19.97 -14.33
CA PRO B 799 30.02 -19.17 -14.44
C PRO B 799 29.83 -17.96 -15.33
N ILE B 800 30.46 -16.85 -14.92
CA ILE B 800 30.32 -15.60 -15.68
C ILE B 800 30.88 -15.77 -17.09
N LYS B 801 31.99 -16.48 -17.22
CA LYS B 801 32.60 -16.73 -18.51
C LYS B 801 32.10 -18.07 -19.08
N LEU B 802 32.63 -18.46 -20.23
CA LEU B 802 32.33 -19.74 -20.83
C LEU B 802 33.50 -20.71 -20.82
N ASP B 803 34.73 -20.21 -20.63
CA ASP B 803 35.99 -20.96 -20.63
C ASP B 803 36.39 -21.41 -22.02
N GLU B 804 35.57 -21.15 -23.05
CA GLU B 804 35.93 -21.46 -24.43
C GLU B 804 35.42 -20.30 -25.28
N PRO B 805 36.27 -19.69 -26.10
CA PRO B 805 35.82 -18.60 -26.96
C PRO B 805 35.01 -19.12 -28.14
N GLY B 806 33.94 -18.41 -28.45
CA GLY B 806 33.04 -18.83 -29.51
C GLY B 806 33.61 -18.63 -30.91
N ILE B 807 32.73 -18.59 -31.91
CA ILE B 807 33.13 -18.43 -33.31
C ILE B 807 33.48 -16.97 -33.54
N ASN B 808 33.25 -16.13 -32.53
CA ASN B 808 33.50 -14.70 -32.62
C ASN B 808 34.66 -14.23 -31.75
N GLY B 809 35.07 -15.03 -30.77
CA GLY B 809 36.10 -14.65 -29.83
C GLY B 809 35.58 -14.16 -28.50
N SER B 810 34.26 -14.15 -28.30
CA SER B 810 33.66 -13.67 -27.07
C SER B 810 33.58 -14.79 -26.03
N THR B 811 33.29 -14.39 -24.79
CA THR B 811 33.16 -15.32 -23.67
C THR B 811 31.90 -15.04 -22.87
N VAL B 812 30.85 -14.58 -23.53
CA VAL B 812 29.59 -14.26 -22.86
C VAL B 812 28.64 -15.46 -22.96
N PRO B 813 27.94 -15.81 -21.89
CA PRO B 813 26.97 -16.91 -21.96
C PRO B 813 25.74 -16.48 -22.77
N LEU B 814 25.34 -17.34 -23.71
CA LEU B 814 24.25 -16.99 -24.62
C LEU B 814 22.94 -17.60 -24.15
N PRO B 815 21.81 -16.92 -24.39
CA PRO B 815 20.52 -17.42 -23.91
C PRO B 815 19.83 -18.39 -24.87
N TYR B 816 18.67 -18.89 -24.44
CA TYR B 816 17.80 -19.75 -25.26
C TYR B 816 18.50 -21.01 -25.77
N GLY B 817 19.64 -21.35 -25.17
CA GLY B 817 20.38 -22.51 -25.64
C GLY B 817 21.03 -22.29 -26.99
N LEU B 818 21.60 -21.10 -27.21
CA LEU B 818 22.27 -20.78 -28.45
C LEU B 818 23.72 -21.24 -28.35
N ASP B 819 24.13 -22.11 -29.27
CA ASP B 819 25.49 -22.64 -29.26
C ASP B 819 26.50 -21.52 -29.47
N PRO B 820 27.43 -21.31 -28.54
CA PRO B 820 28.44 -20.26 -28.74
C PRO B 820 29.40 -20.54 -29.89
N LYS B 821 29.47 -21.78 -30.37
CA LYS B 821 30.33 -22.12 -31.50
C LYS B 821 29.67 -21.83 -32.85
N ARG B 822 28.48 -21.25 -32.83
CA ARG B 822 27.78 -20.89 -34.07
C ARG B 822 27.24 -19.46 -34.09
N VAL B 823 26.95 -18.86 -32.94
CA VAL B 823 26.25 -17.59 -32.87
C VAL B 823 27.22 -16.53 -32.34
N PRO B 824 27.67 -15.61 -33.17
CA PRO B 824 28.55 -14.53 -32.71
C PRO B 824 27.77 -13.49 -31.90
N VAL B 825 28.52 -12.58 -31.27
CA VAL B 825 27.96 -11.51 -30.46
C VAL B 825 28.77 -10.24 -30.75
N ALA B 826 28.21 -9.10 -30.35
CA ALA B 826 28.90 -7.82 -30.43
C ALA B 826 28.22 -6.85 -29.47
N GLY B 827 29.02 -6.13 -28.70
CA GLY B 827 28.49 -5.30 -27.64
C GLY B 827 29.16 -3.94 -27.60
N THR B 828 28.45 -2.99 -26.98
CA THR B 828 28.91 -1.61 -26.84
C THR B 828 29.42 -1.30 -25.43
N TYR B 829 29.01 -2.06 -24.42
CA TYR B 829 29.37 -1.76 -23.04
C TYR B 829 30.88 -1.76 -22.87
N SER B 830 31.37 -0.83 -22.05
CA SER B 830 32.78 -0.66 -21.77
C SER B 830 32.94 -0.06 -20.40
N THR B 831 34.13 -0.23 -19.82
CA THR B 831 34.38 0.20 -18.44
C THR B 831 35.57 1.16 -18.34
N GLU B 832 36.17 1.52 -19.47
CA GLU B 832 37.34 2.38 -19.46
C GLU B 832 37.11 3.72 -20.14
N ALA B 833 36.39 3.75 -21.26
CA ALA B 833 36.21 4.98 -22.02
C ALA B 833 34.98 4.87 -22.89
N GLN B 834 34.09 5.85 -22.79
CA GLN B 834 32.85 5.83 -23.55
C GLN B 834 33.08 6.37 -24.95
N GLN B 835 32.15 6.05 -25.85
CA GLN B 835 32.33 6.31 -27.26
C GLN B 835 30.98 6.23 -27.95
N GLU B 836 30.92 6.79 -29.16
CA GLU B 836 29.78 6.65 -30.04
C GLU B 836 30.03 5.44 -30.94
N SER B 837 29.07 4.51 -30.95
CA SER B 837 29.25 3.22 -31.59
C SER B 837 28.32 3.08 -32.78
N ARG B 838 28.84 2.46 -33.84
CA ARG B 838 28.06 2.16 -35.04
C ARG B 838 28.36 0.75 -35.50
N LEU B 839 27.46 0.20 -36.29
CA LEU B 839 27.61 -1.16 -36.80
C LEU B 839 26.64 -1.36 -37.94
N SER B 840 27.12 -1.99 -39.01
CA SER B 840 26.28 -2.32 -40.17
C SER B 840 26.73 -3.68 -40.68
N SER B 841 25.93 -4.71 -40.43
CA SER B 841 26.33 -6.07 -40.73
C SER B 841 26.38 -6.29 -42.24
N ALA B 842 26.77 -7.49 -42.64
CA ALA B 842 26.73 -7.87 -44.03
C ALA B 842 25.27 -8.10 -44.46
N TRP B 843 25.10 -8.38 -45.75
CA TRP B 843 23.77 -8.63 -46.30
C TRP B 843 23.41 -10.09 -46.08
N TYR B 844 22.34 -10.32 -45.32
CA TYR B 844 21.90 -11.67 -44.98
C TYR B 844 20.76 -12.06 -45.92
N GLU B 845 20.91 -13.23 -46.55
CA GLU B 845 19.93 -13.71 -47.52
C GLU B 845 18.56 -13.85 -46.87
N LEU B 846 17.50 -13.70 -47.70
CA LEU B 846 16.15 -14.08 -47.32
C LEU B 846 15.80 -15.43 -47.94
N PRO B 847 14.94 -16.23 -47.29
CA PRO B 847 14.85 -17.65 -47.66
C PRO B 847 14.50 -17.93 -49.11
N ALA B 848 13.35 -17.45 -49.57
CA ALA B 848 12.89 -17.75 -50.93
C ALA B 848 11.72 -16.82 -51.23
N ARG B 849 11.06 -17.07 -52.37
CA ARG B 849 9.89 -16.32 -52.80
C ARG B 849 8.73 -17.30 -52.95
N ASP B 850 8.02 -17.53 -51.85
CA ASP B 850 6.88 -18.45 -51.84
C ASP B 850 5.95 -18.06 -50.71
N GLU B 851 4.65 -18.07 -51.00
CA GLU B 851 3.65 -17.70 -50.00
C GLU B 851 3.24 -18.87 -49.13
N THR B 852 3.33 -20.10 -49.65
CA THR B 852 3.08 -21.27 -48.81
C THR B 852 4.03 -21.32 -47.63
N GLU B 853 5.27 -20.87 -47.82
CA GLU B 853 6.22 -20.81 -46.71
C GLU B 853 5.87 -19.67 -45.76
N ARG B 854 5.64 -18.47 -46.31
CA ARG B 854 5.34 -17.31 -45.48
C ARG B 854 4.05 -17.49 -44.68
N ALA B 855 3.18 -18.42 -45.10
CA ALA B 855 2.05 -18.80 -44.27
C ALA B 855 2.49 -19.44 -42.97
N ALA B 856 3.73 -19.95 -42.90
CA ALA B 856 4.21 -20.68 -41.74
C ALA B 856 5.43 -20.04 -41.07
N HIS B 857 6.12 -19.12 -41.72
CA HIS B 857 7.31 -18.48 -41.17
C HIS B 857 7.15 -16.96 -41.20
N PRO B 858 6.21 -16.42 -40.42
CA PRO B 858 5.95 -14.98 -40.50
C PRO B 858 6.76 -14.13 -39.54
N LEU B 859 8.08 -14.33 -39.46
CA LEU B 859 8.86 -13.56 -38.51
C LEU B 859 10.33 -13.50 -38.92
N VAL B 860 10.99 -12.41 -38.56
CA VAL B 860 12.44 -12.29 -38.54
C VAL B 860 12.82 -11.77 -37.16
N VAL B 861 13.62 -12.52 -36.42
CA VAL B 861 13.85 -12.22 -35.02
C VAL B 861 15.34 -12.01 -34.78
N ILE B 862 15.64 -11.11 -33.84
CA ILE B 862 17.03 -10.80 -33.47
C ILE B 862 17.14 -10.87 -31.95
N THR B 863 18.04 -11.70 -31.44
CA THR B 863 18.27 -11.80 -30.01
C THR B 863 19.21 -10.67 -29.58
N ALA B 864 18.74 -9.82 -28.66
CA ALA B 864 19.50 -8.63 -28.31
C ALA B 864 19.33 -8.30 -26.84
N ALA B 865 20.28 -7.53 -26.32
CA ALA B 865 20.24 -7.00 -24.97
C ALA B 865 20.61 -5.52 -25.01
N GLY B 866 20.40 -4.85 -23.88
CA GLY B 866 20.82 -3.47 -23.77
C GLY B 866 19.72 -2.50 -23.34
N THR B 867 19.59 -1.40 -24.07
CA THR B 867 18.59 -0.36 -23.83
C THR B 867 17.86 -0.03 -25.13
N ILE B 868 17.45 -1.07 -25.84
CA ILE B 868 16.86 -0.91 -27.17
C ILE B 868 15.58 -0.07 -27.09
N THR B 869 15.28 0.62 -28.19
CA THR B 869 13.99 1.30 -28.35
C THR B 869 13.14 0.53 -29.34
N GLY B 870 11.85 0.47 -29.09
CA GLY B 870 10.96 -0.32 -29.93
C GLY B 870 9.52 -0.14 -29.54
N GLU B 871 8.66 -0.87 -30.25
CA GLU B 871 7.22 -0.75 -30.10
C GLU B 871 6.69 -1.87 -29.22
N SER B 872 5.96 -1.50 -28.17
CA SER B 872 5.33 -2.45 -27.27
C SER B 872 3.85 -2.15 -27.16
N VAL B 873 3.11 -3.09 -26.60
CA VAL B 873 1.68 -2.90 -26.34
C VAL B 873 1.44 -2.29 -24.97
N ALA B 874 2.13 -2.79 -23.95
CA ALA B 874 1.95 -2.25 -22.60
C ALA B 874 2.50 -0.84 -22.47
N ASN B 875 3.59 -0.54 -23.18
CA ASN B 875 4.22 0.78 -23.13
C ASN B 875 4.81 1.07 -24.51
N GLY B 876 4.05 1.79 -25.33
CA GLY B 876 4.44 2.00 -26.71
C GLY B 876 5.61 2.97 -26.83
N LEU B 877 6.61 2.57 -27.60
CA LEU B 877 7.74 3.42 -27.98
C LEU B 877 8.48 3.98 -26.77
N THR B 878 9.07 3.05 -26.01
CA THR B 878 10.05 3.42 -25.00
C THR B 878 11.38 3.68 -25.66
N THR B 879 11.96 4.86 -25.40
CA THR B 879 13.10 5.32 -26.17
C THR B 879 14.40 4.70 -25.65
N GLY B 880 15.47 4.96 -26.38
CA GLY B 880 16.76 4.37 -26.09
C GLY B 880 17.54 4.22 -27.38
N GLN B 881 18.70 3.57 -27.27
CA GLN B 881 19.55 3.35 -28.44
C GLN B 881 18.85 2.43 -29.43
N THR B 882 19.34 2.43 -30.67
CA THR B 882 18.58 1.88 -31.78
C THR B 882 19.22 0.61 -32.34
N VAL B 883 18.38 -0.36 -32.65
CA VAL B 883 18.73 -1.52 -33.46
C VAL B 883 17.59 -1.72 -34.46
N ASP B 884 17.89 -1.63 -35.75
CA ASP B 884 16.87 -1.71 -36.77
C ASP B 884 17.21 -2.78 -37.79
N LEU B 885 16.46 -2.83 -38.90
CA LEU B 885 16.63 -3.88 -39.89
C LEU B 885 16.46 -3.28 -41.27
N GLU B 886 17.55 -3.22 -42.04
CA GLU B 886 17.49 -2.72 -43.40
C GLU B 886 17.30 -3.87 -44.38
N TYR B 887 16.43 -3.68 -45.36
CA TYR B 887 16.20 -4.67 -46.41
C TYR B 887 16.52 -4.07 -47.76
N ALA B 888 17.14 -4.89 -48.61
CA ALA B 888 17.65 -4.45 -49.91
C ALA B 888 16.80 -5.02 -51.04
N THR B 889 17.11 -4.57 -52.26
CA THR B 889 16.45 -5.06 -53.46
C THR B 889 17.52 -5.38 -54.50
N ARG B 890 17.09 -5.92 -55.63
CA ARG B 890 17.98 -6.25 -56.74
C ARG B 890 18.06 -5.08 -57.72
N GLY B 891 18.66 -5.34 -58.87
CA GLY B 891 18.73 -4.39 -59.95
C GLY B 891 19.04 -5.09 -61.26
N PRO B 892 18.78 -4.41 -62.39
CA PRO B 892 19.12 -5.01 -63.68
C PRO B 892 20.60 -5.30 -63.84
N ASP B 893 21.46 -4.53 -63.17
CA ASP B 893 22.89 -4.81 -63.23
C ASP B 893 23.30 -5.92 -62.26
N GLY B 894 22.58 -6.05 -61.15
CA GLY B 894 22.89 -7.04 -60.14
C GLY B 894 23.62 -6.43 -58.97
N THR B 895 22.89 -6.11 -57.92
CA THR B 895 23.45 -5.44 -56.74
C THR B 895 22.37 -5.39 -55.66
N LEU B 896 22.76 -4.89 -54.50
CA LEU B 896 21.88 -4.77 -53.34
C LEU B 896 21.90 -3.33 -52.87
N VAL B 897 20.80 -2.62 -53.05
CA VAL B 897 20.69 -1.21 -52.72
C VAL B 897 19.96 -1.08 -51.39
N PRO B 898 20.43 -0.24 -50.47
CA PRO B 898 19.73 -0.08 -49.18
C PRO B 898 18.49 0.79 -49.35
N ALA B 899 17.32 0.19 -49.15
CA ALA B 899 16.06 0.92 -49.28
C ALA B 899 15.04 0.29 -48.32
N GLY B 900 14.92 0.88 -47.14
CA GLY B 900 13.94 0.47 -46.15
C GLY B 900 14.54 0.29 -44.78
N ARG B 901 13.65 0.17 -43.80
CA ARG B 901 14.02 0.02 -42.41
C ARG B 901 12.80 -0.40 -41.60
N VAL B 902 12.99 -1.32 -40.67
CA VAL B 902 11.92 -1.84 -39.83
C VAL B 902 12.31 -1.63 -38.36
N THR B 903 11.32 -1.24 -37.54
CA THR B 903 11.49 -1.04 -36.11
C THR B 903 10.98 -2.25 -35.33
N PRO B 904 11.62 -2.59 -34.21
CA PRO B 904 11.35 -3.87 -33.56
C PRO B 904 10.11 -3.83 -32.67
N TYR B 905 9.74 -5.02 -32.20
CA TYR B 905 8.64 -5.23 -31.26
C TYR B 905 9.25 -5.71 -29.96
N ASP B 906 9.53 -4.77 -29.05
CA ASP B 906 10.08 -5.14 -27.75
C ASP B 906 8.95 -5.50 -26.78
N VAL B 907 9.13 -6.61 -26.06
CA VAL B 907 8.14 -7.03 -25.09
C VAL B 907 8.83 -7.33 -23.76
N GLY B 908 10.13 -7.62 -23.80
CA GLY B 908 10.85 -8.10 -22.64
C GLY B 908 11.28 -6.97 -21.73
N PRO B 909 11.99 -7.35 -20.66
CA PRO B 909 12.49 -6.34 -19.71
C PRO B 909 13.55 -5.45 -20.31
N THR B 910 14.03 -4.45 -19.55
CA THR B 910 14.92 -3.45 -20.14
C THR B 910 16.31 -4.00 -20.43
N PRO B 911 17.08 -4.49 -19.46
CA PRO B 911 18.46 -4.89 -19.75
C PRO B 911 18.67 -6.36 -20.07
N SER B 912 17.61 -7.16 -20.17
CA SER B 912 17.75 -8.60 -20.28
C SER B 912 18.10 -9.00 -21.71
N TRP B 913 18.25 -10.30 -21.94
CA TRP B 913 18.34 -10.87 -23.29
C TRP B 913 16.93 -11.16 -23.76
N ARG B 914 16.56 -10.61 -24.91
CA ARG B 914 15.19 -10.74 -25.40
C ARG B 914 15.20 -10.87 -26.91
N ASN B 915 14.01 -10.99 -27.49
CA ASN B 915 13.83 -11.16 -28.92
C ASN B 915 13.19 -9.91 -29.50
N LEU B 916 13.78 -9.38 -30.56
CA LEU B 916 13.22 -8.28 -31.34
C LEU B 916 12.52 -8.87 -32.54
N ARG B 917 11.25 -8.51 -32.74
CA ARG B 917 10.40 -9.08 -33.76
C ARG B 917 10.29 -8.15 -34.96
N TYR B 918 10.32 -8.74 -36.15
CA TYR B 918 10.08 -8.02 -37.39
C TYR B 918 9.16 -8.88 -38.24
N PRO B 919 7.87 -8.55 -38.30
CA PRO B 919 6.95 -9.35 -39.13
C PRO B 919 7.30 -9.22 -40.59
N ARG B 920 7.19 -10.34 -41.30
CA ARG B 920 7.55 -10.34 -42.72
C ARG B 920 6.46 -9.75 -43.61
N SER B 921 5.47 -9.08 -43.03
CA SER B 921 4.50 -8.32 -43.80
C SER B 921 4.99 -6.90 -44.09
N GLU B 922 5.79 -6.34 -43.20
CA GLU B 922 6.40 -5.03 -43.47
C GLU B 922 7.41 -5.14 -44.60
N ILE B 923 8.27 -6.15 -44.56
CA ILE B 923 9.26 -6.41 -45.61
C ILE B 923 8.53 -6.81 -46.87
N PRO B 924 8.68 -6.08 -47.97
CA PRO B 924 7.92 -6.40 -49.20
C PRO B 924 8.34 -7.72 -49.83
N ASP B 925 7.70 -8.08 -50.93
CA ASP B 925 7.99 -9.35 -51.60
C ASP B 925 9.14 -9.23 -52.59
N ASP B 926 9.72 -8.05 -52.74
CA ASP B 926 10.86 -7.85 -53.63
C ASP B 926 12.16 -7.69 -52.84
N ALA B 927 12.10 -7.75 -51.51
CA ALA B 927 13.31 -7.67 -50.71
C ALA B 927 14.19 -8.88 -50.94
N VAL B 928 15.50 -8.64 -51.02
CA VAL B 928 16.46 -9.68 -51.38
C VAL B 928 17.37 -10.04 -50.21
N ALA B 929 17.77 -9.07 -49.40
CA ALA B 929 18.66 -9.33 -48.28
C ALA B 929 18.32 -8.40 -47.14
N VAL B 930 18.94 -8.68 -46.00
CA VAL B 930 18.61 -8.04 -44.73
C VAL B 930 19.91 -7.83 -43.95
N ARG B 931 20.01 -6.70 -43.26
CA ARG B 931 21.16 -6.42 -42.41
C ARG B 931 20.72 -5.64 -41.19
N VAL B 932 21.58 -5.65 -40.17
CA VAL B 932 21.30 -5.02 -38.89
C VAL B 932 22.06 -3.70 -38.81
N VAL B 933 21.35 -2.63 -38.46
CA VAL B 933 21.95 -1.32 -38.24
C VAL B 933 21.72 -0.98 -36.76
N ALA B 934 22.81 -0.94 -35.99
CA ALA B 934 22.76 -0.65 -34.57
C ALA B 934 23.55 0.61 -34.28
N GLU B 935 23.08 1.37 -33.29
CA GLU B 935 23.70 2.65 -32.97
C GLU B 935 23.41 3.01 -31.52
N ASP B 936 24.47 3.36 -30.80
CA ASP B 936 24.42 3.75 -29.39
C ASP B 936 25.16 5.09 -29.27
N LEU B 937 24.41 6.16 -29.01
CA LEU B 937 24.96 7.51 -29.00
C LEU B 937 24.98 8.14 -27.61
N SER B 938 24.83 7.35 -26.56
CA SER B 938 24.88 7.86 -25.19
C SER B 938 26.21 7.53 -24.55
N LEU B 939 26.83 8.52 -23.91
CA LEU B 939 28.10 8.32 -23.24
C LEU B 939 27.96 7.91 -21.78
N SER B 940 26.73 7.65 -21.32
CA SER B 940 26.57 7.11 -19.99
C SER B 940 27.02 5.65 -19.98
N GLN B 941 27.42 5.18 -18.79
CA GLN B 941 27.93 3.82 -18.70
C GLN B 941 26.80 2.80 -18.68
N GLY B 942 25.63 3.17 -18.19
CA GLY B 942 24.51 2.26 -18.16
C GLY B 942 23.63 2.33 -19.39
N ASP B 943 24.18 2.84 -20.49
CA ASP B 943 23.46 2.91 -21.77
C ASP B 943 24.31 2.19 -22.82
N TRP B 944 23.93 0.96 -23.14
CA TRP B 944 24.69 0.11 -24.04
C TRP B 944 23.72 -0.78 -24.80
N ILE B 945 24.24 -1.46 -25.83
CA ILE B 945 23.47 -2.40 -26.62
C ILE B 945 24.34 -3.61 -26.95
N ALA B 946 23.70 -4.63 -27.49
CA ALA B 946 24.36 -5.87 -27.90
C ALA B 946 23.40 -6.64 -28.80
N VAL B 947 23.93 -7.22 -29.87
CA VAL B 947 23.11 -7.80 -30.92
C VAL B 947 23.63 -9.20 -31.28
N THR B 948 22.99 -9.79 -32.28
CA THR B 948 23.35 -11.10 -32.80
C THR B 948 22.74 -11.22 -34.20
N PRO B 949 23.27 -12.10 -35.05
CA PRO B 949 22.77 -12.20 -36.43
C PRO B 949 21.28 -12.49 -36.49
N PRO B 950 20.62 -12.13 -37.58
CA PRO B 950 19.16 -12.29 -37.65
C PRO B 950 18.74 -13.73 -37.90
N ARG B 951 17.58 -14.08 -37.37
CA ARG B 951 17.07 -15.45 -37.40
C ARG B 951 15.64 -15.45 -37.90
N VAL B 952 15.33 -16.37 -38.81
CA VAL B 952 13.96 -16.57 -39.27
C VAL B 952 13.44 -17.88 -38.67
N PRO B 953 12.72 -17.80 -37.55
CA PRO B 953 12.40 -19.02 -36.80
C PRO B 953 11.39 -19.91 -37.50
N GLU B 954 11.50 -21.20 -37.25
CA GLU B 954 10.51 -22.20 -37.64
C GLU B 954 9.68 -22.54 -36.40
N LEU B 955 8.37 -22.36 -36.49
CA LEU B 955 7.50 -22.40 -35.32
C LEU B 955 6.62 -23.65 -35.32
N GLN B 956 5.89 -23.82 -34.23
CA GLN B 956 4.99 -24.95 -34.02
C GLN B 956 4.07 -24.61 -32.87
N SER B 957 2.85 -25.14 -32.93
CA SER B 957 1.84 -24.84 -31.93
C SER B 957 2.23 -25.42 -30.57
N VAL B 958 1.50 -25.03 -29.54
CA VAL B 958 1.71 -25.56 -28.20
C VAL B 958 0.91 -26.82 -27.97
N GLN B 959 -0.33 -26.86 -28.46
CA GLN B 959 -1.14 -28.07 -28.37
C GLN B 959 -0.50 -29.24 -29.10
N GLU B 960 0.36 -28.98 -30.09
CA GLU B 960 1.05 -30.02 -30.83
C GLU B 960 2.39 -30.39 -30.21
N TYR B 961 3.18 -29.41 -29.78
CA TYR B 961 4.43 -29.70 -29.09
C TYR B 961 4.16 -30.35 -27.74
N VAL B 962 3.47 -29.64 -26.86
CA VAL B 962 3.01 -30.19 -25.59
C VAL B 962 1.67 -30.86 -25.84
N GLY B 963 1.62 -32.17 -25.71
CA GLY B 963 0.39 -32.90 -25.94
C GLY B 963 -0.63 -32.70 -24.85
N SER B 964 -1.55 -33.65 -24.71
CA SER B 964 -2.55 -33.62 -23.64
C SER B 964 -2.36 -34.78 -22.69
N ASP B 965 -1.14 -35.32 -22.62
CA ASP B 965 -0.83 -36.46 -21.77
C ASP B 965 0.28 -36.16 -20.77
N GLN B 966 1.30 -35.41 -21.16
CA GLN B 966 2.41 -35.13 -20.26
C GLN B 966 1.95 -34.22 -19.12
N PRO B 967 2.41 -34.47 -17.90
CA PRO B 967 2.06 -33.58 -16.78
C PRO B 967 2.73 -32.23 -16.94
N VAL B 968 1.97 -31.17 -16.61
CA VAL B 968 2.42 -29.80 -16.79
C VAL B 968 2.10 -29.02 -15.52
N LEU B 969 3.07 -28.23 -15.03
CA LEU B 969 2.88 -27.37 -13.88
C LEU B 969 2.36 -26.03 -14.37
N MET B 970 1.07 -25.79 -14.20
CA MET B 970 0.45 -24.53 -14.59
C MET B 970 0.31 -23.64 -13.37
N ASP B 971 0.71 -22.38 -13.50
CA ASP B 971 0.51 -21.45 -12.40
C ASP B 971 -0.98 -21.25 -12.16
N TRP B 972 -1.31 -20.71 -10.98
CA TRP B 972 -2.71 -20.60 -10.60
C TRP B 972 -3.49 -19.57 -11.41
N ALA B 973 -2.83 -18.85 -12.31
CA ALA B 973 -3.51 -17.93 -13.20
C ALA B 973 -3.89 -18.54 -14.54
N VAL B 974 -3.03 -19.38 -15.10
CA VAL B 974 -3.28 -19.99 -16.41
C VAL B 974 -4.00 -21.33 -16.24
N GLY B 975 -5.32 -21.29 -16.06
CA GLY B 975 -6.07 -22.54 -15.97
C GLY B 975 -7.20 -22.67 -16.96
N LEU B 976 -7.83 -21.54 -17.30
CA LEU B 976 -8.94 -21.54 -18.24
C LEU B 976 -8.51 -21.31 -19.68
N ALA B 977 -7.29 -20.79 -19.88
CA ALA B 977 -6.76 -20.64 -21.22
C ALA B 977 -6.16 -21.93 -21.77
N PHE B 978 -5.84 -22.89 -20.89
CA PHE B 978 -5.27 -24.16 -21.28
C PHE B 978 -6.11 -25.29 -20.69
N PRO B 979 -7.29 -25.55 -21.24
CA PRO B 979 -8.18 -26.57 -20.70
C PRO B 979 -7.93 -27.98 -21.22
N CYS B 980 -6.88 -28.20 -22.02
CA CYS B 980 -6.59 -29.53 -22.55
C CYS B 980 -5.34 -30.15 -21.97
N GLN B 981 -4.42 -29.35 -21.44
CA GLN B 981 -3.22 -29.90 -20.82
C GLN B 981 -3.57 -30.56 -19.49
N GLN B 982 -2.77 -31.54 -19.10
CA GLN B 982 -3.08 -32.26 -17.87
C GLN B 982 -2.24 -31.73 -16.72
N PRO B 983 -2.84 -31.46 -15.56
CA PRO B 983 -2.06 -30.95 -14.43
C PRO B 983 -1.17 -32.02 -13.81
N MET B 984 -0.45 -31.65 -12.76
CA MET B 984 0.45 -32.56 -12.06
C MET B 984 -0.31 -33.16 -10.88
N LEU B 985 -0.80 -34.39 -11.07
CA LEU B 985 -1.63 -35.04 -10.07
C LEU B 985 -0.79 -35.47 -8.87
N HIS B 986 -1.48 -35.77 -7.77
CA HIS B 986 -0.84 -36.27 -6.57
C HIS B 986 -1.80 -37.21 -5.86
N ALA B 987 -1.25 -38.24 -5.21
CA ALA B 987 -2.06 -39.21 -4.49
C ALA B 987 -1.19 -39.88 -3.44
N ASN B 988 -1.73 -40.03 -2.23
CA ASN B 988 -1.04 -40.65 -1.11
C ASN B 988 0.20 -39.87 -0.69
N GLY B 989 0.15 -38.55 -0.80
CA GLY B 989 1.23 -37.69 -0.36
C GLY B 989 2.38 -37.53 -1.32
N VAL B 990 2.41 -38.27 -2.42
CA VAL B 990 3.49 -38.20 -3.39
C VAL B 990 2.95 -37.59 -4.68
N THR B 991 3.77 -36.74 -5.31
CA THR B 991 3.40 -35.97 -6.48
C THR B 991 4.15 -36.50 -7.70
N GLU B 992 3.60 -36.24 -8.89
CA GLU B 992 4.26 -36.60 -10.12
C GLU B 992 5.38 -35.61 -10.45
N VAL B 993 6.12 -35.91 -11.51
CA VAL B 993 7.23 -35.08 -11.96
C VAL B 993 6.78 -34.36 -13.23
N PRO B 994 6.75 -33.03 -13.23
CA PRO B 994 6.30 -32.31 -14.43
C PRO B 994 7.41 -32.18 -15.46
N LYS B 995 7.01 -31.87 -16.70
CA LYS B 995 7.93 -31.67 -17.79
C LYS B 995 7.95 -30.26 -18.35
N PHE B 996 6.88 -29.48 -18.16
CA PHE B 996 6.83 -28.10 -18.57
C PHE B 996 6.18 -27.28 -17.46
N ARG B 997 6.41 -25.96 -17.50
CA ARG B 997 5.79 -25.04 -16.57
C ARG B 997 5.23 -23.87 -17.35
N ILE B 998 3.94 -23.60 -17.17
CA ILE B 998 3.26 -22.50 -17.85
C ILE B 998 2.99 -21.41 -16.82
N SER B 999 3.30 -20.18 -17.20
CA SER B 999 3.26 -19.02 -16.31
C SER B 999 2.55 -17.86 -17.00
N PRO B 1000 2.09 -16.87 -16.23
CA PRO B 1000 1.57 -15.64 -16.84
C PRO B 1000 2.70 -14.72 -17.28
N ASP B 1001 2.37 -13.48 -17.65
CA ASP B 1001 3.36 -12.55 -18.18
C ASP B 1001 4.34 -12.15 -17.09
N TYR B 1002 5.27 -11.25 -17.45
CA TYR B 1002 6.43 -10.98 -16.61
C TYR B 1002 6.04 -10.34 -15.28
N TYR B 1003 5.34 -9.21 -15.33
CA TYR B 1003 5.05 -8.48 -14.11
C TYR B 1003 4.05 -9.19 -13.21
N ALA B 1004 3.33 -10.17 -13.73
CA ALA B 1004 2.45 -11.00 -12.91
C ALA B 1004 3.20 -12.18 -12.31
N LYS B 1005 3.95 -12.91 -13.13
CA LYS B 1005 4.72 -14.03 -12.64
C LYS B 1005 5.75 -13.59 -11.60
N LEU B 1006 6.29 -12.39 -11.74
CA LEU B 1006 7.37 -11.96 -10.87
C LEU B 1006 6.88 -11.71 -9.45
N GLN B 1007 5.68 -11.16 -9.28
CA GLN B 1007 5.24 -10.69 -7.98
C GLN B 1007 3.89 -11.26 -7.53
N SER B 1008 3.33 -12.21 -8.24
CA SER B 1008 2.08 -12.78 -7.75
C SER B 1008 2.07 -14.30 -7.69
N THR B 1009 2.72 -14.97 -8.65
CA THR B 1009 2.70 -16.43 -8.69
C THR B 1009 4.00 -17.07 -8.26
N ASP B 1010 5.13 -16.35 -8.36
CA ASP B 1010 6.39 -16.88 -7.86
C ASP B 1010 6.54 -16.70 -6.36
N THR B 1011 5.75 -15.80 -5.76
CA THR B 1011 5.74 -15.62 -4.32
C THR B 1011 4.60 -16.35 -3.63
N TRP B 1012 3.53 -16.67 -4.36
CA TRP B 1012 2.43 -17.44 -3.78
C TRP B 1012 2.80 -18.92 -3.69
N GLN B 1013 3.33 -19.49 -4.78
CA GLN B 1013 3.75 -20.88 -4.78
C GLN B 1013 5.22 -21.02 -4.41
N ASP B 1014 5.62 -20.44 -3.29
CA ASP B 1014 7.00 -20.51 -2.86
C ASP B 1014 7.25 -21.76 -2.02
N GLY B 1015 8.48 -22.24 -2.04
CA GLY B 1015 8.82 -23.44 -1.28
C GLY B 1015 8.75 -23.27 0.22
N ILE B 1016 8.87 -22.04 0.72
CA ILE B 1016 8.92 -21.80 2.16
C ILE B 1016 7.55 -21.64 2.80
N ASN B 1017 6.48 -21.58 2.00
CA ASN B 1017 5.12 -21.46 2.50
C ASN B 1017 4.23 -22.51 1.84
N GLY B 1018 4.72 -23.74 1.81
CA GLY B 1018 4.06 -24.86 1.18
C GLY B 1018 4.34 -24.92 -0.30
N GLY B 1019 3.62 -24.14 -1.09
CA GLY B 1019 3.92 -23.95 -2.50
C GLY B 1019 4.01 -25.22 -3.32
N LEU B 1020 4.43 -25.06 -4.57
CA LEU B 1020 4.82 -26.18 -5.41
C LEU B 1020 6.21 -26.02 -6.02
N LEU B 1021 6.81 -24.84 -5.93
CA LEU B 1021 8.15 -24.59 -6.43
C LEU B 1021 9.22 -24.95 -5.42
N GLY B 1022 8.90 -25.72 -4.39
CA GLY B 1022 9.90 -26.18 -3.45
C GLY B 1022 10.42 -27.54 -3.86
N ILE B 1023 9.63 -28.25 -4.66
CA ILE B 1023 10.02 -29.54 -5.19
C ILE B 1023 10.81 -29.41 -6.48
N THR B 1024 10.36 -28.57 -7.40
CA THR B 1024 10.97 -28.45 -8.72
C THR B 1024 12.30 -27.71 -8.69
N ASP B 1025 12.61 -26.97 -7.63
CA ASP B 1025 13.94 -26.39 -7.49
C ASP B 1025 14.93 -27.39 -6.91
N LEU B 1026 14.44 -28.36 -6.14
CA LEU B 1026 15.31 -29.41 -5.62
C LEU B 1026 15.53 -30.53 -6.62
N LEU B 1027 14.55 -30.78 -7.49
CA LEU B 1027 14.59 -31.95 -8.35
C LEU B 1027 14.92 -31.66 -9.81
N LEU B 1028 14.55 -30.49 -10.32
CA LEU B 1028 14.61 -30.21 -11.75
C LEU B 1028 15.30 -28.88 -12.00
N ARG B 1029 15.61 -28.62 -13.27
CA ARG B 1029 16.22 -27.37 -13.72
C ARG B 1029 15.36 -26.79 -14.83
N ALA B 1030 15.03 -25.51 -14.72
CA ALA B 1030 14.10 -24.85 -15.64
C ALA B 1030 14.86 -24.01 -16.67
N SER B 1031 14.35 -24.03 -17.90
CA SER B 1031 14.96 -23.24 -18.97
C SER B 1031 13.86 -22.65 -19.85
N VAL B 1032 14.00 -21.35 -20.16
CA VAL B 1032 12.97 -20.66 -20.93
C VAL B 1032 13.02 -21.09 -22.39
N MET B 1033 11.86 -21.07 -23.04
CA MET B 1033 11.74 -21.31 -24.48
C MET B 1033 11.20 -20.07 -25.16
N SER B 1034 11.40 -20.00 -26.48
CA SER B 1034 10.96 -18.86 -27.27
C SER B 1034 9.55 -19.10 -27.79
N THR B 1035 8.62 -18.22 -27.38
CA THR B 1035 7.21 -18.36 -27.70
C THR B 1035 6.67 -17.02 -28.20
N TYR B 1036 5.74 -17.07 -29.16
CA TYR B 1036 5.12 -15.88 -29.72
C TYR B 1036 3.62 -16.11 -29.87
N LEU B 1037 2.85 -15.07 -29.55
CA LEU B 1037 1.40 -15.12 -29.75
C LEU B 1037 1.10 -14.83 -31.22
N SER B 1038 0.42 -15.75 -31.88
CA SER B 1038 0.20 -15.66 -33.32
C SER B 1038 -0.58 -14.40 -33.67
N GLN B 1039 -0.06 -13.65 -34.65
CA GLN B 1039 -0.67 -12.48 -35.26
C GLN B 1039 -0.77 -11.28 -34.33
N ASP B 1040 -0.34 -11.41 -33.08
CA ASP B 1040 -0.41 -10.32 -32.11
C ASP B 1040 0.96 -10.09 -31.48
N TRP B 1041 1.98 -10.01 -32.32
CA TRP B 1041 3.34 -9.83 -31.83
C TRP B 1041 3.48 -8.48 -31.14
N GLY B 1042 4.32 -8.44 -30.13
CA GLY B 1042 4.38 -7.32 -29.21
C GLY B 1042 3.49 -7.48 -27.99
N GLN B 1043 2.71 -8.55 -27.92
CA GLN B 1043 1.87 -8.86 -26.77
C GLN B 1043 2.55 -9.91 -25.91
N ASP B 1044 2.52 -9.71 -24.59
CA ASP B 1044 3.09 -10.67 -23.65
C ASP B 1044 1.99 -11.62 -23.20
N TRP B 1045 2.00 -12.83 -23.74
CA TRP B 1045 1.01 -13.83 -23.34
C TRP B 1045 1.43 -14.58 -22.08
N GLY B 1046 2.73 -14.70 -21.84
CA GLY B 1046 3.25 -15.45 -20.71
C GLY B 1046 4.64 -15.99 -20.99
N SER B 1047 4.87 -17.24 -20.65
CA SER B 1047 6.16 -17.89 -20.88
C SER B 1047 6.01 -19.38 -20.68
N LEU B 1048 6.73 -20.14 -21.49
CA LEU B 1048 6.81 -21.59 -21.36
C LEU B 1048 8.22 -22.00 -21.00
N ARG B 1049 8.34 -23.01 -20.14
CA ARG B 1049 9.63 -23.44 -19.65
C ARG B 1049 9.75 -24.95 -19.77
N LYS B 1050 10.99 -25.42 -19.77
CA LYS B 1050 11.32 -26.83 -19.91
C LYS B 1050 12.06 -27.29 -18.67
N PHE B 1051 11.71 -28.47 -18.19
CA PHE B 1051 12.28 -29.05 -16.98
C PHE B 1051 13.21 -30.19 -17.37
N ASP B 1052 14.48 -30.08 -16.97
CA ASP B 1052 15.48 -31.11 -17.20
C ASP B 1052 15.90 -31.71 -15.86
N THR B 1053 16.01 -33.04 -15.84
CA THR B 1053 16.37 -33.73 -14.61
C THR B 1053 17.83 -33.49 -14.26
N VAL B 1054 18.12 -33.50 -12.97
CA VAL B 1054 19.49 -33.40 -12.49
C VAL B 1054 20.19 -34.75 -12.53
N VAL B 1055 19.50 -35.80 -12.10
CA VAL B 1055 19.97 -37.17 -12.21
C VAL B 1055 18.81 -38.04 -12.67
N GLU B 1056 19.12 -39.17 -13.29
CA GLU B 1056 18.10 -40.02 -13.88
C GLU B 1056 17.57 -40.98 -12.82
N ALA B 1057 16.28 -40.88 -12.49
CA ALA B 1057 15.70 -41.67 -11.43
C ALA B 1057 14.27 -42.06 -11.79
N THR B 1058 13.88 -43.25 -11.36
CA THR B 1058 12.55 -43.78 -11.63
C THR B 1058 11.71 -43.82 -10.34
N PRO B 1059 10.39 -43.75 -10.46
CA PRO B 1059 9.54 -43.66 -9.27
C PRO B 1059 9.64 -44.89 -8.37
N ALA B 1060 9.14 -44.73 -7.15
CA ALA B 1060 9.19 -45.75 -6.11
C ALA B 1060 7.92 -46.61 -6.13
N GLU B 1061 7.70 -47.38 -5.06
CA GLU B 1061 6.57 -48.31 -5.01
C GLU B 1061 5.64 -48.10 -3.82
N LEU B 1062 6.11 -47.51 -2.71
CA LEU B 1062 5.21 -47.02 -1.66
C LEU B 1062 4.31 -48.09 -1.04
N ASP B 1063 4.87 -49.01 -0.26
CA ASP B 1063 4.06 -50.00 0.44
C ASP B 1063 2.93 -49.34 1.21
N PHE B 1064 1.80 -50.04 1.33
CA PHE B 1064 0.57 -49.47 1.82
C PHE B 1064 0.06 -50.21 3.06
N GLY B 1065 -1.01 -49.67 3.63
CA GLY B 1065 -1.65 -50.24 4.80
C GLY B 1065 -2.82 -49.38 5.22
N SER B 1066 -3.50 -49.80 6.29
CA SER B 1066 -4.67 -49.09 6.77
C SER B 1066 -4.70 -49.08 8.29
N GLN B 1067 -5.38 -48.08 8.85
CA GLN B 1067 -5.53 -48.00 10.30
C GLN B 1067 -6.73 -47.11 10.64
N THR B 1068 -7.46 -47.49 11.69
CA THR B 1068 -8.69 -46.81 12.08
C THR B 1068 -8.43 -45.91 13.28
N HIS B 1069 -8.64 -44.61 13.10
CA HIS B 1069 -8.47 -43.62 14.15
C HIS B 1069 -9.81 -43.39 14.85
N SER B 1070 -9.89 -42.34 15.68
CA SER B 1070 -11.07 -42.11 16.49
C SER B 1070 -11.51 -40.64 16.49
N GLY B 1071 -11.30 -39.93 15.39
CA GLY B 1071 -11.80 -38.58 15.23
C GLY B 1071 -11.13 -37.52 16.08
N LEU B 1072 -10.34 -37.90 17.07
CA LEU B 1072 -9.55 -36.95 17.85
C LEU B 1072 -8.07 -37.26 17.81
N TYR B 1073 -7.67 -38.33 17.14
CA TYR B 1073 -6.27 -38.72 17.10
C TYR B 1073 -5.47 -37.74 16.27
N SER B 1074 -4.25 -37.45 16.72
CA SER B 1074 -3.35 -36.57 15.99
C SER B 1074 -1.91 -37.04 16.20
N PRO B 1075 -1.20 -37.44 15.14
CA PRO B 1075 0.15 -37.97 15.30
C PRO B 1075 1.19 -36.91 15.65
N GLY B 1076 0.83 -35.63 15.66
CA GLY B 1076 1.78 -34.58 15.93
C GLY B 1076 1.71 -33.48 14.88
N PRO B 1077 2.32 -32.34 15.18
CA PRO B 1077 2.26 -31.21 14.24
C PRO B 1077 3.08 -31.49 12.98
N LEU B 1078 2.83 -30.66 11.98
CA LEU B 1078 3.59 -30.70 10.73
C LEU B 1078 4.80 -29.79 10.82
N ARG B 1079 5.77 -30.05 9.94
CA ARG B 1079 6.98 -29.24 9.86
C ARG B 1079 6.68 -28.03 8.97
N ILE B 1080 6.65 -26.84 9.58
CA ILE B 1080 6.24 -25.62 8.89
C ILE B 1080 7.39 -24.64 8.76
N ARG B 1081 7.97 -24.21 9.86
CA ARG B 1081 9.00 -23.19 9.89
C ARG B 1081 10.14 -23.64 10.80
N PRO B 1082 11.35 -23.11 10.61
CA PRO B 1082 12.47 -23.45 11.49
C PRO B 1082 12.39 -22.76 12.85
N ALA C 2 -73.53 -2.57 17.22
CA ALA C 2 -73.00 -2.73 15.87
C ALA C 2 -71.91 -1.70 15.59
N ALA C 3 -70.85 -2.14 14.91
CA ALA C 3 -69.74 -1.26 14.59
C ALA C 3 -70.11 -0.33 13.43
N THR C 4 -69.82 0.95 13.60
CA THR C 4 -70.12 1.93 12.56
C THR C 4 -69.21 1.72 11.36
N GLN C 5 -69.66 2.20 10.20
CA GLN C 5 -68.83 2.10 9.00
C GLN C 5 -67.55 2.92 9.11
N GLU C 6 -67.64 4.11 9.72
CA GLU C 6 -66.48 5.00 9.80
C GLU C 6 -65.44 4.52 10.81
N GLU C 7 -65.76 3.53 11.65
CA GLU C 7 -64.73 2.90 12.47
C GLU C 7 -64.21 1.61 11.87
N ILE C 8 -65.04 0.88 11.13
CA ILE C 8 -64.55 -0.27 10.36
C ILE C 8 -63.51 0.19 9.36
N ILE C 9 -63.82 1.23 8.58
CA ILE C 9 -62.88 1.74 7.60
C ILE C 9 -61.64 2.30 8.29
N ALA C 10 -61.83 2.96 9.44
CA ALA C 10 -60.70 3.54 10.16
C ALA C 10 -59.80 2.48 10.79
N GLY C 11 -60.33 1.28 11.05
CA GLY C 11 -59.53 0.20 11.55
C GLY C 11 -58.84 -0.56 10.45
N LEU C 12 -59.49 -0.63 9.28
CA LEU C 12 -58.87 -1.29 8.13
C LEU C 12 -57.76 -0.44 7.52
N ALA C 13 -57.92 0.89 7.53
CA ALA C 13 -56.92 1.76 6.94
C ALA C 13 -55.61 1.74 7.71
N GLU C 14 -55.68 1.63 9.05
CA GLU C 14 -54.46 1.58 9.84
C GLU C 14 -53.70 0.27 9.67
N ILE C 15 -54.33 -0.76 9.14
CA ILE C 15 -53.64 -2.00 8.80
C ILE C 15 -53.10 -1.95 7.38
N ILE C 16 -53.89 -1.40 6.46
CA ILE C 16 -53.41 -1.22 5.09
C ILE C 16 -52.20 -0.31 5.04
N GLU C 17 -52.17 0.71 5.91
CA GLU C 17 -51.03 1.63 5.93
C GLU C 17 -49.80 1.00 6.57
N GLU C 18 -49.99 0.04 7.47
CA GLU C 18 -48.84 -0.64 8.06
C GLU C 18 -48.27 -1.69 7.11
N VAL C 19 -49.14 -2.43 6.42
CA VAL C 19 -48.69 -3.49 5.53
C VAL C 19 -48.05 -2.90 4.27
N THR C 20 -48.81 -2.11 3.53
CA THR C 20 -48.35 -1.58 2.25
C THR C 20 -47.71 -0.21 2.37
N GLY C 21 -48.39 0.72 3.04
CA GLY C 21 -47.94 2.09 3.13
C GLY C 21 -48.88 3.09 2.48
N ILE C 22 -50.07 2.68 2.07
CA ILE C 22 -51.01 3.58 1.43
C ILE C 22 -51.61 4.51 2.48
N GLU C 23 -51.64 5.80 2.18
CA GLU C 23 -52.17 6.77 3.11
C GLU C 23 -53.65 6.49 3.38
N PRO C 24 -54.13 6.71 4.60
CA PRO C 24 -55.53 6.38 4.92
C PRO C 24 -56.53 7.35 4.33
N SER C 25 -56.05 8.32 3.55
CA SER C 25 -56.94 9.24 2.84
C SER C 25 -57.37 8.68 1.49
N GLU C 26 -56.87 7.51 1.10
CA GLU C 26 -57.27 6.86 -0.14
C GLU C 26 -58.29 5.76 0.05
N VAL C 27 -58.43 5.24 1.27
CA VAL C 27 -59.31 4.10 1.55
C VAL C 27 -60.73 4.63 1.62
N THR C 28 -61.47 4.52 0.52
CA THR C 28 -62.86 4.90 0.42
C THR C 28 -63.70 3.68 0.07
N PRO C 29 -65.00 3.68 0.38
CA PRO C 29 -65.80 2.46 0.20
C PRO C 29 -66.09 2.09 -1.24
N GLU C 30 -65.44 2.75 -2.21
CA GLU C 30 -65.64 2.42 -3.61
C GLU C 30 -64.32 2.12 -4.31
N LYS C 31 -63.27 1.79 -3.56
CA LYS C 31 -61.97 1.47 -4.12
C LYS C 31 -61.77 -0.03 -4.20
N SER C 32 -61.38 -0.52 -5.36
CA SER C 32 -61.06 -1.93 -5.54
C SER C 32 -59.68 -2.23 -4.98
N PHE C 33 -59.51 -3.46 -4.48
CA PHE C 33 -58.27 -3.84 -3.82
C PHE C 33 -57.12 -4.14 -4.78
N VAL C 34 -57.38 -4.23 -6.09
CA VAL C 34 -56.32 -4.57 -7.03
C VAL C 34 -56.18 -3.58 -8.17
N ASP C 35 -57.23 -2.86 -8.56
CA ASP C 35 -57.14 -1.93 -9.68
C ASP C 35 -56.79 -0.52 -9.23
N ASP C 36 -57.58 0.04 -8.32
CA ASP C 36 -57.31 1.39 -7.84
C ASP C 36 -56.17 1.40 -6.83
N LEU C 37 -56.33 0.69 -5.72
CA LEU C 37 -55.24 0.45 -4.77
C LEU C 37 -54.52 -0.83 -5.21
N ASP C 38 -53.29 -0.68 -5.69
CA ASP C 38 -52.55 -1.84 -6.17
C ASP C 38 -52.10 -2.70 -5.00
N ILE C 39 -52.98 -3.59 -4.53
CA ILE C 39 -52.70 -4.47 -3.41
C ILE C 39 -52.88 -5.90 -3.90
N ASP C 40 -51.79 -6.55 -4.24
CA ASP C 40 -51.83 -7.97 -4.61
C ASP C 40 -52.39 -8.80 -3.47
N SER C 41 -52.83 -10.02 -3.80
CA SER C 41 -53.42 -10.88 -2.78
C SER C 41 -52.40 -11.40 -1.79
N LEU C 42 -51.11 -11.44 -2.15
CA LEU C 42 -50.08 -11.76 -1.18
C LEU C 42 -49.97 -10.71 -0.09
N SER C 43 -50.57 -9.54 -0.29
CA SER C 43 -50.74 -8.55 0.77
C SER C 43 -52.11 -8.64 1.44
N MET C 44 -53.13 -9.11 0.72
CA MET C 44 -54.41 -9.38 1.36
C MET C 44 -54.29 -10.47 2.41
N VAL C 45 -53.43 -11.47 2.17
CA VAL C 45 -53.19 -12.49 3.18
C VAL C 45 -52.57 -11.88 4.43
N GLU C 46 -51.61 -10.97 4.23
CA GLU C 46 -50.99 -10.32 5.38
C GLU C 46 -51.98 -9.42 6.13
N ILE C 47 -52.87 -8.75 5.39
CA ILE C 47 -53.89 -7.94 6.03
C ILE C 47 -54.83 -8.81 6.84
N ALA C 48 -55.22 -9.97 6.30
CA ALA C 48 -56.11 -10.87 7.02
C ALA C 48 -55.42 -11.54 8.20
N VAL C 49 -54.10 -11.63 8.18
CA VAL C 49 -53.38 -12.16 9.35
C VAL C 49 -53.28 -11.11 10.44
N GLN C 50 -52.88 -9.89 10.07
CA GLN C 50 -52.78 -8.81 11.06
C GLN C 50 -54.14 -8.37 11.58
N THR C 51 -55.21 -8.66 10.85
CA THR C 51 -56.55 -8.42 11.37
C THR C 51 -56.84 -9.33 12.55
N GLU C 52 -56.56 -10.63 12.40
CA GLU C 52 -56.79 -11.56 13.49
C GLU C 52 -55.81 -11.34 14.63
N ASP C 53 -54.60 -10.87 14.34
CA ASP C 53 -53.62 -10.63 15.38
C ASP C 53 -53.92 -9.39 16.22
N LYS C 54 -54.98 -8.63 15.89
CA LYS C 54 -55.43 -7.52 16.72
C LYS C 54 -56.83 -7.74 17.27
N TYR C 55 -57.79 -8.01 16.39
CA TYR C 55 -59.15 -8.39 16.79
C TYR C 55 -59.34 -9.83 16.36
N GLY C 56 -59.69 -10.71 17.30
CA GLY C 56 -59.84 -12.10 16.92
C GLY C 56 -60.92 -12.27 15.88
N VAL C 57 -60.51 -12.43 14.62
CA VAL C 57 -61.39 -12.58 13.48
C VAL C 57 -60.68 -13.46 12.46
N LYS C 58 -61.20 -14.66 12.23
CA LYS C 58 -60.60 -15.59 11.28
C LYS C 58 -61.38 -15.49 9.97
N ILE C 59 -60.81 -14.78 9.01
CA ILE C 59 -61.38 -14.66 7.67
C ILE C 59 -60.80 -15.80 6.83
N PRO C 60 -61.57 -16.85 6.54
CA PRO C 60 -61.00 -17.98 5.79
C PRO C 60 -60.79 -17.63 4.33
N ASP C 61 -59.79 -18.28 3.73
CA ASP C 61 -59.53 -18.09 2.31
C ASP C 61 -60.69 -18.51 1.43
N GLU C 62 -61.69 -19.21 1.99
CA GLU C 62 -62.93 -19.44 1.27
C GLU C 62 -63.64 -18.13 0.95
N ASP C 63 -63.52 -17.15 1.85
CA ASP C 63 -64.18 -15.86 1.67
C ASP C 63 -63.21 -14.73 1.34
N LEU C 64 -61.91 -14.93 1.51
CA LEU C 64 -60.94 -13.88 1.22
C LEU C 64 -60.84 -13.56 -0.26
N ALA C 65 -61.40 -14.38 -1.14
CA ALA C 65 -61.39 -14.10 -2.57
C ALA C 65 -62.58 -13.29 -3.02
N GLY C 66 -63.70 -13.36 -2.31
CA GLY C 66 -64.90 -12.63 -2.66
C GLY C 66 -64.95 -11.18 -2.22
N LEU C 67 -63.84 -10.63 -1.72
CA LEU C 67 -63.78 -9.24 -1.29
C LEU C 67 -63.07 -8.44 -2.37
N ARG C 68 -63.85 -7.74 -3.20
CA ARG C 68 -63.31 -6.96 -4.31
C ARG C 68 -63.27 -5.46 -4.04
N THR C 69 -64.01 -4.98 -3.03
CA THR C 69 -64.07 -3.55 -2.73
C THR C 69 -64.14 -3.40 -1.22
N VAL C 70 -63.98 -2.17 -0.74
CA VAL C 70 -64.04 -1.94 0.70
C VAL C 70 -65.47 -2.06 1.20
N GLY C 71 -66.45 -1.70 0.35
CA GLY C 71 -67.84 -1.95 0.72
C GLY C 71 -68.13 -3.40 0.99
N ASP C 72 -67.49 -4.30 0.25
CA ASP C 72 -67.62 -5.73 0.52
C ASP C 72 -67.07 -6.08 1.90
N VAL C 73 -65.95 -5.46 2.29
CA VAL C 73 -65.37 -5.73 3.60
C VAL C 73 -66.30 -5.24 4.71
N VAL C 74 -66.82 -4.03 4.57
CA VAL C 74 -67.68 -3.49 5.61
C VAL C 74 -68.98 -4.29 5.69
N ALA C 75 -69.50 -4.76 4.55
CA ALA C 75 -70.71 -5.56 4.57
C ALA C 75 -70.46 -6.92 5.21
N TYR C 76 -69.32 -7.54 4.92
CA TYR C 76 -68.98 -8.84 5.51
C TYR C 76 -68.83 -8.71 7.03
N ILE C 77 -68.11 -7.71 7.49
CA ILE C 77 -67.94 -7.52 8.93
C ILE C 77 -69.28 -7.23 9.58
N GLN C 78 -70.08 -6.36 8.96
CA GLN C 78 -71.38 -6.02 9.53
C GLN C 78 -72.27 -7.24 9.67
N LYS C 79 -72.34 -8.06 8.61
CA LYS C 79 -73.22 -9.22 8.66
C LYS C 79 -72.73 -10.25 9.67
N LEU C 80 -71.42 -10.47 9.77
CA LEU C 80 -70.94 -11.46 10.72
C LEU C 80 -71.08 -10.96 12.17
N GLU C 81 -71.03 -9.65 12.40
CA GLU C 81 -71.19 -9.16 13.76
C GLU C 81 -72.66 -9.06 14.15
N GLU C 82 -73.56 -8.85 13.19
CA GLU C 82 -74.98 -8.82 13.53
C GLU C 82 -75.58 -10.23 13.62
N GLU C 83 -74.99 -11.20 12.92
CA GLU C 83 -75.47 -12.57 13.02
C GLU C 83 -75.14 -13.17 14.38
N ASN C 84 -73.85 -13.17 14.75
CA ASN C 84 -73.40 -13.79 15.99
C ASN C 84 -73.44 -12.77 17.11
N PRO C 85 -74.28 -12.94 18.13
CA PRO C 85 -74.24 -12.05 19.29
C PRO C 85 -73.09 -12.33 20.25
N GLU C 86 -72.23 -13.29 19.93
CA GLU C 86 -71.10 -13.66 20.77
C GLU C 86 -69.87 -12.78 20.56
N ALA C 87 -70.05 -11.59 19.97
CA ALA C 87 -68.94 -10.67 19.77
C ALA C 87 -68.44 -10.17 21.11
N ALA C 88 -67.26 -10.66 21.53
CA ALA C 88 -66.74 -10.30 22.85
C ALA C 88 -66.40 -8.82 22.92
N ALA C 89 -65.56 -8.35 21.99
CA ALA C 89 -65.10 -6.95 21.96
C ALA C 89 -64.45 -6.55 23.28
N ALA C 90 -63.78 -7.50 23.93
CA ALA C 90 -63.10 -7.25 25.21
C ALA C 90 -61.62 -7.00 24.91
N LEU C 91 -61.36 -5.81 24.37
CA LEU C 91 -60.00 -5.37 24.05
C LEU C 91 -59.27 -6.36 23.14
#